data_1QKQ
# 
_entry.id   1QKQ 
# 
_audit_conform.dict_name       mmcif_pdbx.dic 
_audit_conform.dict_version    5.382 
_audit_conform.dict_location   http://mmcif.pdb.org/dictionaries/ascii/mmcif_pdbx.dic 
# 
loop_
_database_2.database_id 
_database_2.database_code 
_database_2.pdbx_database_accession 
_database_2.pdbx_DOI 
PDB   1QKQ         pdb_00001qkq 10.2210/pdb1qkq/pdb 
PDBE  EBI-2995     ?            ?                   
WWPDB D_1290002995 ?            ?                   
# 
_pdbx_database_related.db_name        PDB 
_pdbx_database_related.db_id          1LCL 
_pdbx_database_related.content_type   unspecified 
_pdbx_database_related.details        . 
# 
_pdbx_database_status.status_code                     REL 
_pdbx_database_status.entry_id                        1QKQ 
_pdbx_database_status.deposit_site                    PDBE 
_pdbx_database_status.process_site                    PDBE 
_pdbx_database_status.SG_entry                        . 
_pdbx_database_status.recvd_initial_deposition_date   1999-07-31 
_pdbx_database_status.pdb_format_compatible           Y 
_pdbx_database_status.status_code_sf                  ? 
_pdbx_database_status.status_code_mr                  ? 
_pdbx_database_status.status_code_cs                  ? 
_pdbx_database_status.methods_development_category    ? 
_pdbx_database_status.status_code_nmr_data            ? 
# 
loop_
_audit_author.name 
_audit_author.pdbx_ordinal 
_audit_author.identifier_ORCID 
'Swaminathan, G.J.' 1 ? 
'Leonidas, D.D.'    2 ? 
'Acharya, K.R.'     3 ? 
# 
loop_
_citation.id 
_citation.title 
_citation.journal_abbrev 
_citation.journal_volume 
_citation.page_first 
_citation.page_last 
_citation.year 
_citation.journal_id_ASTM 
_citation.country 
_citation.journal_id_ISSN 
_citation.journal_id_CSD 
_citation.book_publisher 
_citation.pdbx_database_id_PubMed 
_citation.pdbx_database_id_DOI 
primary 
;Selective recognition of mannose by the human eosinophil Charcot-Leyden crystal protein (galectin-10): a crystallographic study at 1.8 A resolution.
;
Biochemistry 38 13837 13843 1999 BICHAW US 0006-2960 0033 ? 10529229 10.1021/bi990756e 
1       
;Crystal Structure of Human Charcot-Leyden Crystal Protein, an Eosinophil Lysophospholipase, Identifies It as a New Member of the Carbohydrate-Binding Family of Galectins
;
Structure    3  1379  ?     1995 STRUE6 UK 0969-2126 2005 ? 8747464  ?                 
# 
loop_
_citation_author.citation_id 
_citation_author.name 
_citation_author.ordinal 
_citation_author.identifier_ORCID 
primary 'Swaminathan, G.J.' 1  ? 
primary 'Leonidas, D.D.'    2  ? 
primary 'Savage, M.P.'      3  ? 
primary 'Ackerman, S.J.'    4  ? 
primary 'Acharya, K.R.'     5  ? 
1       'Leonidas, D.D.'    6  ? 
1       'Elbert, B.L.'      7  ? 
1       'Zhou, Z.'          8  ? 
1       'Leffler, H.'       9  ? 
1       'Ackerman, S.J.'    10 ? 
1       'Acharya, K.R.'     11 ? 
# 
_cell.entry_id           1QKQ 
_cell.length_a           49.600 
_cell.length_b           49.600 
_cell.length_c           263.130 
_cell.angle_alpha        90.00 
_cell.angle_beta         90.00 
_cell.angle_gamma        120.00 
_cell.Z_PDB              12 
_cell.pdbx_unique_axis   ? 
# 
_symmetry.entry_id                         1QKQ 
_symmetry.space_group_name_H-M             'P 65 2 2' 
_symmetry.pdbx_full_space_group_name_H-M   ? 
_symmetry.cell_setting                     ? 
_symmetry.Int_Tables_number                179 
# 
loop_
_entity.id 
_entity.type 
_entity.src_method 
_entity.pdbx_description 
_entity.formula_weight 
_entity.pdbx_number_of_molecules 
_entity.pdbx_ec 
_entity.pdbx_mutation 
_entity.pdbx_fragment 
_entity.details 
1 polymer     nat 'EOSINOPHIL LYSOPHOSPHOLIPASE' 16499.887 1  3.1.1.5 ? ? ? 
2 non-polymer man alpha-D-mannopyranose          180.156   1  ?       ? ? ? 
3 water       nat water                          18.015    73 ?       ? ? ? 
# 
_entity_name_com.entity_id   1 
_entity_name_com.name        'CHARCOT-LEYDEN CRYSTAL PROTEIN, GALECTIN-10, LYSOLECITHIN ACYLHYDROLASE' 
# 
_entity_poly.entity_id                      1 
_entity_poly.type                           'polypeptide(L)' 
_entity_poly.nstd_linkage                   no 
_entity_poly.nstd_monomer                   no 
_entity_poly.pdbx_seq_one_letter_code       
;MSLLPVPYTEAASLSTGSTVTIKGRPLVCFLNEPYLQVDFHTEMKEESDIVFHFQVCFGRRVVMNSREYGAWKQQVESKN
MPFQDGQEFELSISVLPDKYQVMVNGQSSYTFDHRIKPEAVKMVQVWRDISLTKFNVSYLKR
;
_entity_poly.pdbx_seq_one_letter_code_can   
;MSLLPVPYTEAASLSTGSTVTIKGRPLVCFLNEPYLQVDFHTEMKEESDIVFHFQVCFGRRVVMNSREYGAWKQQVESKN
MPFQDGQEFELSISVLPDKYQVMVNGQSSYTFDHRIKPEAVKMVQVWRDISLTKFNVSYLKR
;
_entity_poly.pdbx_strand_id                 A 
_entity_poly.pdbx_target_identifier         ? 
# 
loop_
_entity_poly_seq.entity_id 
_entity_poly_seq.num 
_entity_poly_seq.mon_id 
_entity_poly_seq.hetero 
1 1   MET n 
1 2   SER n 
1 3   LEU n 
1 4   LEU n 
1 5   PRO n 
1 6   VAL n 
1 7   PRO n 
1 8   TYR n 
1 9   THR n 
1 10  GLU n 
1 11  ALA n 
1 12  ALA n 
1 13  SER n 
1 14  LEU n 
1 15  SER n 
1 16  THR n 
1 17  GLY n 
1 18  SER n 
1 19  THR n 
1 20  VAL n 
1 21  THR n 
1 22  ILE n 
1 23  LYS n 
1 24  GLY n 
1 25  ARG n 
1 26  PRO n 
1 27  LEU n 
1 28  VAL n 
1 29  CYS n 
1 30  PHE n 
1 31  LEU n 
1 32  ASN n 
1 33  GLU n 
1 34  PRO n 
1 35  TYR n 
1 36  LEU n 
1 37  GLN n 
1 38  VAL n 
1 39  ASP n 
1 40  PHE n 
1 41  HIS n 
1 42  THR n 
1 43  GLU n 
1 44  MET n 
1 45  LYS n 
1 46  GLU n 
1 47  GLU n 
1 48  SER n 
1 49  ASP n 
1 50  ILE n 
1 51  VAL n 
1 52  PHE n 
1 53  HIS n 
1 54  PHE n 
1 55  GLN n 
1 56  VAL n 
1 57  CYS n 
1 58  PHE n 
1 59  GLY n 
1 60  ARG n 
1 61  ARG n 
1 62  VAL n 
1 63  VAL n 
1 64  MET n 
1 65  ASN n 
1 66  SER n 
1 67  ARG n 
1 68  GLU n 
1 69  TYR n 
1 70  GLY n 
1 71  ALA n 
1 72  TRP n 
1 73  LYS n 
1 74  GLN n 
1 75  GLN n 
1 76  VAL n 
1 77  GLU n 
1 78  SER n 
1 79  LYS n 
1 80  ASN n 
1 81  MET n 
1 82  PRO n 
1 83  PHE n 
1 84  GLN n 
1 85  ASP n 
1 86  GLY n 
1 87  GLN n 
1 88  GLU n 
1 89  PHE n 
1 90  GLU n 
1 91  LEU n 
1 92  SER n 
1 93  ILE n 
1 94  SER n 
1 95  VAL n 
1 96  LEU n 
1 97  PRO n 
1 98  ASP n 
1 99  LYS n 
1 100 TYR n 
1 101 GLN n 
1 102 VAL n 
1 103 MET n 
1 104 VAL n 
1 105 ASN n 
1 106 GLY n 
1 107 GLN n 
1 108 SER n 
1 109 SER n 
1 110 TYR n 
1 111 THR n 
1 112 PHE n 
1 113 ASP n 
1 114 HIS n 
1 115 ARG n 
1 116 ILE n 
1 117 LYS n 
1 118 PRO n 
1 119 GLU n 
1 120 ALA n 
1 121 VAL n 
1 122 LYS n 
1 123 MET n 
1 124 VAL n 
1 125 GLN n 
1 126 VAL n 
1 127 TRP n 
1 128 ARG n 
1 129 ASP n 
1 130 ILE n 
1 131 SER n 
1 132 LEU n 
1 133 THR n 
1 134 LYS n 
1 135 PHE n 
1 136 ASN n 
1 137 VAL n 
1 138 SER n 
1 139 TYR n 
1 140 LEU n 
1 141 LYS n 
1 142 ARG n 
# 
_entity_src_nat.entity_id                  1 
_entity_src_nat.pdbx_src_id                1 
_entity_src_nat.pdbx_alt_source_flag       sample 
_entity_src_nat.pdbx_beg_seq_num           ? 
_entity_src_nat.pdbx_end_seq_num           ? 
_entity_src_nat.common_name                HUMAN 
_entity_src_nat.pdbx_organism_scientific   'HOMO SAPIENS' 
_entity_src_nat.pdbx_ncbi_taxonomy_id      9606 
_entity_src_nat.genus                      ? 
_entity_src_nat.species                    ? 
_entity_src_nat.strain                     ? 
_entity_src_nat.tissue                     ? 
_entity_src_nat.tissue_fraction            ? 
_entity_src_nat.pdbx_secretion             ? 
_entity_src_nat.pdbx_fragment              ? 
_entity_src_nat.pdbx_variant               ? 
_entity_src_nat.pdbx_cell_line             ? 
_entity_src_nat.pdbx_atcc                  ? 
_entity_src_nat.pdbx_cellular_location     'PRIMARY GRANULE' 
_entity_src_nat.pdbx_organ                 ? 
_entity_src_nat.pdbx_organelle             ? 
_entity_src_nat.pdbx_cell                  EOSINOPHIL 
_entity_src_nat.pdbx_plasmid_name          ? 
_entity_src_nat.pdbx_plasmid_details       ? 
_entity_src_nat.details                    ? 
# 
_struct_ref.id                         1 
_struct_ref.db_name                    UNP 
_struct_ref.db_code                    LPPL_HUMAN 
_struct_ref.entity_id                  1 
_struct_ref.pdbx_seq_one_letter_code   ? 
_struct_ref.pdbx_align_begin           ? 
_struct_ref.pdbx_db_accession          Q05315 
_struct_ref.pdbx_db_isoform            ? 
# 
_struct_ref_seq.align_id                      1 
_struct_ref_seq.ref_id                        1 
_struct_ref_seq.pdbx_PDB_id_code              1QKQ 
_struct_ref_seq.pdbx_strand_id                A 
_struct_ref_seq.seq_align_beg                 2 
_struct_ref_seq.pdbx_seq_align_beg_ins_code   ? 
_struct_ref_seq.seq_align_end                 142 
_struct_ref_seq.pdbx_seq_align_end_ins_code   ? 
_struct_ref_seq.pdbx_db_accession             Q05315 
_struct_ref_seq.db_align_beg                  1 
_struct_ref_seq.pdbx_db_align_beg_ins_code    ? 
_struct_ref_seq.db_align_end                  141 
_struct_ref_seq.pdbx_db_align_end_ins_code    ? 
_struct_ref_seq.pdbx_auth_seq_align_beg       2 
_struct_ref_seq.pdbx_auth_seq_align_end       142 
# 
loop_
_chem_comp.id 
_chem_comp.type 
_chem_comp.mon_nstd_flag 
_chem_comp.name 
_chem_comp.pdbx_synonyms 
_chem_comp.formula 
_chem_comp.formula_weight 
ALA 'L-peptide linking'           y ALANINE               ?                                     'C3 H7 N O2'     89.093  
ARG 'L-peptide linking'           y ARGININE              ?                                     'C6 H15 N4 O2 1' 175.209 
ASN 'L-peptide linking'           y ASPARAGINE            ?                                     'C4 H8 N2 O3'    132.118 
ASP 'L-peptide linking'           y 'ASPARTIC ACID'       ?                                     'C4 H7 N O4'     133.103 
CYS 'L-peptide linking'           y CYSTEINE              ?                                     'C3 H7 N O2 S'   121.158 
GLN 'L-peptide linking'           y GLUTAMINE             ?                                     'C5 H10 N2 O3'   146.144 
GLU 'L-peptide linking'           y 'GLUTAMIC ACID'       ?                                     'C5 H9 N O4'     147.129 
GLY 'peptide linking'             y GLYCINE               ?                                     'C2 H5 N O2'     75.067  
HIS 'L-peptide linking'           y HISTIDINE             ?                                     'C6 H10 N3 O2 1' 156.162 
HOH non-polymer                   . WATER                 ?                                     'H2 O'           18.015  
ILE 'L-peptide linking'           y ISOLEUCINE            ?                                     'C6 H13 N O2'    131.173 
LEU 'L-peptide linking'           y LEUCINE               ?                                     'C6 H13 N O2'    131.173 
LYS 'L-peptide linking'           y LYSINE                ?                                     'C6 H15 N2 O2 1' 147.195 
MAN 'D-saccharide, alpha linking' . alpha-D-mannopyranose 'alpha-D-mannose; D-mannose; mannose' 'C6 H12 O6'      180.156 
MET 'L-peptide linking'           y METHIONINE            ?                                     'C5 H11 N O2 S'  149.211 
PHE 'L-peptide linking'           y PHENYLALANINE         ?                                     'C9 H11 N O2'    165.189 
PRO 'L-peptide linking'           y PROLINE               ?                                     'C5 H9 N O2'     115.130 
SER 'L-peptide linking'           y SERINE                ?                                     'C3 H7 N O3'     105.093 
THR 'L-peptide linking'           y THREONINE             ?                                     'C4 H9 N O3'     119.119 
TRP 'L-peptide linking'           y TRYPTOPHAN            ?                                     'C11 H12 N2 O2'  204.225 
TYR 'L-peptide linking'           y TYROSINE              ?                                     'C9 H11 N O3'    181.189 
VAL 'L-peptide linking'           y VALINE                ?                                     'C5 H11 N O2'    117.146 
# 
_exptl.entry_id          1QKQ 
_exptl.method            'X-RAY DIFFRACTION' 
_exptl.crystals_number   1 
# 
_exptl_crystal.id                    1 
_exptl_crystal.density_meas          ? 
_exptl_crystal.density_Matthews      2.83 
_exptl_crystal.density_percent_sol   52 
_exptl_crystal.description           ? 
# 
_exptl_crystal_grow.crystal_id      1 
_exptl_crystal_grow.method          ? 
_exptl_crystal_grow.temp            ? 
_exptl_crystal_grow.temp_details    ? 
_exptl_crystal_grow.pH              7.00 
_exptl_crystal_grow.pdbx_pH_range   ? 
_exptl_crystal_grow.pdbx_details    '02M TRIS.HCL PH 7.0' 
# 
_diffrn.id                     1 
_diffrn.ambient_temp           293.0 
_diffrn.ambient_temp_details   ? 
_diffrn.crystal_id             1 
# 
_diffrn_detector.diffrn_id              1 
_diffrn_detector.detector               'IMAGE PLATE' 
_diffrn_detector.type                   MARRESEARCH 
_diffrn_detector.pdbx_collection_date   1997-03-15 
_diffrn_detector.details                MIRRORS 
# 
_diffrn_radiation.diffrn_id                        1 
_diffrn_radiation.wavelength_id                    1 
_diffrn_radiation.pdbx_monochromatic_or_laue_m_l   M 
_diffrn_radiation.monochromator                    ? 
_diffrn_radiation.pdbx_diffrn_protocol             'SINGLE WAVELENGTH' 
_diffrn_radiation.pdbx_scattering_type             x-ray 
# 
_diffrn_radiation_wavelength.id           1 
_diffrn_radiation_wavelength.wavelength   0.876 
_diffrn_radiation_wavelength.wt           1.0 
# 
_diffrn_source.diffrn_id                   1 
_diffrn_source.source                      SYNCHROTRON 
_diffrn_source.type                        'SRS BEAMLINE PX9.6' 
_diffrn_source.pdbx_synchrotron_site       SRS 
_diffrn_source.pdbx_synchrotron_beamline   PX9.6 
_diffrn_source.pdbx_wavelength             0.876 
_diffrn_source.pdbx_wavelength_list        ? 
# 
_reflns.pdbx_diffrn_id               1 
_reflns.pdbx_ordinal                 1 
_reflns.entry_id                     1QKQ 
_reflns.observed_criterion_sigma_I   0.000 
_reflns.observed_criterion_sigma_F   ? 
_reflns.d_resolution_low             40.000 
_reflns.d_resolution_high            1.800 
_reflns.number_obs                   18942 
_reflns.number_all                   ? 
_reflns.percent_possible_obs         99.3 
_reflns.pdbx_Rmerge_I_obs            ? 
_reflns.pdbx_Rsym_value              0.0740 
_reflns.pdbx_netI_over_sigmaI        7.8000 
_reflns.B_iso_Wilson_estimate        16.3 
_reflns.pdbx_redundancy              3.300 
_reflns.pdbx_CC_half                 ? 
_reflns.pdbx_Rpim_I_all              ? 
_reflns.pdbx_Rrim_I_all              ? 
# 
_reflns_shell.pdbx_diffrn_id         1 
_reflns_shell.pdbx_ordinal           1 
_reflns_shell.d_res_high             1.80 
_reflns_shell.d_res_low              1.91 
_reflns_shell.percent_possible_all   98.7 
_reflns_shell.Rmerge_I_obs           ? 
_reflns_shell.pdbx_Rsym_value        ? 
_reflns_shell.meanI_over_sigI_obs    ? 
_reflns_shell.pdbx_redundancy        2.10 
_reflns_shell.number_measured_obs    ? 
_reflns_shell.number_unique_all      ? 
_reflns_shell.number_unique_obs      ? 
_reflns_shell.pdbx_CC_half           ? 
_reflns_shell.pdbx_Rpim_I_all        ? 
_reflns_shell.pdbx_Rrim_I_all        ? 
# 
_refine.pdbx_refine_id                           'X-RAY DIFFRACTION' 
_refine.entry_id                                 1QKQ 
_refine.pdbx_diffrn_id                           1 
_refine.pdbx_TLS_residual_ADP_flag               ? 
_refine.ls_number_reflns_obs                     18866 
_refine.ls_number_reflns_all                     ? 
_refine.pdbx_ls_sigma_I                          ? 
_refine.pdbx_ls_sigma_F                          0.0 
_refine.pdbx_data_cutoff_high_absF               1856505.66 
_refine.pdbx_data_cutoff_low_absF                ? 
_refine.pdbx_data_cutoff_high_rms_absF           ? 
_refine.ls_d_res_low                             40.00 
_refine.ls_d_res_high                            1.80 
_refine.ls_percent_reflns_obs                    99.3 
_refine.ls_R_factor_obs                          0.236 
_refine.ls_R_factor_all                          ? 
_refine.ls_R_factor_R_work                       0.236 
_refine.ls_R_factor_R_free                       0.251 
_refine.ls_R_factor_R_free_error                 0.008 
_refine.ls_R_factor_R_free_error_details         ? 
_refine.ls_percent_reflns_R_free                 4.8 
_refine.ls_number_reflns_R_free                  901 
_refine.ls_number_parameters                     ? 
_refine.ls_number_restraints                     ? 
_refine.occupancy_min                            ? 
_refine.occupancy_max                            ? 
_refine.correlation_coeff_Fo_to_Fc               ? 
_refine.correlation_coeff_Fo_to_Fc_free          ? 
_refine.B_iso_mean                               27.9 
_refine.aniso_B[1][1]                            0.00 
_refine.aniso_B[2][2]                            0.00 
_refine.aniso_B[3][3]                            0.00 
_refine.aniso_B[1][2]                            0.00 
_refine.aniso_B[1][3]                            0.00 
_refine.aniso_B[2][3]                            0.00 
_refine.solvent_model_details                    'FLAT MODEL' 
_refine.solvent_model_param_ksol                 0.349192 
_refine.solvent_model_param_bsol                 41.4225 
_refine.pdbx_solvent_vdw_probe_radii             ? 
_refine.pdbx_solvent_ion_probe_radii             ? 
_refine.pdbx_solvent_shrinkage_radii             ? 
_refine.pdbx_ls_cross_valid_method               THROUGHOUT 
_refine.details                                  
'BULK SOLVENT MODEL USED SIDE CHAIN ELECTRON DENSITY WAS NOT SEEN FOR C-TERMNINAL ARGININE' 
_refine.pdbx_starting_model                      'PDB ENTRY 1LCL' 
_refine.pdbx_method_to_determine_struct          'MOLECULAR REPLACEMENT' 
_refine.pdbx_isotropic_thermal_model             RESTRAINED 
_refine.pdbx_stereochemistry_target_values       ? 
_refine.pdbx_stereochem_target_val_spec_case     ? 
_refine.pdbx_R_Free_selection_details            RANDOM 
_refine.pdbx_overall_ESU_R                       ? 
_refine.pdbx_overall_ESU_R_Free                  ? 
_refine.overall_SU_ML                            ? 
_refine.pdbx_overall_phase_error                 ? 
_refine.overall_SU_B                             ? 
_refine.overall_SU_R_Cruickshank_DPI             ? 
_refine.pdbx_overall_SU_R_free_Cruickshank_DPI   ? 
_refine.pdbx_overall_SU_R_Blow_DPI               ? 
_refine.pdbx_overall_SU_R_free_Blow_DPI          ? 
# 
_refine_analyze.pdbx_refine_id                  'X-RAY DIFFRACTION' 
_refine_analyze.entry_id                        1QKQ 
_refine_analyze.Luzzati_coordinate_error_obs    0.27 
_refine_analyze.Luzzati_sigma_a_obs             0.23 
_refine_analyze.Luzzati_d_res_low_obs           5.00 
_refine_analyze.Luzzati_coordinate_error_free   0.28 
_refine_analyze.Luzzati_sigma_a_free            0.16 
_refine_analyze.Luzzati_d_res_low_free          ? 
_refine_analyze.number_disordered_residues      ? 
_refine_analyze.occupancy_sum_hydrogen          ? 
_refine_analyze.occupancy_sum_non_hydrogen      ? 
# 
_refine_hist.pdbx_refine_id                   'X-RAY DIFFRACTION' 
_refine_hist.cycle_id                         LAST 
_refine_hist.pdbx_number_atoms_protein        1145 
_refine_hist.pdbx_number_atoms_nucleic_acid   0 
_refine_hist.pdbx_number_atoms_ligand         12 
_refine_hist.number_atoms_solvent             73 
_refine_hist.number_atoms_total               1230 
_refine_hist.d_res_high                       1.80 
_refine_hist.d_res_low                        40.00 
# 
loop_
_refine_ls_restr.type 
_refine_ls_restr.dev_ideal 
_refine_ls_restr.dev_ideal_target 
_refine_ls_restr.weight 
_refine_ls_restr.number 
_refine_ls_restr.pdbx_refine_id 
_refine_ls_restr.pdbx_restraint_function 
c_bond_d                0.006 ?    ? ? 'X-RAY DIFFRACTION' ? 
c_bond_d_na             ?     ?    ? ? 'X-RAY DIFFRACTION' ? 
c_bond_d_prot           ?     ?    ? ? 'X-RAY DIFFRACTION' ? 
c_angle_d               ?     ?    ? ? 'X-RAY DIFFRACTION' ? 
c_angle_d_na            ?     ?    ? ? 'X-RAY DIFFRACTION' ? 
c_angle_d_prot          ?     ?    ? ? 'X-RAY DIFFRACTION' ? 
c_angle_deg             1.3   ?    ? ? 'X-RAY DIFFRACTION' ? 
c_angle_deg_na          ?     ?    ? ? 'X-RAY DIFFRACTION' ? 
c_angle_deg_prot        ?     ?    ? ? 'X-RAY DIFFRACTION' ? 
c_dihedral_angle_d      29.6  ?    ? ? 'X-RAY DIFFRACTION' ? 
c_dihedral_angle_d_na   ?     ?    ? ? 'X-RAY DIFFRACTION' ? 
c_dihedral_angle_d_prot ?     ?    ? ? 'X-RAY DIFFRACTION' ? 
c_improper_angle_d      0.64  ?    ? ? 'X-RAY DIFFRACTION' ? 
c_improper_angle_d_na   ?     ?    ? ? 'X-RAY DIFFRACTION' ? 
c_improper_angle_d_prot ?     ?    ? ? 'X-RAY DIFFRACTION' ? 
c_mcbond_it             2.89  1.50 ? ? 'X-RAY DIFFRACTION' ? 
c_mcangle_it            3.48  2.00 ? ? 'X-RAY DIFFRACTION' ? 
c_scbond_it             4.35  2.00 ? ? 'X-RAY DIFFRACTION' ? 
c_scangle_it            5.88  2.50 ? ? 'X-RAY DIFFRACTION' ? 
# 
_refine_ls_shell.pdbx_refine_id                   'X-RAY DIFFRACTION' 
_refine_ls_shell.pdbx_total_number_of_bins_used   6 
_refine_ls_shell.d_res_high                       1.80 
_refine_ls_shell.d_res_low                        1.91 
_refine_ls_shell.number_reflns_R_work             2865 
_refine_ls_shell.R_factor_R_work                  0.325 
_refine_ls_shell.percent_reflns_obs               98.7 
_refine_ls_shell.R_factor_R_free                  0.280 
_refine_ls_shell.R_factor_R_free_error            0.022 
_refine_ls_shell.percent_reflns_R_free            5.3 
_refine_ls_shell.number_reflns_R_free             159 
_refine_ls_shell.number_reflns_all                ? 
_refine_ls_shell.R_factor_all                     ? 
_refine_ls_shell.R_factor_obs                     ? 
_refine_ls_shell.number_reflns_obs                ? 
# 
loop_
_pdbx_xplor_file.pdbx_refine_id 
_pdbx_xplor_file.serial_no 
_pdbx_xplor_file.param_file 
_pdbx_xplor_file.topol_file 
'X-RAY DIFFRACTION' 1 PROTEIN_REP.PARAM PROTEIN.TOP 
'X-RAY DIFFRACTION' 2 PARAM3.CHO        TOPH3.CHO   
'X-RAY DIFFRACTION' 3 PARAM.WATER       TOPOW.WATER 
# 
_struct.entry_id                  1QKQ 
_struct.title                     'CHARCOT-LEYDEN CRYSTAL PROTEIN - MANNOSE COMPLEX' 
_struct.pdbx_model_details        ? 
_struct.pdbx_CASP_flag            ? 
_struct.pdbx_model_type_details   ? 
# 
_struct_keywords.entry_id        1QKQ 
_struct_keywords.pdbx_keywords   HYDROLASE 
_struct_keywords.text            'SERINE ESTERASE, HYDROLASE' 
# 
loop_
_struct_asym.id 
_struct_asym.pdbx_blank_PDB_chainid_flag 
_struct_asym.pdbx_modified 
_struct_asym.entity_id 
_struct_asym.details 
A N N 1 ? 
B N N 2 ? 
C N N 3 ? 
# 
loop_
_struct_conf.conf_type_id 
_struct_conf.id 
_struct_conf.pdbx_PDB_helix_id 
_struct_conf.beg_label_comp_id 
_struct_conf.beg_label_asym_id 
_struct_conf.beg_label_seq_id 
_struct_conf.pdbx_beg_PDB_ins_code 
_struct_conf.end_label_comp_id 
_struct_conf.end_label_asym_id 
_struct_conf.end_label_seq_id 
_struct_conf.pdbx_end_PDB_ins_code 
_struct_conf.beg_auth_comp_id 
_struct_conf.beg_auth_asym_id 
_struct_conf.beg_auth_seq_id 
_struct_conf.end_auth_comp_id 
_struct_conf.end_auth_asym_id 
_struct_conf.end_auth_seq_id 
_struct_conf.pdbx_PDB_helix_class 
_struct_conf.details 
_struct_conf.pdbx_PDB_helix_length 
HELX_P HELX_P1 1 PHE A 30  ? ASN A 32  ? PHE A 30  ASN A 32  5 ? 3 
HELX_P HELX_P2 2 PRO A 118 ? ALA A 120 ? PRO A 118 ALA A 120 5 ? 3 
# 
_struct_conf_type.id          HELX_P 
_struct_conf_type.criteria    ? 
_struct_conf_type.reference   ? 
# 
_struct_mon_prot_cis.pdbx_id                1 
_struct_mon_prot_cis.label_comp_id          VAL 
_struct_mon_prot_cis.label_seq_id           6 
_struct_mon_prot_cis.label_asym_id          A 
_struct_mon_prot_cis.label_alt_id           . 
_struct_mon_prot_cis.pdbx_PDB_ins_code      ? 
_struct_mon_prot_cis.auth_comp_id           VAL 
_struct_mon_prot_cis.auth_seq_id            6 
_struct_mon_prot_cis.auth_asym_id           A 
_struct_mon_prot_cis.pdbx_label_comp_id_2   PRO 
_struct_mon_prot_cis.pdbx_label_seq_id_2    7 
_struct_mon_prot_cis.pdbx_label_asym_id_2   A 
_struct_mon_prot_cis.pdbx_PDB_ins_code_2    ? 
_struct_mon_prot_cis.pdbx_auth_comp_id_2    PRO 
_struct_mon_prot_cis.pdbx_auth_seq_id_2     7 
_struct_mon_prot_cis.pdbx_auth_asym_id_2    A 
_struct_mon_prot_cis.pdbx_PDB_model_num     1 
_struct_mon_prot_cis.pdbx_omega_angle       0.06 
# 
loop_
_struct_sheet.id 
_struct_sheet.type 
_struct_sheet.number_strands 
_struct_sheet.details 
A ? 6 ? 
B ? 5 ? 
# 
loop_
_struct_sheet_order.sheet_id 
_struct_sheet_order.range_id_1 
_struct_sheet_order.range_id_2 
_struct_sheet_order.offset 
_struct_sheet_order.sense 
A 1 2 ? anti-parallel 
A 2 3 ? anti-parallel 
A 3 4 ? anti-parallel 
A 4 5 ? anti-parallel 
A 5 6 ? anti-parallel 
B 1 2 ? anti-parallel 
B 2 3 ? anti-parallel 
B 3 4 ? anti-parallel 
B 4 5 ? anti-parallel 
# 
loop_
_struct_sheet_range.sheet_id 
_struct_sheet_range.id 
_struct_sheet_range.beg_label_comp_id 
_struct_sheet_range.beg_label_asym_id 
_struct_sheet_range.beg_label_seq_id 
_struct_sheet_range.pdbx_beg_PDB_ins_code 
_struct_sheet_range.end_label_comp_id 
_struct_sheet_range.end_label_asym_id 
_struct_sheet_range.end_label_seq_id 
_struct_sheet_range.pdbx_end_PDB_ins_code 
_struct_sheet_range.beg_auth_comp_id 
_struct_sheet_range.beg_auth_asym_id 
_struct_sheet_range.beg_auth_seq_id 
_struct_sheet_range.end_auth_comp_id 
_struct_sheet_range.end_auth_asym_id 
_struct_sheet_range.end_auth_seq_id 
A 1 TYR A 8   ? ALA A 11  ? TYR A 8   ALA A 11  
A 2 MET A 123 ? ARG A 128 ? MET A 123 ARG A 128 
A 3 TYR A 35  ? HIS A 41  ? TYR A 35  HIS A 41  
A 4 ILE A 50  ? CYS A 57  ? ILE A 50  CYS A 57  
A 5 ARG A 61  ? ASN A 65  ? ARG A 61  ASN A 65  
A 6 VAL A 76  ? SER A 78  ? VAL A 76  SER A 78  
B 1 GLN A 107 ? ASP A 113 ? GLN A 107 ASP A 113 
B 2 LYS A 99  ? VAL A 104 ? LYS A 99  VAL A 104 
B 3 GLU A 88  ? VAL A 95  ? GLU A 88  VAL A 95  
B 4 THR A 19  ? PRO A 26  ? THR A 19  PRO A 26  
B 5 ILE A 130 ? VAL A 137 ? ILE A 130 VAL A 137 
# 
loop_
_pdbx_struct_sheet_hbond.sheet_id 
_pdbx_struct_sheet_hbond.range_id_1 
_pdbx_struct_sheet_hbond.range_id_2 
_pdbx_struct_sheet_hbond.range_1_label_atom_id 
_pdbx_struct_sheet_hbond.range_1_label_comp_id 
_pdbx_struct_sheet_hbond.range_1_label_asym_id 
_pdbx_struct_sheet_hbond.range_1_label_seq_id 
_pdbx_struct_sheet_hbond.range_1_PDB_ins_code 
_pdbx_struct_sheet_hbond.range_1_auth_atom_id 
_pdbx_struct_sheet_hbond.range_1_auth_comp_id 
_pdbx_struct_sheet_hbond.range_1_auth_asym_id 
_pdbx_struct_sheet_hbond.range_1_auth_seq_id 
_pdbx_struct_sheet_hbond.range_2_label_atom_id 
_pdbx_struct_sheet_hbond.range_2_label_comp_id 
_pdbx_struct_sheet_hbond.range_2_label_asym_id 
_pdbx_struct_sheet_hbond.range_2_label_seq_id 
_pdbx_struct_sheet_hbond.range_2_PDB_ins_code 
_pdbx_struct_sheet_hbond.range_2_auth_atom_id 
_pdbx_struct_sheet_hbond.range_2_auth_comp_id 
_pdbx_struct_sheet_hbond.range_2_auth_asym_id 
_pdbx_struct_sheet_hbond.range_2_auth_seq_id 
A 1 2 O TYR A 8   ? O TYR A 8   N VAL A 126 ? N VAL A 126 
A 2 3 O MET A 123 ? O MET A 123 N HIS A 41  ? N HIS A 41  
A 3 4 O LEU A 36  ? O LEU A 36  N VAL A 56  ? N VAL A 56  
A 4 5 O HIS A 53  ? O HIS A 53  N ASN A 65  ? N ASN A 65  
A 5 6 O VAL A 62  ? O VAL A 62  N SER A 78  ? N SER A 78  
B 1 2 O GLN A 107 ? O GLN A 107 N VAL A 104 ? N VAL A 104 
B 2 3 O GLN A 101 ? O GLN A 101 N SER A 94  ? N SER A 94  
B 3 4 O PHE A 89  ? O PHE A 89  N GLY A 24  ? N GLY A 24  
B 4 5 O THR A 21  ? O THR A 21  N ASN A 136 ? N ASN A 136 
# 
_atom_sites.entry_id                    1QKQ 
_atom_sites.fract_transf_matrix[1][1]   -0.01419862 
_atom_sites.fract_transf_matrix[1][2]   -0.01843677 
_atom_sites.fract_transf_matrix[1][3]   -0.00066356 
_atom_sites.fract_transf_matrix[2][1]   -0.01813538 
_atom_sites.fract_transf_matrix[2][2]   -0.00020595 
_atom_sites.fract_transf_matrix[2][3]   -0.01459535 
_atom_sites.fract_transf_matrix[3][1]   0.00217755 
_atom_sites.fract_transf_matrix[3][2]   -0.00158040 
_atom_sites.fract_transf_matrix[3][3]   -0.00268340 
_atom_sites.fract_transf_vector[1]      0.284309 
_atom_sites.fract_transf_vector[2]      0.704464 
_atom_sites.fract_transf_vector[3]      0.303288 
# 
loop_
_atom_type.symbol 
C 
N 
O 
S 
# 
loop_
_atom_site.group_PDB 
_atom_site.id 
_atom_site.type_symbol 
_atom_site.label_atom_id 
_atom_site.label_alt_id 
_atom_site.label_comp_id 
_atom_site.label_asym_id 
_atom_site.label_entity_id 
_atom_site.label_seq_id 
_atom_site.pdbx_PDB_ins_code 
_atom_site.Cartn_x 
_atom_site.Cartn_y 
_atom_site.Cartn_z 
_atom_site.occupancy 
_atom_site.B_iso_or_equiv 
_atom_site.pdbx_formal_charge 
_atom_site.auth_seq_id 
_atom_site.auth_comp_id 
_atom_site.auth_asym_id 
_atom_site.auth_atom_id 
_atom_site.pdbx_PDB_model_num 
ATOM   1    N N   . SER A 1 2   ? -16.259 6.423   -1.849  1.00 63.01 ? 2    SER A N   1 
ATOM   2    C CA  . SER A 1 2   ? -17.067 6.853   -3.025  1.00 62.09 ? 2    SER A CA  1 
ATOM   3    C C   . SER A 1 2   ? -17.134 5.777   -4.113  1.00 61.16 ? 2    SER A C   1 
ATOM   4    O O   . SER A 1 2   ? -17.777 4.741   -3.931  1.00 62.90 ? 2    SER A O   1 
ATOM   5    C CB  . SER A 1 2   ? -16.497 8.155   -3.607  1.00 61.90 ? 2    SER A CB  1 
ATOM   6    O OG  . SER A 1 2   ? -15.297 7.926   -4.328  1.00 62.73 ? 2    SER A OG  1 
ATOM   7    N N   . LEU A 1 3   ? -16.465 6.028   -5.236  1.00 58.54 ? 3    LEU A N   1 
ATOM   8    C CA  . LEU A 1 3   ? -16.452 5.111   -6.371  1.00 55.77 ? 3    LEU A CA  1 
ATOM   9    C C   . LEU A 1 3   ? -16.307 3.625   -6.033  1.00 52.99 ? 3    LEU A C   1 
ATOM   10   O O   . LEU A 1 3   ? -17.184 2.825   -6.363  1.00 54.19 ? 3    LEU A O   1 
ATOM   11   C CB  . LEU A 1 3   ? -15.351 5.520   -7.352  1.00 57.24 ? 3    LEU A CB  1 
ATOM   12   C CG  . LEU A 1 3   ? -15.728 6.596   -8.374  1.00 57.97 ? 3    LEU A CG  1 
ATOM   13   C CD1 . LEU A 1 3   ? -14.686 6.621   -9.483  1.00 58.00 ? 3    LEU A CD1 1 
ATOM   14   C CD2 . LEU A 1 3   ? -17.116 6.316   -8.942  1.00 56.50 ? 3    LEU A CD2 1 
ATOM   15   N N   . LEU A 1 4   ? -15.202 3.255   -5.391  1.00 47.21 ? 4    LEU A N   1 
ATOM   16   C CA  . LEU A 1 4   ? -14.964 1.856   -5.040  1.00 41.83 ? 4    LEU A CA  1 
ATOM   17   C C   . LEU A 1 4   ? -15.213 1.580   -3.563  1.00 38.02 ? 4    LEU A C   1 
ATOM   18   O O   . LEU A 1 4   ? -14.968 2.433   -2.715  1.00 39.80 ? 4    LEU A O   1 
ATOM   19   C CB  . LEU A 1 4   ? -13.525 1.461   -5.386  1.00 40.42 ? 4    LEU A CB  1 
ATOM   20   C CG  . LEU A 1 4   ? -13.028 1.838   -6.778  1.00 38.97 ? 4    LEU A CG  1 
ATOM   21   C CD1 . LEU A 1 4   ? -11.533 1.586   -6.869  1.00 36.73 ? 4    LEU A CD1 1 
ATOM   22   C CD2 . LEU A 1 4   ? -13.782 1.030   -7.820  1.00 38.69 ? 4    LEU A CD2 1 
ATOM   23   N N   . PRO A 1 5   ? -15.689 0.370   -3.237  1.00 35.13 ? 5    PRO A N   1 
ATOM   24   C CA  . PRO A 1 5   ? -15.962 0.005   -1.843  1.00 33.88 ? 5    PRO A CA  1 
ATOM   25   C C   . PRO A 1 5   ? -14.687 -0.193  -1.016  1.00 33.17 ? 5    PRO A C   1 
ATOM   26   O O   . PRO A 1 5   ? -13.659 -0.633  -1.528  1.00 34.54 ? 5    PRO A O   1 
ATOM   27   C CB  . PRO A 1 5   ? -16.760 -1.288  -1.966  1.00 34.50 ? 5    PRO A CB  1 
ATOM   28   C CG  . PRO A 1 5   ? -16.249 -1.902  -3.231  1.00 32.90 ? 5    PRO A CG  1 
ATOM   29   C CD  . PRO A 1 5   ? -15.990 -0.739  -4.161  1.00 34.58 ? 5    PRO A CD  1 
ATOM   30   N N   . VAL A 1 6   ? -14.768 0.132   0.269   1.00 29.15 ? 6    VAL A N   1 
ATOM   31   C CA  . VAL A 1 6   ? -13.647 -0.018  1.186   1.00 25.31 ? 6    VAL A CA  1 
ATOM   32   C C   . VAL A 1 6   ? -14.169 -0.761  2.416   1.00 26.54 ? 6    VAL A C   1 
ATOM   33   O O   . VAL A 1 6   ? -15.206 -0.394  2.965   1.00 27.64 ? 6    VAL A O   1 
ATOM   34   C CB  . VAL A 1 6   ? -13.101 1.355   1.619   1.00 24.92 ? 6    VAL A CB  1 
ATOM   35   C CG1 . VAL A 1 6   ? -11.980 1.170   2.631   1.00 21.78 ? 6    VAL A CG1 1 
ATOM   36   C CG2 . VAL A 1 6   ? -12.617 2.130   0.401   1.00 23.47 ? 6    VAL A CG2 1 
ATOM   37   N N   . PRO A 1 7   ? -13.471 -1.823  2.860   1.00 25.50 ? 7    PRO A N   1 
ATOM   38   C CA  . PRO A 1 7   ? -12.232 -2.395  2.314   1.00 22.80 ? 7    PRO A CA  1 
ATOM   39   C C   . PRO A 1 7   ? -12.339 -2.807  0.851   1.00 22.20 ? 7    PRO A C   1 
ATOM   40   O O   . PRO A 1 7   ? -13.342 -3.369  0.419   1.00 21.05 ? 7    PRO A O   1 
ATOM   41   C CB  . PRO A 1 7   ? -11.959 -3.607  3.206   1.00 22.04 ? 7    PRO A CB  1 
ATOM   42   C CG  . PRO A 1 7   ? -12.759 -3.393  4.429   1.00 24.16 ? 7    PRO A CG  1 
ATOM   43   C CD  . PRO A 1 7   ? -13.954 -2.587  4.022   1.00 25.51 ? 7    PRO A CD  1 
ATOM   44   N N   . TYR A 1 8   ? -11.292 -2.527  0.090   1.00 20.55 ? 8    TYR A N   1 
ATOM   45   C CA  . TYR A 1 8   ? -11.268 -2.891  -1.317  1.00 18.85 ? 8    TYR A CA  1 
ATOM   46   C C   . TYR A 1 8   ? -10.270 -4.033  -1.498  1.00 17.59 ? 8    TYR A C   1 
ATOM   47   O O   . TYR A 1 8   ? -9.135  -3.966  -1.018  1.00 16.18 ? 8    TYR A O   1 
ATOM   48   C CB  . TYR A 1 8   ? -10.858 -1.692  -2.173  1.00 19.35 ? 8    TYR A CB  1 
ATOM   49   C CG  . TYR A 1 8   ? -10.844 -2.018  -3.642  1.00 26.35 ? 8    TYR A CG  1 
ATOM   50   C CD1 . TYR A 1 8   ? -12.038 -2.139  -4.354  1.00 28.95 ? 8    TYR A CD1 1 
ATOM   51   C CD2 . TYR A 1 8   ? -9.641  -2.278  -4.309  1.00 26.17 ? 8    TYR A CD2 1 
ATOM   52   C CE1 . TYR A 1 8   ? -12.041 -2.518  -5.693  1.00 33.62 ? 8    TYR A CE1 1 
ATOM   53   C CE2 . TYR A 1 8   ? -9.629  -2.661  -5.653  1.00 29.03 ? 8    TYR A CE2 1 
ATOM   54   C CZ  . TYR A 1 8   ? -10.834 -2.782  -6.336  1.00 34.51 ? 8    TYR A CZ  1 
ATOM   55   O OH  . TYR A 1 8   ? -10.842 -3.188  -7.652  1.00 36.40 ? 8    TYR A OH  1 
ATOM   56   N N   . THR A 1 9   ? -10.703 -5.086  -2.175  1.00 16.61 ? 9    THR A N   1 
ATOM   57   C CA  . THR A 1 9   ? -9.847  -6.238  -2.412  1.00 18.43 ? 9    THR A CA  1 
ATOM   58   C C   . THR A 1 9   ? -9.827  -6.572  -3.890  1.00 18.95 ? 9    THR A C   1 
ATOM   59   O O   . THR A 1 9   ? -10.864 -6.564  -4.543  1.00 18.83 ? 9    THR A O   1 
ATOM   60   C CB  . THR A 1 9   ? -10.358 -7.476  -1.661  1.00 22.38 ? 9    THR A CB  1 
ATOM   61   O OG1 . THR A 1 9   ? -10.467 -7.179  -0.262  1.00 28.83 ? 9    THR A OG1 1 
ATOM   62   C CG2 . THR A 1 9   ? -9.407  -8.647  -1.858  1.00 25.77 ? 9    THR A CG2 1 
ATOM   63   N N   . GLU A 1 10  ? -8.649  -6.860  -4.425  1.00 19.83 ? 10   GLU A N   1 
ATOM   64   C CA  . GLU A 1 10  ? -8.545  -7.219  -5.833  1.00 19.93 ? 10   GLU A CA  1 
ATOM   65   C C   . GLU A 1 10  ? -7.446  -8.251  -6.035  1.00 20.46 ? 10   GLU A C   1 
ATOM   66   O O   . GLU A 1 10  ? -6.350  -8.123  -5.482  1.00 18.23 ? 10   GLU A O   1 
ATOM   67   C CB  . GLU A 1 10  ? -8.253  -5.984  -6.692  1.00 22.13 ? 10   GLU A CB  1 
ATOM   68   C CG  . GLU A 1 10  ? -8.372  -6.259  -8.192  1.00 26.75 ? 10   GLU A CG  1 
ATOM   69   C CD  . GLU A 1 10  ? -8.177  -5.024  -9.047  1.00 26.65 ? 10   GLU A CD  1 
ATOM   70   O OE1 . GLU A 1 10  ? -8.972  -4.074  -8.916  1.00 24.26 ? 10   GLU A OE1 1 
ATOM   71   O OE2 . GLU A 1 10  ? -7.229  -5.005  -9.859  1.00 30.99 ? 10   GLU A OE2 1 
ATOM   72   N N   . ALA A 1 11  ? -7.754  -9.288  -6.811  1.00 20.46 ? 11   ALA A N   1 
ATOM   73   C CA  . ALA A 1 11  ? -6.773  -10.325 -7.105  1.00 19.71 ? 11   ALA A CA  1 
ATOM   74   C C   . ALA A 1 11  ? -5.710  -9.652  -7.958  1.00 19.48 ? 11   ALA A C   1 
ATOM   75   O O   . ALA A 1 11  ? -6.026  -8.826  -8.812  1.00 19.29 ? 11   ALA A O   1 
ATOM   76   C CB  . ALA A 1 11  ? -7.423  -11.468 -7.867  1.00 21.22 ? 11   ALA A CB  1 
ATOM   77   N N   . ALA A 1 12  ? -4.449  -9.993  -7.724  1.00 20.21 ? 12   ALA A N   1 
ATOM   78   C CA  . ALA A 1 12  ? -3.378  -9.368  -8.477  1.00 21.76 ? 12   ALA A CA  1 
ATOM   79   C C   . ALA A 1 12  ? -2.160  -10.256 -8.641  1.00 23.05 ? 12   ALA A C   1 
ATOM   80   O O   . ALA A 1 12  ? -1.959  -11.212 -7.891  1.00 23.96 ? 12   ALA A O   1 
ATOM   81   C CB  . ALA A 1 12  ? -2.974  -8.063  -7.806  1.00 21.52 ? 12   ALA A CB  1 
ATOM   82   N N   . SER A 1 13  ? -1.355  -9.915  -9.640  1.00 24.25 ? 13   SER A N   1 
ATOM   83   C CA  . SER A 1 13  ? -0.122  -10.626 -9.952  1.00 25.02 ? 13   SER A CA  1 
ATOM   84   C C   . SER A 1 13  ? 0.946   -9.563  -10.118 1.00 23.54 ? 13   SER A C   1 
ATOM   85   O O   . SER A 1 13  ? 0.768   -8.620  -10.886 1.00 24.65 ? 13   SER A O   1 
ATOM   86   C CB  . SER A 1 13  ? -0.273  -11.406 -11.255 1.00 24.73 ? 13   SER A CB  1 
ATOM   87   O OG  . SER A 1 13  ? -0.594  -12.753 -10.980 1.00 34.67 ? 13   SER A OG  1 
ATOM   88   N N   . LEU A 1 14  ? 2.048   -9.710  -9.393  1.00 23.47 ? 14   LEU A N   1 
ATOM   89   C CA  . LEU A 1 14  ? 3.130   -8.739  -9.460  1.00 24.03 ? 14   LEU A CA  1 
ATOM   90   C C   . LEU A 1 14  ? 4.467   -9.353  -9.839  1.00 26.09 ? 14   LEU A C   1 
ATOM   91   O O   . LEU A 1 14  ? 4.752   -10.510 -9.534  1.00 26.89 ? 14   LEU A O   1 
ATOM   92   C CB  . LEU A 1 14  ? 3.298   -8.034  -8.113  1.00 24.48 ? 14   LEU A CB  1 
ATOM   93   C CG  . LEU A 1 14  ? 2.067   -7.399  -7.465  1.00 24.12 ? 14   LEU A CG  1 
ATOM   94   C CD1 . LEU A 1 14  ? 2.470   -6.777  -6.135  1.00 25.69 ? 14   LEU A CD1 1 
ATOM   95   C CD2 . LEU A 1 14  ? 1.482   -6.349  -8.388  1.00 24.15 ? 14   LEU A CD2 1 
ATOM   96   N N   . SER A 1 15  ? 5.283   -8.546  -10.503 1.00 28.11 ? 15   SER A N   1 
ATOM   97   C CA  . SER A 1 15  ? 6.620   -8.943  -10.913 1.00 28.78 ? 15   SER A CA  1 
ATOM   98   C C   . SER A 1 15  ? 7.363   -7.640  -11.149 1.00 27.79 ? 15   SER A C   1 
ATOM   99   O O   . SER A 1 15  ? 6.762   -6.558  -11.101 1.00 23.71 ? 15   SER A O   1 
ATOM   100  C CB  . SER A 1 15  ? 6.571   -9.766  -12.199 1.00 30.03 ? 15   SER A CB  1 
ATOM   101  O OG  . SER A 1 15  ? 6.018   -9.001  -13.253 1.00 37.38 ? 15   SER A OG  1 
ATOM   102  N N   . THR A 1 16  ? 8.665   -7.737  -11.394 1.00 24.58 ? 16   THR A N   1 
ATOM   103  C CA  . THR A 1 16  ? 9.467   -6.547  -11.630 1.00 25.39 ? 16   THR A CA  1 
ATOM   104  C C   . THR A 1 16  ? 8.873   -5.729  -12.763 1.00 26.23 ? 16   THR A C   1 
ATOM   105  O O   . THR A 1 16  ? 8.572   -6.266  -13.827 1.00 27.62 ? 16   THR A O   1 
ATOM   106  C CB  . THR A 1 16  ? 10.900  -6.922  -11.981 1.00 26.25 ? 16   THR A CB  1 
ATOM   107  O OG1 . THR A 1 16  ? 11.450  -7.695  -10.909 1.00 29.63 ? 16   THR A OG1 1 
ATOM   108  C CG2 . THR A 1 16  ? 11.740  -5.673  -12.183 1.00 27.82 ? 16   THR A CG2 1 
ATOM   109  N N   . GLY A 1 17  ? 8.693   -4.431  -12.528 1.00 25.11 ? 17   GLY A N   1 
ATOM   110  C CA  . GLY A 1 17  ? 8.123   -3.566  -13.545 1.00 24.20 ? 17   GLY A CA  1 
ATOM   111  C C   . GLY A 1 17  ? 6.657   -3.243  -13.307 1.00 25.97 ? 17   GLY A C   1 
ATOM   112  O O   . GLY A 1 17  ? 6.113   -2.310  -13.903 1.00 27.53 ? 17   GLY A O   1 
ATOM   113  N N   . SER A 1 18  ? 6.012   -4.017  -12.439 1.00 24.19 ? 18   SER A N   1 
ATOM   114  C CA  . SER A 1 18  ? 4.607   -3.803  -12.125 1.00 21.42 ? 18   SER A CA  1 
ATOM   115  C C   . SER A 1 18  ? 4.441   -2.530  -11.301 1.00 21.63 ? 18   SER A C   1 
ATOM   116  O O   . SER A 1 18  ? 5.330   -2.155  -10.533 1.00 20.10 ? 18   SER A O   1 
ATOM   117  C CB  . SER A 1 18  ? 4.059   -4.977  -11.315 1.00 20.86 ? 18   SER A CB  1 
ATOM   118  O OG  . SER A 1 18  ? 3.894   -6.136  -12.110 1.00 23.98 ? 18   SER A OG  1 
ATOM   119  N N   . THR A 1 19  ? 3.301   -1.868  -11.467 1.00 21.86 ? 19   THR A N   1 
ATOM   120  C CA  . THR A 1 19  ? 2.997   -0.662  -10.704 1.00 22.51 ? 19   THR A CA  1 
ATOM   121  C C   . THR A 1 19  ? 1.555   -0.734  -10.210 1.00 23.58 ? 19   THR A C   1 
ATOM   122  O O   . THR A 1 19  ? 0.656   -1.147  -10.946 1.00 23.68 ? 19   THR A O   1 
ATOM   123  C CB  . THR A 1 19  ? 3.147   0.627   -11.545 1.00 23.97 ? 19   THR A CB  1 
ATOM   124  O OG1 . THR A 1 19  ? 4.513   0.795   -11.927 1.00 28.26 ? 19   THR A OG1 1 
ATOM   125  C CG2 . THR A 1 19  ? 2.722   1.844   -10.732 1.00 25.65 ? 19   THR A CG2 1 
ATOM   126  N N   . VAL A 1 20  ? 1.345   -0.356  -8.955  1.00 21.37 ? 20   VAL A N   1 
ATOM   127  C CA  . VAL A 1 20  ? 0.008   -0.338  -8.380  1.00 20.89 ? 20   VAL A CA  1 
ATOM   128  C C   . VAL A 1 20  ? -0.269  1.133   -8.106  1.00 20.72 ? 20   VAL A C   1 
ATOM   129  O O   . VAL A 1 20  ? 0.498   1.796   -7.406  1.00 21.34 ? 20   VAL A O   1 
ATOM   130  C CB  . VAL A 1 20  ? -0.069  -1.121  -7.047  1.00 22.00 ? 20   VAL A CB  1 
ATOM   131  C CG1 . VAL A 1 20  ? -1.491  -1.069  -6.494  1.00 20.75 ? 20   VAL A CG1 1 
ATOM   132  C CG2 . VAL A 1 20  ? 0.365   -2.566  -7.261  1.00 21.74 ? 20   VAL A CG2 1 
ATOM   133  N N   . THR A 1 21  ? -1.342  1.650   -8.688  1.00 20.12 ? 21   THR A N   1 
ATOM   134  C CA  . THR A 1 21  ? -1.693  3.044   -8.493  1.00 20.96 ? 21   THR A CA  1 
ATOM   135  C C   . THR A 1 21  ? -2.996  3.134   -7.723  1.00 22.96 ? 21   THR A C   1 
ATOM   136  O O   . THR A 1 21  ? -3.987  2.495   -8.074  1.00 21.84 ? 21   THR A O   1 
ATOM   137  C CB  . THR A 1 21  ? -1.844  3.772   -9.832  1.00 23.25 ? 21   THR A CB  1 
ATOM   138  O OG1 . THR A 1 21  ? -0.586  3.761   -10.515 1.00 28.98 ? 21   THR A OG1 1 
ATOM   139  C CG2 . THR A 1 21  ? -2.267  5.216   -9.608  1.00 22.90 ? 21   THR A CG2 1 
ATOM   140  N N   . ILE A 1 22  ? -2.981  3.926   -6.660  1.00 20.14 ? 22   ILE A N   1 
ATOM   141  C CA  . ILE A 1 22  ? -4.154  4.103   -5.830  1.00 21.01 ? 22   ILE A CA  1 
ATOM   142  C C   . ILE A 1 22  ? -4.459  5.584   -5.733  1.00 22.04 ? 22   ILE A C   1 
ATOM   143  O O   . ILE A 1 22  ? -3.563  6.395   -5.494  1.00 22.39 ? 22   ILE A O   1 
ATOM   144  C CB  . ILE A 1 22  ? -3.906  3.543   -4.422  1.00 22.90 ? 22   ILE A CB  1 
ATOM   145  C CG1 . ILE A 1 22  ? -3.729  2.025   -4.498  1.00 23.54 ? 22   ILE A CG1 1 
ATOM   146  C CG2 . ILE A 1 22  ? -5.057  3.903   -3.503  1.00 25.94 ? 22   ILE A CG2 1 
ATOM   147  C CD1 . ILE A 1 22  ? -2.856  1.457   -3.401  1.00 24.87 ? 22   ILE A CD1 1 
ATOM   148  N N   . LYS A 1 23  ? -5.725  5.929   -5.937  1.00 23.53 ? 23   LYS A N   1 
ATOM   149  C CA  . LYS A 1 23  ? -6.177  7.310   -5.862  1.00 23.74 ? 23   LYS A CA  1 
ATOM   150  C C   . LYS A 1 23  ? -7.312  7.389   -4.844  1.00 22.00 ? 23   LYS A C   1 
ATOM   151  O O   . LYS A 1 23  ? -8.293  6.645   -4.937  1.00 19.91 ? 23   LYS A O   1 
ATOM   152  C CB  . LYS A 1 23  ? -6.689  7.770   -7.226  1.00 29.85 ? 23   LYS A CB  1 
ATOM   153  C CG  . LYS A 1 23  ? -6.252  9.161   -7.623  1.00 42.04 ? 23   LYS A CG  1 
ATOM   154  C CD  . LYS A 1 23  ? -5.466  9.120   -8.926  1.00 47.81 ? 23   LYS A CD  1 
ATOM   155  C CE  . LYS A 1 23  ? -5.599  10.428  -9.693  1.00 52.02 ? 23   LYS A CE  1 
ATOM   156  N NZ  . LYS A 1 23  ? -5.777  10.199  -11.157 1.00 54.51 ? 23   LYS A NZ  1 
ATOM   157  N N   . GLY A 1 24  ? -7.174  8.281   -3.870  1.00 19.51 ? 24   GLY A N   1 
ATOM   158  C CA  . GLY A 1 24  ? -8.212  8.427   -2.865  1.00 21.19 ? 24   GLY A CA  1 
ATOM   159  C C   . GLY A 1 24  ? -8.001  9.640   -1.978  1.00 23.27 ? 24   GLY A C   1 
ATOM   160  O O   . GLY A 1 24  ? -7.164  10.496  -2.266  1.00 22.32 ? 24   GLY A O   1 
ATOM   161  N N   . ARG A 1 25  ? -8.768  9.723   -0.894  1.00 23.51 ? 25   ARG A N   1 
ATOM   162  C CA  . ARG A 1 25  ? -8.633  10.835  0.035   1.00 24.28 ? 25   ARG A CA  1 
ATOM   163  C C   . ARG A 1 25  ? -9.059  10.422  1.439   1.00 20.57 ? 25   ARG A C   1 
ATOM   164  O O   . ARG A 1 25  ? -9.896  9.543   1.612   1.00 18.51 ? 25   ARG A O   1 
ATOM   165  C CB  . ARG A 1 25  ? -9.468  12.023  -0.439  1.00 29.21 ? 25   ARG A CB  1 
ATOM   166  C CG  . ARG A 1 25  ? -10.956 11.801  -0.355  1.00 38.41 ? 25   ARG A CG  1 
ATOM   167  C CD  . ARG A 1 25  ? -11.716 13.023  -0.836  1.00 46.28 ? 25   ARG A CD  1 
ATOM   168  N NE  . ARG A 1 25  ? -11.050 14.274  -0.477  1.00 52.41 ? 25   ARG A NE  1 
ATOM   169  C CZ  . ARG A 1 25  ? -10.784 15.251  -1.341  1.00 58.59 ? 25   ARG A CZ  1 
ATOM   170  N NH1 . ARG A 1 25  ? -11.126 15.124  -2.620  1.00 58.06 ? 25   ARG A NH1 1 
ATOM   171  N NH2 . ARG A 1 25  ? -10.185 16.364  -0.925  1.00 59.93 ? 25   ARG A NH2 1 
ATOM   172  N N   . PRO A 1 26  ? -8.468  11.050  2.463   1.00 20.97 ? 26   PRO A N   1 
ATOM   173  C CA  . PRO A 1 26  ? -8.810  10.725  3.851   1.00 22.26 ? 26   PRO A CA  1 
ATOM   174  C C   . PRO A 1 26  ? -10.269 11.086  4.109   1.00 22.62 ? 26   PRO A C   1 
ATOM   175  O O   . PRO A 1 26  ? -10.784 12.028  3.509   1.00 23.59 ? 26   PRO A O   1 
ATOM   176  C CB  . PRO A 1 26  ? -7.849  11.584  4.678   1.00 23.37 ? 26   PRO A CB  1 
ATOM   177  C CG  . PRO A 1 26  ? -6.801  12.070  3.714   1.00 24.01 ? 26   PRO A CG  1 
ATOM   178  C CD  . PRO A 1 26  ? -7.455  12.114  2.373   1.00 21.09 ? 26   PRO A CD  1 
ATOM   179  N N   . LEU A 1 27  ? -10.934 10.335  4.984   1.00 21.53 ? 27   LEU A N   1 
ATOM   180  C CA  . LEU A 1 27  ? -12.340 10.593  5.296   1.00 22.85 ? 27   LEU A CA  1 
ATOM   181  C C   . LEU A 1 27  ? -12.527 11.717  6.325   1.00 24.43 ? 27   LEU A C   1 
ATOM   182  O O   . LEU A 1 27  ? -13.609 12.293  6.419   1.00 25.85 ? 27   LEU A O   1 
ATOM   183  C CB  . LEU A 1 27  ? -13.016 9.315   5.802   1.00 19.74 ? 27   LEU A CB  1 
ATOM   184  C CG  . LEU A 1 27  ? -13.284 8.228   4.758   1.00 17.49 ? 27   LEU A CG  1 
ATOM   185  C CD1 . LEU A 1 27  ? -13.777 6.977   5.449   1.00 20.60 ? 27   LEU A CD1 1 
ATOM   186  C CD2 . LEU A 1 27  ? -14.300 8.708   3.754   1.00 18.16 ? 27   LEU A CD2 1 
ATOM   187  N N   . VAL A 1 28  ? -11.482 12.017  7.094   1.00 23.27 ? 28   VAL A N   1 
ATOM   188  C CA  . VAL A 1 28  ? -11.543 13.084  8.098   1.00 25.08 ? 28   VAL A CA  1 
ATOM   189  C C   . VAL A 1 28  ? -10.228 13.866  8.121   1.00 26.71 ? 28   VAL A C   1 
ATOM   190  O O   . VAL A 1 28  ? -9.231  13.424  7.548   1.00 25.69 ? 28   VAL A O   1 
ATOM   191  C CB  . VAL A 1 28  ? -11.851 12.515  9.512   1.00 22.92 ? 28   VAL A CB  1 
ATOM   192  C CG1 . VAL A 1 28  ? -13.159 11.747  9.480   1.00 21.54 ? 28   VAL A CG1 1 
ATOM   193  C CG2 . VAL A 1 28  ? -10.724 11.615  9.982   1.00 22.38 ? 28   VAL A CG2 1 
ATOM   194  N N   . CYS A 1 29  ? -10.222 15.029  8.770   1.00 25.98 ? 29   CYS A N   1 
ATOM   195  C CA  . CYS A 1 29  ? -9.015  15.856  8.823   1.00 28.02 ? 29   CYS A CA  1 
ATOM   196  C C   . CYS A 1 29  ? -7.895  15.162  9.594   1.00 25.09 ? 29   CYS A C   1 
ATOM   197  O O   . CYS A 1 29  ? -8.147  14.294  10.430  1.00 23.60 ? 29   CYS A O   1 
ATOM   198  C CB  . CYS A 1 29  ? -9.322  17.231  9.444   1.00 36.37 ? 29   CYS A CB  1 
ATOM   199  S SG  . CYS A 1 29  ? -10.339 17.225  10.969  1.00 53.89 ? 29   CYS A SG  1 
ATOM   200  N N   . PHE A 1 30  ? -6.658  15.555  9.310   1.00 23.26 ? 30   PHE A N   1 
ATOM   201  C CA  . PHE A 1 30  ? -5.492  14.956  9.946   1.00 22.91 ? 30   PHE A CA  1 
ATOM   202  C C   . PHE A 1 30  ? -5.511  15.052  11.464  1.00 25.28 ? 30   PHE A C   1 
ATOM   203  O O   . PHE A 1 30  ? -4.963  14.196  12.160  1.00 25.18 ? 30   PHE A O   1 
ATOM   204  C CB  . PHE A 1 30  ? -4.217  15.602  9.395   1.00 25.13 ? 30   PHE A CB  1 
ATOM   205  C CG  . PHE A 1 30  ? -3.817  15.098  8.023   1.00 27.09 ? 30   PHE A CG  1 
ATOM   206  C CD1 . PHE A 1 30  ? -4.727  14.417  7.212   1.00 28.85 ? 30   PHE A CD1 1 
ATOM   207  C CD2 . PHE A 1 30  ? -2.525  15.306  7.543   1.00 29.03 ? 30   PHE A CD2 1 
ATOM   208  C CE1 . PHE A 1 30  ? -4.359  13.952  5.947   1.00 30.98 ? 30   PHE A CE1 1 
ATOM   209  C CE2 . PHE A 1 30  ? -2.148  14.843  6.277   1.00 27.95 ? 30   PHE A CE2 1 
ATOM   210  C CZ  . PHE A 1 30  ? -3.066  14.166  5.482   1.00 28.52 ? 30   PHE A CZ  1 
ATOM   211  N N   . LEU A 1 31  ? -6.146  16.095  11.978  1.00 25.56 ? 31   LEU A N   1 
ATOM   212  C CA  . LEU A 1 31  ? -6.235  16.299  13.417  1.00 24.87 ? 31   LEU A CA  1 
ATOM   213  C C   . LEU A 1 31  ? -6.825  15.073  14.121  1.00 22.68 ? 31   LEU A C   1 
ATOM   214  O O   . LEU A 1 31  ? -6.432  14.736  15.240  1.00 24.61 ? 31   LEU A O   1 
ATOM   215  C CB  . LEU A 1 31  ? -7.090  17.546  13.695  1.00 29.34 ? 31   LEU A CB  1 
ATOM   216  C CG  . LEU A 1 31  ? -7.648  17.777  15.097  1.00 33.33 ? 31   LEU A CG  1 
ATOM   217  C CD1 . LEU A 1 31  ? -6.524  17.771  16.128  1.00 37.15 ? 31   LEU A CD1 1 
ATOM   218  C CD2 . LEU A 1 31  ? -8.381  19.102  15.113  1.00 34.61 ? 31   LEU A CD2 1 
ATOM   219  N N   . ASN A 1 32  ? -7.764  14.402  13.461  1.00 21.28 ? 32   ASN A N   1 
ATOM   220  C CA  . ASN A 1 32  ? -8.408  13.226  14.039  1.00 19.97 ? 32   ASN A CA  1 
ATOM   221  C C   . ASN A 1 32  ? -7.678  11.910  13.745  1.00 20.76 ? 32   ASN A C   1 
ATOM   222  O O   . ASN A 1 32  ? -8.197  10.828  14.011  1.00 18.74 ? 32   ASN A O   1 
ATOM   223  C CB  . ASN A 1 32  ? -9.861  13.166  13.569  1.00 20.44 ? 32   ASN A CB  1 
ATOM   224  C CG  . ASN A 1 32  ? -10.697 14.287  14.161  1.00 25.85 ? 32   ASN A CG  1 
ATOM   225  O OD1 . ASN A 1 32  ? -10.423 14.745  15.268  1.00 23.90 ? 32   ASN A OD1 1 
ATOM   226  N ND2 . ASN A 1 32  ? -11.708 14.741  13.427  1.00 27.60 ? 32   ASN A ND2 1 
ATOM   227  N N   . GLU A 1 33  ? -6.471  12.025  13.196  1.00 20.19 ? 33   GLU A N   1 
ATOM   228  C CA  . GLU A 1 33  ? -5.612  10.884  12.894  1.00 20.36 ? 33   GLU A CA  1 
ATOM   229  C C   . GLU A 1 33  ? -6.208  9.732   12.104  1.00 16.62 ? 33   GLU A C   1 
ATOM   230  O O   . GLU A 1 33  ? -6.314  8.611   12.605  1.00 16.26 ? 33   GLU A O   1 
ATOM   231  C CB  . GLU A 1 33  ? -5.013  10.328  14.186  1.00 24.97 ? 33   GLU A CB  1 
ATOM   232  C CG  . GLU A 1 33  ? -4.022  11.264  14.859  1.00 34.96 ? 33   GLU A CG  1 
ATOM   233  C CD  . GLU A 1 33  ? -3.297  10.612  16.026  1.00 41.59 ? 33   GLU A CD  1 
ATOM   234  O OE1 . GLU A 1 33  ? -3.140  9.370   16.012  1.00 46.11 ? 33   GLU A OE1 1 
ATOM   235  O OE2 . GLU A 1 33  ? -2.884  11.341  16.956  1.00 44.53 ? 33   GLU A OE2 1 
ATOM   236  N N   . PRO A 1 34  ? -6.609  9.991   10.857  1.00 18.00 ? 34   PRO A N   1 
ATOM   237  C CA  . PRO A 1 34  ? -7.180  8.911   10.042  1.00 19.83 ? 34   PRO A CA  1 
ATOM   238  C C   . PRO A 1 34  ? -6.041  7.985   9.569   1.00 19.90 ? 34   PRO A C   1 
ATOM   239  O O   . PRO A 1 34  ? -4.869  8.382   9.564   1.00 17.35 ? 34   PRO A O   1 
ATOM   240  C CB  . PRO A 1 34  ? -7.843  9.647   8.881   1.00 18.94 ? 34   PRO A CB  1 
ATOM   241  C CG  . PRO A 1 34  ? -7.060  10.935  8.761   1.00 19.39 ? 34   PRO A CG  1 
ATOM   242  C CD  . PRO A 1 34  ? -6.565  11.279  10.144  1.00 17.16 ? 34   PRO A CD  1 
ATOM   243  N N   . TYR A 1 35  ? -6.380  6.753   9.192   1.00 18.77 ? 35   TYR A N   1 
ATOM   244  C CA  . TYR A 1 35  ? -5.373  5.799   8.719   1.00 17.31 ? 35   TYR A CA  1 
ATOM   245  C C   . TYR A 1 35  ? -5.669  5.355   7.296   1.00 17.52 ? 35   TYR A C   1 
ATOM   246  O O   . TYR A 1 35  ? -6.794  5.484   6.808   1.00 15.81 ? 35   TYR A O   1 
ATOM   247  C CB  . TYR A 1 35  ? -5.358  4.542   9.585   1.00 19.08 ? 35   TYR A CB  1 
ATOM   248  C CG  . TYR A 1 35  ? -4.716  4.698   10.935  1.00 30.07 ? 35   TYR A CG  1 
ATOM   249  C CD1 . TYR A 1 35  ? -3.345  4.515   11.104  1.00 36.33 ? 35   TYR A CD1 1 
ATOM   250  C CD2 . TYR A 1 35  ? -5.489  4.982   12.063  1.00 33.67 ? 35   TYR A CD2 1 
ATOM   251  C CE1 . TYR A 1 35  ? -2.759  4.606   12.366  1.00 44.00 ? 35   TYR A CE1 1 
ATOM   252  C CE2 . TYR A 1 35  ? -4.918  5.075   13.327  1.00 39.65 ? 35   TYR A CE2 1 
ATOM   253  C CZ  . TYR A 1 35  ? -3.555  4.883   13.472  1.00 45.83 ? 35   TYR A CZ  1 
ATOM   254  O OH  . TYR A 1 35  ? -2.989  4.946   14.726  1.00 55.20 ? 35   TYR A OH  1 
ATOM   255  N N   . LEU A 1 36  ? -4.635  4.824   6.647   1.00 19.47 ? 36   LEU A N   1 
ATOM   256  C CA  . LEU A 1 36  ? -4.719  4.272   5.292   1.00 16.72 ? 36   LEU A CA  1 
ATOM   257  C C   . LEU A 1 36  ? -3.843  3.023   5.349   1.00 17.06 ? 36   LEU A C   1 
ATOM   258  O O   . LEU A 1 36  ? -2.727  3.077   5.862   1.00 17.71 ? 36   LEU A O   1 
ATOM   259  C CB  . LEU A 1 36  ? -4.148  5.235   4.242   1.00 18.35 ? 36   LEU A CB  1 
ATOM   260  C CG  . LEU A 1 36  ? -3.711  4.534   2.941   1.00 17.26 ? 36   LEU A CG  1 
ATOM   261  C CD1 . LEU A 1 36  ? -4.913  3.908   2.263   1.00 18.58 ? 36   LEU A CD1 1 
ATOM   262  C CD2 . LEU A 1 36  ? -3.046  5.517   2.014   1.00 19.01 ? 36   LEU A CD2 1 
ATOM   263  N N   . GLN A 1 37  ? -4.345  1.894   4.862   1.00 16.08 ? 37   GLN A N   1 
ATOM   264  C CA  . GLN A 1 37  ? -3.533  0.685   4.885   1.00 15.93 ? 37   GLN A CA  1 
ATOM   265  C C   . GLN A 1 37  ? -3.624  -0.049  3.559   1.00 14.46 ? 37   GLN A C   1 
ATOM   266  O O   . GLN A 1 37  ? -4.703  -0.167  2.987   1.00 16.55 ? 37   GLN A O   1 
ATOM   267  C CB  . GLN A 1 37  ? -3.971  -0.240  6.027   1.00 15.79 ? 37   GLN A CB  1 
ATOM   268  C CG  . GLN A 1 37  ? -3.103  -1.480  6.182   1.00 14.45 ? 37   GLN A CG  1 
ATOM   269  C CD  . GLN A 1 37  ? -3.209  -2.098  7.557   1.00 17.80 ? 37   GLN A CD  1 
ATOM   270  O OE1 . GLN A 1 37  ? -3.347  -1.393  8.551   1.00 17.96 ? 37   GLN A OE1 1 
ATOM   271  N NE2 . GLN A 1 37  ? -3.144  -3.420  7.624   1.00 15.24 ? 37   GLN A NE2 1 
ATOM   272  N N   . VAL A 1 38  ? -2.475  -0.512  3.071   1.00 15.85 ? 38   VAL A N   1 
ATOM   273  C CA  . VAL A 1 38  ? -2.381  -1.269  1.814   1.00 13.68 ? 38   VAL A CA  1 
ATOM   274  C C   . VAL A 1 38  ? -1.596  -2.535  2.146   1.00 12.99 ? 38   VAL A C   1 
ATOM   275  O O   . VAL A 1 38  ? -0.457  -2.455  2.602   1.00 13.65 ? 38   VAL A O   1 
ATOM   276  C CB  . VAL A 1 38  ? -1.591  -0.500  0.715   1.00 15.15 ? 38   VAL A CB  1 
ATOM   277  C CG1 . VAL A 1 38  ? -1.501  -1.353  -0.560  1.00 14.83 ? 38   VAL A CG1 1 
ATOM   278  C CG2 . VAL A 1 38  ? -2.267  0.820   0.402   1.00 15.09 ? 38   VAL A CG2 1 
ATOM   279  N N   . ASP A 1 39  ? -2.211  -3.697  1.934   1.00 13.68 ? 39   ASP A N   1 
ATOM   280  C CA  . ASP A 1 39  ? -1.554  -4.969  2.216   1.00 12.96 ? 39   ASP A CA  1 
ATOM   281  C C   . ASP A 1 39  ? -1.519  -5.837  0.975   1.00 13.71 ? 39   ASP A C   1 
ATOM   282  O O   . ASP A 1 39  ? -2.542  -6.008  0.309   1.00 13.79 ? 39   ASP A O   1 
ATOM   283  C CB  . ASP A 1 39  ? -2.298  -5.737  3.304   1.00 12.95 ? 39   ASP A CB  1 
ATOM   284  C CG  . ASP A 1 39  ? -2.330  -5.005  4.628   1.00 15.86 ? 39   ASP A CG  1 
ATOM   285  O OD1 . ASP A 1 39  ? -1.263  -4.570  5.102   1.00 16.70 ? 39   ASP A OD1 1 
ATOM   286  O OD2 . ASP A 1 39  ? -3.432  -4.873  5.198   1.00 15.24 ? 39   ASP A OD2 1 
ATOM   287  N N   . PHE A 1 40  ? -0.339  -6.374  0.672   1.00 14.18 ? 40   PHE A N   1 
ATOM   288  C CA  . PHE A 1 40  ? -0.151  -7.276  -0.468  1.00 15.01 ? 40   PHE A CA  1 
ATOM   289  C C   . PHE A 1 40  ? -0.163  -8.679  0.150   1.00 13.79 ? 40   PHE A C   1 
ATOM   290  O O   . PHE A 1 40  ? 0.766   -9.043  0.866   1.00 15.52 ? 40   PHE A O   1 
ATOM   291  C CB  . PHE A 1 40  ? 1.207   -7.027  -1.140  1.00 16.12 ? 40   PHE A CB  1 
ATOM   292  C CG  . PHE A 1 40  ? 1.286   -5.749  -1.938  1.00 18.74 ? 40   PHE A CG  1 
ATOM   293  C CD1 . PHE A 1 40  ? 0.230   -4.846  -1.969  1.00 20.22 ? 40   PHE A CD1 1 
ATOM   294  C CD2 . PHE A 1 40  ? 2.435   -5.448  -2.665  1.00 21.18 ? 40   PHE A CD2 1 
ATOM   295  C CE1 . PHE A 1 40  ? 0.318   -3.661  -2.715  1.00 22.00 ? 40   PHE A CE1 1 
ATOM   296  C CE2 . PHE A 1 40  ? 2.533   -4.267  -3.412  1.00 21.83 ? 40   PHE A CE2 1 
ATOM   297  C CZ  . PHE A 1 40  ? 1.473   -3.374  -3.436  1.00 18.59 ? 40   PHE A CZ  1 
ATOM   298  N N   . HIS A 1 41  ? -1.211  -9.450  -0.122  1.00 12.71 ? 41   HIS A N   1 
ATOM   299  C CA  . HIS A 1 41  ? -1.367  -10.791 0.442   1.00 13.87 ? 41   HIS A CA  1 
ATOM   300  C C   . HIS A 1 41  ? -0.904  -11.926 -0.461  1.00 15.15 ? 41   HIS A C   1 
ATOM   301  O O   . HIS A 1 41  ? -0.869  -11.784 -1.681  1.00 17.61 ? 41   HIS A O   1 
ATOM   302  C CB  . HIS A 1 41  ? -2.833  -11.037 0.787   1.00 13.33 ? 41   HIS A CB  1 
ATOM   303  C CG  . HIS A 1 41  ? -3.296  -10.311 2.005   1.00 15.87 ? 41   HIS A CG  1 
ATOM   304  N ND1 . HIS A 1 41  ? -3.276  -10.878 3.262   1.00 16.47 ? 41   HIS A ND1 1 
ATOM   305  C CD2 . HIS A 1 41  ? -3.782  -9.057  2.163   1.00 14.76 ? 41   HIS A CD2 1 
ATOM   306  C CE1 . HIS A 1 41  ? -3.731  -10.003 4.142   1.00 16.02 ? 41   HIS A CE1 1 
ATOM   307  N NE2 . HIS A 1 41  ? -4.043  -8.891  3.501   1.00 14.72 ? 41   HIS A NE2 1 
ATOM   308  N N   . THR A 1 42  ? -0.578  -13.059 0.158   1.00 16.69 ? 42   THR A N   1 
ATOM   309  C CA  . THR A 1 42  ? -0.130  -14.247 -0.570  1.00 20.36 ? 42   THR A CA  1 
ATOM   310  C C   . THR A 1 42  ? -1.318  -15.109 -1.023  1.00 22.29 ? 42   THR A C   1 
ATOM   311  O O   . THR A 1 42  ? -1.170  -15.962 -1.895  1.00 21.42 ? 42   THR A O   1 
ATOM   312  C CB  . THR A 1 42  ? 0.798   -15.117 0.302   1.00 20.17 ? 42   THR A CB  1 
ATOM   313  O OG1 . THR A 1 42  ? 0.111   -15.494 1.504   1.00 21.07 ? 42   THR A OG1 1 
ATOM   314  C CG2 . THR A 1 42  ? 2.067   -14.348 0.667   1.00 17.37 ? 42   THR A CG2 1 
ATOM   315  N N   . GLU A 1 43  ? -2.486  -14.888 -0.420  1.00 23.13 ? 43   GLU A N   1 
ATOM   316  C CA  . GLU A 1 43  ? -3.708  -15.628 -0.760  1.00 25.29 ? 43   GLU A CA  1 
ATOM   317  C C   . GLU A 1 43  ? -4.883  -14.657 -0.852  1.00 25.93 ? 43   GLU A C   1 
ATOM   318  O O   . GLU A 1 43  ? -4.778  -13.507 -0.426  1.00 24.51 ? 43   GLU A O   1 
ATOM   319  C CB  . GLU A 1 43  ? -4.039  -16.681 0.307   1.00 27.90 ? 43   GLU A CB  1 
ATOM   320  C CG  . GLU A 1 43  ? -3.011  -17.777 0.471   1.00 37.37 ? 43   GLU A CG  1 
ATOM   321  C CD  . GLU A 1 43  ? -2.848  -18.612 -0.782  1.00 46.85 ? 43   GLU A CD  1 
ATOM   322  O OE1 . GLU A 1 43  ? -3.727  -18.541 -1.668  1.00 49.16 ? 43   GLU A OE1 1 
ATOM   323  O OE2 . GLU A 1 43  ? -1.840  -19.345 -0.884  1.00 53.67 ? 43   GLU A OE2 1 
ATOM   324  N N   . MET A 1 44  ? -6.005  -15.128 -1.389  1.00 26.22 ? 44   MET A N   1 
ATOM   325  C CA  . MET A 1 44  ? -7.191  -14.289 -1.520  1.00 28.85 ? 44   MET A CA  1 
ATOM   326  C C   . MET A 1 44  ? -7.879  -13.998 -0.188  1.00 30.12 ? 44   MET A C   1 
ATOM   327  O O   . MET A 1 44  ? -8.778  -13.164 -0.131  1.00 35.51 ? 44   MET A O   1 
ATOM   328  C CB  . MET A 1 44  ? -8.197  -14.932 -2.474  1.00 30.01 ? 44   MET A CB  1 
ATOM   329  C CG  . MET A 1 44  ? -7.928  -14.654 -3.945  1.00 34.92 ? 44   MET A CG  1 
ATOM   330  S SD  . MET A 1 44  ? -8.031  -12.905 -4.386  1.00 43.05 ? 44   MET A SD  1 
ATOM   331  C CE  . MET A 1 44  ? -9.623  -12.432 -3.662  1.00 38.36 ? 44   MET A CE  1 
ATOM   332  N N   . LYS A 1 45  ? -7.459  -14.669 0.882   1.00 29.90 ? 45   LYS A N   1 
ATOM   333  C CA  . LYS A 1 45  ? -8.065  -14.454 2.197   1.00 30.76 ? 45   LYS A CA  1 
ATOM   334  C C   . LYS A 1 45  ? -7.296  -13.449 3.064   1.00 28.76 ? 45   LYS A C   1 
ATOM   335  O O   . LYS A 1 45  ? -6.064  -13.417 3.050   1.00 26.67 ? 45   LYS A O   1 
ATOM   336  C CB  . LYS A 1 45  ? -8.195  -15.788 2.946   1.00 34.73 ? 45   LYS A CB  1 
ATOM   337  C CG  . LYS A 1 45  ? -7.105  -16.801 2.633   1.00 44.81 ? 45   LYS A CG  1 
ATOM   338  C CD  . LYS A 1 45  ? -7.030  -17.894 3.701   1.00 51.20 ? 45   LYS A CD  1 
ATOM   339  C CE  . LYS A 1 45  ? -8.293  -18.753 3.717   1.00 56.20 ? 45   LYS A CE  1 
ATOM   340  N NZ  . LYS A 1 45  ? -8.160  -19.989 2.887   1.00 58.18 ? 45   LYS A NZ  1 
ATOM   341  N N   . GLU A 1 46  ? -8.036  -12.644 3.827   1.00 26.64 ? 46   GLU A N   1 
ATOM   342  C CA  . GLU A 1 46  ? -7.463  -11.617 4.704   1.00 25.54 ? 46   GLU A CA  1 
ATOM   343  C C   . GLU A 1 46  ? -6.509  -12.115 5.776   1.00 22.91 ? 46   GLU A C   1 
ATOM   344  O O   . GLU A 1 46  ? -5.653  -11.364 6.240   1.00 21.22 ? 46   GLU A O   1 
ATOM   345  C CB  . GLU A 1 46  ? -8.568  -10.843 5.416   1.00 30.14 ? 46   GLU A CB  1 
ATOM   346  C CG  . GLU A 1 46  ? -9.643  -10.303 4.520   1.00 39.87 ? 46   GLU A CG  1 
ATOM   347  C CD  . GLU A 1 46  ? -10.689 -9.533  5.302   1.00 46.46 ? 46   GLU A CD  1 
ATOM   348  O OE1 . GLU A 1 46  ? -10.806 -9.769  6.530   1.00 46.56 ? 46   GLU A OE1 1 
ATOM   349  O OE2 . GLU A 1 46  ? -11.388 -8.693  4.691   1.00 49.25 ? 46   GLU A OE2 1 
ATOM   350  N N   . GLU A 1 47  ? -6.670  -13.365 6.194   1.00 23.23 ? 47   GLU A N   1 
ATOM   351  C CA  . GLU A 1 47  ? -5.813  -13.916 7.233   1.00 24.57 ? 47   GLU A CA  1 
ATOM   352  C C   . GLU A 1 47  ? -4.485  -14.401 6.676   1.00 24.05 ? 47   GLU A C   1 
ATOM   353  O O   . GLU A 1 47  ? -3.574  -14.721 7.439   1.00 24.75 ? 47   GLU A O   1 
ATOM   354  C CB  . GLU A 1 47  ? -6.508  -15.078 7.942   1.00 30.11 ? 47   GLU A CB  1 
ATOM   355  C CG  . GLU A 1 47  ? -8.018  -15.028 7.864   1.00 43.28 ? 47   GLU A CG  1 
ATOM   356  C CD  . GLU A 1 47  ? -8.553  -15.776 6.662   1.00 45.83 ? 47   GLU A CD  1 
ATOM   357  O OE1 . GLU A 1 47  ? -8.257  -16.985 6.538   1.00 49.68 ? 47   GLU A OE1 1 
ATOM   358  O OE2 . GLU A 1 47  ? -9.269  -15.155 5.845   1.00 48.51 ? 47   GLU A OE2 1 
ATOM   359  N N   . SER A 1 48  ? -4.369  -14.454 5.352   1.00 20.60 ? 48   SER A N   1 
ATOM   360  C CA  . SER A 1 48  ? -3.133  -14.924 4.740   1.00 18.56 ? 48   SER A CA  1 
ATOM   361  C C   . SER A 1 48  ? -1.952  -13.999 5.025   1.00 19.40 ? 48   SER A C   1 
ATOM   362  O O   . SER A 1 48  ? -2.118  -12.865 5.488   1.00 16.35 ? 48   SER A O   1 
ATOM   363  C CB  . SER A 1 48  ? -3.323  -15.092 3.231   1.00 17.13 ? 48   SER A CB  1 
ATOM   364  O OG  . SER A 1 48  ? -3.516  -13.845 2.596   1.00 18.40 ? 48   SER A OG  1 
ATOM   365  N N   . ASP A 1 49  ? -0.752  -14.493 4.743   1.00 18.28 ? 49   ASP A N   1 
ATOM   366  C CA  . ASP A 1 49  ? 0.460   -13.727 4.975   1.00 16.94 ? 49   ASP A CA  1 
ATOM   367  C C   . ASP A 1 49  ? 0.517   -12.448 4.161   1.00 15.57 ? 49   ASP A C   1 
ATOM   368  O O   . ASP A 1 49  ? -0.145  -12.316 3.131   1.00 16.11 ? 49   ASP A O   1 
ATOM   369  C CB  . ASP A 1 49  ? 1.683   -14.591 4.685   1.00 17.79 ? 49   ASP A CB  1 
ATOM   370  C CG  . ASP A 1 49  ? 1.947   -15.596 5.787   1.00 24.45 ? 49   ASP A CG  1 
ATOM   371  O OD1 . ASP A 1 49  ? 1.235   -15.557 6.820   1.00 23.93 ? 49   ASP A OD1 1 
ATOM   372  O OD2 . ASP A 1 49  ? 2.864   -16.422 5.626   1.00 26.03 ? 49   ASP A OD2 1 
ATOM   373  N N   . ILE A 1 50  ? 1.313   -11.501 4.639   1.00 15.04 ? 50   ILE A N   1 
ATOM   374  C CA  . ILE A 1 50  ? 1.447   -10.218 3.973   1.00 15.12 ? 50   ILE A CA  1 
ATOM   375  C C   . ILE A 1 50  ? 2.892   -9.972  3.561   1.00 14.84 ? 50   ILE A C   1 
ATOM   376  O O   . ILE A 1 50  ? 3.782   -9.846  4.400   1.00 15.96 ? 50   ILE A O   1 
ATOM   377  C CB  . ILE A 1 50  ? 0.957   -9.078  4.894   1.00 14.62 ? 50   ILE A CB  1 
ATOM   378  C CG1 . ILE A 1 50  ? -0.532  -9.282  5.197   1.00 16.30 ? 50   ILE A CG1 1 
ATOM   379  C CG2 . ILE A 1 50  ? 1.201   -7.723  4.237   1.00 12.60 ? 50   ILE A CG2 1 
ATOM   380  C CD1 . ILE A 1 50  ? -1.082  -8.375  6.297   1.00 14.92 ? 50   ILE A CD1 1 
ATOM   381  N N   . VAL A 1 51  ? 3.100   -9.912  2.251   1.00 14.34 ? 51   VAL A N   1 
ATOM   382  C CA  . VAL A 1 51  ? 4.410   -9.694  1.649   1.00 17.07 ? 51   VAL A CA  1 
ATOM   383  C C   . VAL A 1 51  ? 4.876   -8.267  1.891   1.00 16.51 ? 51   VAL A C   1 
ATOM   384  O O   . VAL A 1 51  ? 6.056   -8.010  2.133   1.00 17.60 ? 51   VAL A O   1 
ATOM   385  C CB  . VAL A 1 51  ? 4.338   -9.965  0.117   1.00 18.77 ? 51   VAL A CB  1 
ATOM   386  C CG1 . VAL A 1 51  ? 5.588   -9.467  -0.580  1.00 17.85 ? 51   VAL A CG1 1 
ATOM   387  C CG2 . VAL A 1 51  ? 4.123   -11.459 -0.123  1.00 17.90 ? 51   VAL A CG2 1 
ATOM   388  N N   . PHE A 1 52  ? 3.930   -7.340  1.819   1.00 15.52 ? 52   PHE A N   1 
ATOM   389  C CA  . PHE A 1 52  ? 4.222   -5.931  2.026   1.00 14.38 ? 52   PHE A CA  1 
ATOM   390  C C   . PHE A 1 52  ? 3.013   -5.278  2.707   1.00 14.84 ? 52   PHE A C   1 
ATOM   391  O O   . PHE A 1 52  ? 1.905   -5.281  2.169   1.00 13.79 ? 52   PHE A O   1 
ATOM   392  C CB  . PHE A 1 52  ? 4.515   -5.267  0.672   1.00 16.86 ? 52   PHE A CB  1 
ATOM   393  C CG  . PHE A 1 52  ? 4.793   -3.787  0.751   1.00 17.62 ? 52   PHE A CG  1 
ATOM   394  C CD1 . PHE A 1 52  ? 5.694   -3.278  1.678   1.00 18.72 ? 52   PHE A CD1 1 
ATOM   395  C CD2 . PHE A 1 52  ? 4.153   -2.904  -0.114  1.00 17.85 ? 52   PHE A CD2 1 
ATOM   396  C CE1 . PHE A 1 52  ? 5.955   -1.911  1.742   1.00 18.14 ? 52   PHE A CE1 1 
ATOM   397  C CE2 . PHE A 1 52  ? 4.409   -1.537  -0.057  1.00 18.50 ? 52   PHE A CE2 1 
ATOM   398  C CZ  . PHE A 1 52  ? 5.312   -1.041  0.873   1.00 16.50 ? 52   PHE A CZ  1 
ATOM   399  N N   . HIS A 1 53  ? 3.244   -4.749  3.904   1.00 15.38 ? 53   HIS A N   1 
ATOM   400  C CA  . HIS A 1 53  ? 2.218   -4.066  4.693   1.00 15.22 ? 53   HIS A CA  1 
ATOM   401  C C   . HIS A 1 53  ? 2.653   -2.603  4.721   1.00 14.92 ? 53   HIS A C   1 
ATOM   402  O O   . HIS A 1 53  ? 3.786   -2.289  5.097   1.00 14.08 ? 53   HIS A O   1 
ATOM   403  C CB  . HIS A 1 53  ? 2.174   -4.669  6.108   1.00 16.68 ? 53   HIS A CB  1 
ATOM   404  C CG  . HIS A 1 53  ? 1.580   -3.771  7.157   1.00 17.95 ? 53   HIS A CG  1 
ATOM   405  N ND1 . HIS A 1 53  ? 0.221   -3.571  7.287   1.00 20.63 ? 53   HIS A ND1 1 
ATOM   406  C CD2 . HIS A 1 53  ? 2.158   -3.079  8.169   1.00 19.20 ? 53   HIS A CD2 1 
ATOM   407  C CE1 . HIS A 1 53  ? -0.012  -2.797  8.334   1.00 19.33 ? 53   HIS A CE1 1 
ATOM   408  N NE2 . HIS A 1 53  ? 1.146   -2.486  8.887   1.00 17.93 ? 53   HIS A NE2 1 
ATOM   409  N N   . PHE A 1 54  ? 1.759   -1.721  4.282   1.00 14.25 ? 54   PHE A N   1 
ATOM   410  C CA  . PHE A 1 54  ? 2.022   -0.283  4.233   1.00 15.20 ? 54   PHE A CA  1 
ATOM   411  C C   . PHE A 1 54  ? 0.881   0.426   4.979   1.00 17.36 ? 54   PHE A C   1 
ATOM   412  O O   . PHE A 1 54  ? -0.268  0.410   4.537   1.00 15.00 ? 54   PHE A O   1 
ATOM   413  C CB  . PHE A 1 54  ? 2.077   0.168   2.770   1.00 14.46 ? 54   PHE A CB  1 
ATOM   414  C CG  . PHE A 1 54  ? 2.331   1.635   2.588   1.00 16.34 ? 54   PHE A CG  1 
ATOM   415  C CD1 . PHE A 1 54  ? 3.617   2.153   2.705   1.00 18.26 ? 54   PHE A CD1 1 
ATOM   416  C CD2 . PHE A 1 54  ? 1.285   2.501   2.254   1.00 17.55 ? 54   PHE A CD2 1 
ATOM   417  C CE1 . PHE A 1 54  ? 3.864   3.513   2.490   1.00 18.05 ? 54   PHE A CE1 1 
ATOM   418  C CE2 . PHE A 1 54  ? 1.520   3.863   2.035   1.00 17.38 ? 54   PHE A CE2 1 
ATOM   419  C CZ  . PHE A 1 54  ? 2.812   4.369   2.153   1.00 18.44 ? 54   PHE A CZ  1 
ATOM   420  N N   . GLN A 1 55  ? 1.200   1.028   6.118   1.00 15.64 ? 55   GLN A N   1 
ATOM   421  C CA  . GLN A 1 55  ? 0.182   1.697   6.911   1.00 16.45 ? 55   GLN A CA  1 
ATOM   422  C C   . GLN A 1 55  ? 0.541   3.138   7.194   1.00 16.75 ? 55   GLN A C   1 
ATOM   423  O O   . GLN A 1 55  ? 1.619   3.433   7.712   1.00 17.75 ? 55   GLN A O   1 
ATOM   424  C CB  . GLN A 1 55  ? -0.020  0.952   8.219   1.00 17.04 ? 55   GLN A CB  1 
ATOM   425  C CG  . GLN A 1 55  ? -1.192  1.464   9.029   1.00 24.11 ? 55   GLN A CG  1 
ATOM   426  C CD  . GLN A 1 55  ? -1.168  0.928   10.435  1.00 26.42 ? 55   GLN A CD  1 
ATOM   427  O OE1 . GLN A 1 55  ? -0.466  1.454   11.296  1.00 32.93 ? 55   GLN A OE1 1 
ATOM   428  N NE2 . GLN A 1 55  ? -1.926  -0.132  10.679  1.00 29.15 ? 55   GLN A NE2 1 
ATOM   429  N N   . VAL A 1 56  ? -0.377  4.031   6.853   1.00 18.69 ? 56   VAL A N   1 
ATOM   430  C CA  . VAL A 1 56  ? -0.179  5.462   7.043   1.00 20.71 ? 56   VAL A CA  1 
ATOM   431  C C   . VAL A 1 56  ? -1.070  6.031   8.138   1.00 20.29 ? 56   VAL A C   1 
ATOM   432  O O   . VAL A 1 56  ? -2.278  5.817   8.123   1.00 19.81 ? 56   VAL A O   1 
ATOM   433  C CB  . VAL A 1 56  ? -0.515  6.257   5.752   1.00 21.88 ? 56   VAL A CB  1 
ATOM   434  C CG1 . VAL A 1 56  ? -0.207  7.742   5.956   1.00 21.97 ? 56   VAL A CG1 1 
ATOM   435  C CG2 . VAL A 1 56  ? 0.255   5.696   4.569   1.00 22.06 ? 56   VAL A CG2 1 
ATOM   436  N N   . CYS A 1 57  ? -0.469  6.727   9.097   1.00 22.13 ? 57   CYS A N   1 
ATOM   437  C CA  . CYS A 1 57  ? -1.249  7.403   10.131  1.00 22.93 ? 57   CYS A CA  1 
ATOM   438  C C   . CYS A 1 57  ? -1.057  8.844   9.693   1.00 19.41 ? 57   CYS A C   1 
ATOM   439  O O   . CYS A 1 57  ? -0.062  9.476   10.037  1.00 20.40 ? 57   CYS A O   1 
ATOM   440  C CB  . CYS A 1 57  ? -0.664  7.211   11.524  1.00 26.47 ? 57   CYS A CB  1 
ATOM   441  S SG  . CYS A 1 57  ? -1.660  8.071   12.788  1.00 45.26 ? 57   CYS A SG  1 
ATOM   442  N N   . PHE A 1 58  ? -1.995  9.340   8.896   1.00 22.55 ? 58   PHE A N   1 
ATOM   443  C CA  . PHE A 1 58  ? -1.911  10.690  8.346   1.00 24.33 ? 58   PHE A CA  1 
ATOM   444  C C   . PHE A 1 58  ? -1.482  11.743  9.343   1.00 25.17 ? 58   PHE A C   1 
ATOM   445  O O   . PHE A 1 58  ? -2.068  11.876  10.418  1.00 24.05 ? 58   PHE A O   1 
ATOM   446  C CB  . PHE A 1 58  ? -3.240  11.087  7.704   1.00 19.24 ? 58   PHE A CB  1 
ATOM   447  C CG  . PHE A 1 58  ? -3.565  10.301  6.464   1.00 23.60 ? 58   PHE A CG  1 
ATOM   448  C CD1 . PHE A 1 58  ? -2.901  10.560  5.266   1.00 21.32 ? 58   PHE A CD1 1 
ATOM   449  C CD2 . PHE A 1 58  ? -4.535  9.302   6.490   1.00 19.17 ? 58   PHE A CD2 1 
ATOM   450  C CE1 . PHE A 1 58  ? -3.201  9.836   4.112   1.00 22.39 ? 58   PHE A CE1 1 
ATOM   451  C CE2 . PHE A 1 58  ? -4.842  8.574   5.346   1.00 21.50 ? 58   PHE A CE2 1 
ATOM   452  C CZ  . PHE A 1 58  ? -4.173  8.841   4.151   1.00 21.53 ? 58   PHE A CZ  1 
ATOM   453  N N   . GLY A 1 59  ? -0.443  12.479  8.963   1.00 26.41 ? 59   GLY A N   1 
ATOM   454  C CA  . GLY A 1 59  ? 0.080   13.535  9.805   1.00 27.77 ? 59   GLY A CA  1 
ATOM   455  C C   . GLY A 1 59  ? 1.022   13.051  10.887  1.00 30.33 ? 59   GLY A C   1 
ATOM   456  O O   . GLY A 1 59  ? 1.671   13.864  11.536  1.00 32.34 ? 59   GLY A O   1 
ATOM   457  N N   . ARG A 1 60  ? 1.116   11.738  11.084  1.00 30.36 ? 60   ARG A N   1 
ATOM   458  C CA  . ARG A 1 60  ? 1.987   11.202  12.124  1.00 32.10 ? 60   ARG A CA  1 
ATOM   459  C C   . ARG A 1 60  ? 3.179   10.398  11.618  1.00 33.63 ? 60   ARG A C   1 
ATOM   460  O O   . ARG A 1 60  ? 4.311   10.881  11.632  1.00 35.36 ? 60   ARG A O   1 
ATOM   461  C CB  . ARG A 1 60  ? 1.178   10.340  13.088  1.00 36.82 ? 60   ARG A CB  1 
ATOM   462  C CG  . ARG A 1 60  ? 1.302   10.764  14.538  1.00 46.32 ? 60   ARG A CG  1 
ATOM   463  C CD  . ARG A 1 60  ? -0.057  11.111  15.128  1.00 54.98 ? 60   ARG A CD  1 
ATOM   464  N NE  . ARG A 1 60  ? -0.978  11.630  14.118  1.00 61.54 ? 60   ARG A NE  1 
ATOM   465  C CZ  . ARG A 1 60  ? -1.423  12.885  14.086  1.00 63.49 ? 60   ARG A CZ  1 
ATOM   466  N NH1 . ARG A 1 60  ? -1.030  13.751  15.011  1.00 63.53 ? 60   ARG A NH1 1 
ATOM   467  N NH2 . ARG A 1 60  ? -2.264  13.273  13.130  1.00 59.26 ? 60   ARG A NH2 1 
ATOM   468  N N   . ARG A 1 61  ? 2.935   9.169   11.175  1.00 31.52 ? 61   ARG A N   1 
ATOM   469  C CA  . ARG A 1 61  ? 4.022   8.328   10.690  1.00 28.66 ? 61   ARG A CA  1 
ATOM   470  C C   . ARG A 1 61  ? 3.555   7.273   9.700   1.00 28.11 ? 61   ARG A C   1 
ATOM   471  O O   . ARG A 1 61  ? 2.358   7.121   9.446   1.00 24.49 ? 61   ARG A O   1 
ATOM   472  C CB  . ARG A 1 61  ? 4.691   7.622   11.865  1.00 30.71 ? 61   ARG A CB  1 
ATOM   473  C CG  . ARG A 1 61  ? 3.797   6.598   12.534  1.00 33.62 ? 61   ARG A CG  1 
ATOM   474  C CD  . ARG A 1 61  ? 4.286   6.251   13.926  1.00 41.69 ? 61   ARG A CD  1 
ATOM   475  N NE  . ARG A 1 61  ? 3.953   4.878   14.301  1.00 48.54 ? 61   ARG A NE  1 
ATOM   476  C CZ  . ARG A 1 61  ? 2.717   4.380   14.330  1.00 53.54 ? 61   ARG A CZ  1 
ATOM   477  N NH1 . ARG A 1 61  ? 1.677   5.142   14.002  1.00 54.94 ? 61   ARG A NH1 1 
ATOM   478  N NH2 . ARG A 1 61  ? 2.518   3.116   14.689  1.00 53.19 ? 61   ARG A NH2 1 
ATOM   479  N N   . VAL A 1 62  ? 4.522   6.551   9.146   1.00 25.73 ? 62   VAL A N   1 
ATOM   480  C CA  . VAL A 1 62  ? 4.252   5.474   8.205   1.00 23.11 ? 62   VAL A CA  1 
ATOM   481  C C   . VAL A 1 62  ? 4.993   4.250   8.720   1.00 22.96 ? 62   VAL A C   1 
ATOM   482  O O   . VAL A 1 62  ? 6.152   4.343   9.123   1.00 22.00 ? 62   VAL A O   1 
ATOM   483  C CB  . VAL A 1 62  ? 4.755   5.806   6.782   1.00 23.60 ? 62   VAL A CB  1 
ATOM   484  C CG1 . VAL A 1 62  ? 4.793   4.538   5.935   1.00 25.88 ? 62   VAL A CG1 1 
ATOM   485  C CG2 . VAL A 1 62  ? 3.840   6.827   6.132   1.00 24.25 ? 62   VAL A CG2 1 
ATOM   486  N N   . VAL A 1 63  ? 4.312   3.113   8.731   1.00 21.14 ? 63   VAL A N   1 
ATOM   487  C CA  . VAL A 1 63  ? 4.914   1.873   9.187   1.00 19.86 ? 63   VAL A CA  1 
ATOM   488  C C   . VAL A 1 63  ? 4.838   0.860   8.050   1.00 21.65 ? 63   VAL A C   1 
ATOM   489  O O   . VAL A 1 63  ? 3.840   0.800   7.322   1.00 19.35 ? 63   VAL A O   1 
ATOM   490  C CB  . VAL A 1 63  ? 4.175   1.319   10.409  1.00 19.17 ? 63   VAL A CB  1 
ATOM   491  C CG1 . VAL A 1 63  ? 4.547   -0.134  10.638  1.00 25.77 ? 63   VAL A CG1 1 
ATOM   492  C CG2 . VAL A 1 63  ? 4.529   2.141   11.624  1.00 22.81 ? 63   VAL A CG2 1 
ATOM   493  N N   . MET A 1 64  ? 5.909   0.088   7.891   1.00 21.75 ? 64   MET A N   1 
ATOM   494  C CA  . MET A 1 64  ? 5.980   -0.944  6.858   1.00 21.46 ? 64   MET A CA  1 
ATOM   495  C C   . MET A 1 64  ? 6.480   -2.218  7.515   1.00 22.20 ? 64   MET A C   1 
ATOM   496  O O   . MET A 1 64  ? 7.300   -2.169  8.433   1.00 22.82 ? 64   MET A O   1 
ATOM   497  C CB  . MET A 1 64  ? 6.922   -0.520  5.732   1.00 19.85 ? 64   MET A CB  1 
ATOM   498  C CG  . MET A 1 64  ? 6.293   0.499   4.798   1.00 20.03 ? 64   MET A CG  1 
ATOM   499  S SD  . MET A 1 64  ? 7.482   1.307   3.727   1.00 23.73 ? 64   MET A SD  1 
ATOM   500  C CE  . MET A 1 64  ? 8.530   2.148   4.924   1.00 24.65 ? 64   MET A CE  1 
ATOM   501  N N   . ASN A 1 65  ? 5.981   -3.357  7.047   1.00 20.49 ? 65   ASN A N   1 
ATOM   502  C CA  . ASN A 1 65  ? 6.356   -4.640  7.624   1.00 19.11 ? 65   ASN A CA  1 
ATOM   503  C C   . ASN A 1 65  ? 5.854   -5.755  6.714   1.00 16.59 ? 65   ASN A C   1 
ATOM   504  O O   . ASN A 1 65  ? 5.417   -5.506  5.591   1.00 17.85 ? 65   ASN A O   1 
ATOM   505  C CB  . ASN A 1 65  ? 5.698   -4.772  9.007   1.00 19.89 ? 65   ASN A CB  1 
ATOM   506  C CG  . ASN A 1 65  ? 6.473   -5.671  9.949   1.00 25.03 ? 65   ASN A CG  1 
ATOM   507  O OD1 . ASN A 1 65  ? 7.403   -6.369  9.541   1.00 22.81 ? 65   ASN A OD1 1 
ATOM   508  N ND2 . ASN A 1 65  ? 6.089   -5.658  11.223  1.00 22.89 ? 65   ASN A ND2 1 
ATOM   509  N N   . SER A 1 66  ? 5.928   -6.982  7.211   1.00 15.27 ? 66   SER A N   1 
ATOM   510  C CA  . SER A 1 66  ? 5.435   -8.148  6.500   1.00 16.03 ? 66   SER A CA  1 
ATOM   511  C C   . SER A 1 66  ? 4.937   -9.103  7.578   1.00 16.74 ? 66   SER A C   1 
ATOM   512  O O   . SER A 1 66  ? 5.395   -9.060  8.721   1.00 19.68 ? 66   SER A O   1 
ATOM   513  C CB  . SER A 1 66  ? 6.553   -8.814  5.671   1.00 17.86 ? 66   SER A CB  1 
ATOM   514  O OG  . SER A 1 66  ? 7.647   -9.222  6.480   1.00 17.62 ? 66   SER A OG  1 
ATOM   515  N N   . ARG A 1 67  ? 3.964   -9.930  7.238   1.00 15.12 ? 67   ARG A N   1 
ATOM   516  C CA  . ARG A 1 67  ? 3.470   -10.897 8.196   1.00 15.66 ? 67   ARG A CA  1 
ATOM   517  C C   . ARG A 1 67  ? 3.795   -12.224 7.550   1.00 17.69 ? 67   ARG A C   1 
ATOM   518  O O   . ARG A 1 67  ? 3.236   -12.559 6.508   1.00 17.47 ? 67   ARG A O   1 
ATOM   519  C CB  . ARG A 1 67  ? 1.962   -10.759 8.398   1.00 15.44 ? 67   ARG A CB  1 
ATOM   520  C CG  . ARG A 1 67  ? 1.424   -11.665 9.493   1.00 15.06 ? 67   ARG A CG  1 
ATOM   521  C CD  . ARG A 1 67  ? 0.029   -11.243 9.926   1.00 17.68 ? 67   ARG A CD  1 
ATOM   522  N NE  . ARG A 1 67  ? -0.972  -11.544 8.906   1.00 18.16 ? 67   ARG A NE  1 
ATOM   523  C CZ  . ARG A 1 67  ? -2.150  -10.936 8.810   1.00 16.47 ? 67   ARG A CZ  1 
ATOM   524  N NH1 . ARG A 1 67  ? -2.476  -9.988  9.676   1.00 19.35 ? 67   ARG A NH1 1 
ATOM   525  N NH2 . ARG A 1 67  ? -2.998  -11.275 7.849   1.00 14.12 ? 67   ARG A NH2 1 
ATOM   526  N N   . GLU A 1 68  ? 4.715   -12.969 8.154   1.00 17.92 ? 68   GLU A N   1 
ATOM   527  C CA  . GLU A 1 68  ? 5.133   -14.245 7.595   1.00 19.54 ? 68   GLU A CA  1 
ATOM   528  C C   . GLU A 1 68  ? 4.795   -15.398 8.506   1.00 21.01 ? 68   GLU A C   1 
ATOM   529  O O   . GLU A 1 68  ? 5.188   -15.424 9.670   1.00 22.98 ? 68   GLU A O   1 
ATOM   530  C CB  . GLU A 1 68  ? 6.627   -14.197 7.306   1.00 21.30 ? 68   GLU A CB  1 
ATOM   531  C CG  . GLU A 1 68  ? 6.993   -13.008 6.435   1.00 20.81 ? 68   GLU A CG  1 
ATOM   532  C CD  . GLU A 1 68  ? 8.480   -12.814 6.301   1.00 24.76 ? 68   GLU A CD  1 
ATOM   533  O OE1 . GLU A 1 68  ? 9.225   -13.810 6.427   1.00 27.56 ? 68   GLU A OE1 1 
ATOM   534  O OE2 . GLU A 1 68  ? 8.905   -11.664 6.069   1.00 22.87 ? 68   GLU A OE2 1 
ATOM   535  N N   . TYR A 1 69  ? 4.060   -16.355 7.953   1.00 19.91 ? 69   TYR A N   1 
ATOM   536  C CA  . TYR A 1 69  ? 3.605   -17.512 8.701   1.00 22.51 ? 69   TYR A CA  1 
ATOM   537  C C   . TYR A 1 69  ? 2.860   -17.050 9.947   1.00 24.94 ? 69   TYR A C   1 
ATOM   538  O O   . TYR A 1 69  ? 3.067   -17.562 11.048  1.00 23.53 ? 69   TYR A O   1 
ATOM   539  C CB  . TYR A 1 69  ? 4.785   -18.425 9.044   1.00 23.99 ? 69   TYR A CB  1 
ATOM   540  C CG  . TYR A 1 69  ? 5.123   -19.294 7.861   1.00 28.44 ? 69   TYR A CG  1 
ATOM   541  C CD1 . TYR A 1 69  ? 4.313   -20.378 7.532   1.00 32.18 ? 69   TYR A CD1 1 
ATOM   542  C CD2 . TYR A 1 69  ? 6.170   -18.961 6.992   1.00 33.56 ? 69   TYR A CD2 1 
ATOM   543  C CE1 . TYR A 1 69  ? 4.517   -21.103 6.370   1.00 35.80 ? 69   TYR A CE1 1 
ATOM   544  C CE2 . TYR A 1 69  ? 6.388   -19.685 5.815   1.00 32.82 ? 69   TYR A CE2 1 
ATOM   545  C CZ  . TYR A 1 69  ? 5.548   -20.751 5.514   1.00 35.64 ? 69   TYR A CZ  1 
ATOM   546  O OH  . TYR A 1 69  ? 5.693   -21.458 4.349   1.00 42.00 ? 69   TYR A OH  1 
ATOM   547  N N   . GLY A 1 70  ? 1.991   -16.059 9.742   1.00 23.19 ? 70   GLY A N   1 
ATOM   548  C CA  . GLY A 1 70  ? 1.180   -15.520 10.815  1.00 22.79 ? 70   GLY A CA  1 
ATOM   549  C C   . GLY A 1 70  ? 1.871   -14.588 11.788  1.00 25.70 ? 70   GLY A C   1 
ATOM   550  O O   . GLY A 1 70  ? 1.232   -14.109 12.726  1.00 28.69 ? 70   GLY A O   1 
ATOM   551  N N   . ALA A 1 71  ? 3.157   -14.311 11.579  1.00 23.78 ? 71   ALA A N   1 
ATOM   552  C CA  . ALA A 1 71  ? 3.895   -13.441 12.487  1.00 25.34 ? 71   ALA A CA  1 
ATOM   553  C C   . ALA A 1 71  ? 4.447   -12.168 11.852  1.00 26.70 ? 71   ALA A C   1 
ATOM   554  O O   . ALA A 1 71  ? 5.056   -12.203 10.782  1.00 25.22 ? 71   ALA A O   1 
ATOM   555  C CB  . ALA A 1 71  ? 5.033   -14.222 13.132  1.00 24.73 ? 71   ALA A CB  1 
ATOM   556  N N   . TRP A 1 72  ? 4.238   -11.039 12.527  1.00 27.33 ? 72   TRP A N   1 
ATOM   557  C CA  . TRP A 1 72  ? 4.745   -9.762  12.039  1.00 27.23 ? 72   TRP A CA  1 
ATOM   558  C C   . TRP A 1 72  ? 6.258   -9.810  12.201  1.00 29.24 ? 72   TRP A C   1 
ATOM   559  O O   . TRP A 1 72  ? 6.762   -10.367 13.176  1.00 32.18 ? 72   TRP A O   1 
ATOM   560  C CB  . TRP A 1 72  ? 4.164   -8.600  12.858  1.00 25.05 ? 72   TRP A CB  1 
ATOM   561  C CG  . TRP A 1 72  ? 2.726   -8.324  12.554  1.00 25.07 ? 72   TRP A CG  1 
ATOM   562  C CD1 . TRP A 1 72  ? 1.653   -8.645  13.327  1.00 26.43 ? 72   TRP A CD1 1 
ATOM   563  C CD2 . TRP A 1 72  ? 2.199   -7.720  11.368  1.00 25.45 ? 72   TRP A CD2 1 
ATOM   564  N NE1 . TRP A 1 72  ? 0.486   -8.281  12.697  1.00 27.36 ? 72   TRP A NE1 1 
ATOM   565  C CE2 . TRP A 1 72  ? 0.792   -7.711  11.492  1.00 26.15 ? 72   TRP A CE2 1 
ATOM   566  C CE3 . TRP A 1 72  ? 2.778   -7.185  10.210  1.00 26.82 ? 72   TRP A CE3 1 
ATOM   567  C CZ2 . TRP A 1 72  ? -0.048  -7.189  10.504  1.00 26.31 ? 72   TRP A CZ2 1 
ATOM   568  C CZ3 . TRP A 1 72  ? 1.941   -6.664  9.223   1.00 28.42 ? 72   TRP A CZ3 1 
ATOM   569  C CH2 . TRP A 1 72  ? 0.542   -6.674  9.379   1.00 27.29 ? 72   TRP A CH2 1 
ATOM   570  N N   . LYS A 1 73  ? 6.987   -9.243  11.250  1.00 28.38 ? 73   LYS A N   1 
ATOM   571  C CA  . LYS A 1 73  ? 8.441   -9.249  11.331  1.00 28.53 ? 73   LYS A CA  1 
ATOM   572  C C   . LYS A 1 73  ? 8.964   -7.906  11.798  1.00 29.34 ? 73   LYS A C   1 
ATOM   573  O O   . LYS A 1 73  ? 8.280   -7.178  12.514  1.00 28.45 ? 73   LYS A O   1 
ATOM   574  C CB  . LYS A 1 73  ? 9.045   -9.585  9.970   1.00 31.34 ? 73   LYS A CB  1 
ATOM   575  C CG  . LYS A 1 73  ? 8.643   -10.946 9.457   1.00 36.84 ? 73   LYS A CG  1 
ATOM   576  C CD  . LYS A 1 73  ? 9.359   -12.039 10.213  1.00 42.70 ? 73   LYS A CD  1 
ATOM   577  C CE  . LYS A 1 73  ? 8.376   -13.065 10.728  1.00 47.87 ? 73   LYS A CE  1 
ATOM   578  N NZ  . LYS A 1 73  ? 9.025   -13.957 11.724  1.00 54.39 ? 73   LYS A NZ  1 
ATOM   579  N N   . GLN A 1 74  ? 10.181  -7.579  11.384  1.00 29.61 ? 74   GLN A N   1 
ATOM   580  C CA  . GLN A 1 74  ? 10.802  -6.324  11.765  1.00 33.26 ? 74   GLN A CA  1 
ATOM   581  C C   . GLN A 1 74  ? 10.090  -5.136  11.129  1.00 31.83 ? 74   GLN A C   1 
ATOM   582  O O   . GLN A 1 74  ? 10.132  -4.938  9.918   1.00 30.80 ? 74   GLN A O   1 
ATOM   583  C CB  . GLN A 1 74  ? 12.276  -6.329  11.359  1.00 39.55 ? 74   GLN A CB  1 
ATOM   584  C CG  . GLN A 1 74  ? 13.207  -5.825  12.444  1.00 50.00 ? 74   GLN A CG  1 
ATOM   585  C CD  . GLN A 1 74  ? 13.620  -4.382  12.225  1.00 57.47 ? 74   GLN A CD  1 
ATOM   586  O OE1 . GLN A 1 74  ? 13.587  -3.876  11.098  1.00 60.31 ? 74   GLN A OE1 1 
ATOM   587  N NE2 . GLN A 1 74  ? 14.011  -3.707  13.305  1.00 60.58 ? 74   GLN A NE2 1 
ATOM   588  N N   . GLN A 1 75  ? 9.438   -4.343  11.964  1.00 32.30 ? 75   GLN A N   1 
ATOM   589  C CA  . GLN A 1 75  ? 8.715   -3.173  11.496  1.00 31.72 ? 75   GLN A CA  1 
ATOM   590  C C   . GLN A 1 75  ? 9.655   -2.023  11.125  1.00 30.03 ? 75   GLN A C   1 
ATOM   591  O O   . GLN A 1 75  ? 10.651  -1.781  11.799  1.00 31.15 ? 75   GLN A O   1 
ATOM   592  C CB  . GLN A 1 75  ? 7.743   -2.727  12.582  1.00 33.43 ? 75   GLN A CB  1 
ATOM   593  C CG  . GLN A 1 75  ? 7.112   -1.387  12.336  1.00 40.81 ? 75   GLN A CG  1 
ATOM   594  C CD  . GLN A 1 75  ? 6.387   -0.880  13.557  1.00 44.04 ? 75   GLN A CD  1 
ATOM   595  O OE1 . GLN A 1 75  ? 5.348   -1.420  13.948  1.00 45.49 ? 75   GLN A OE1 1 
ATOM   596  N NE2 . GLN A 1 75  ? 6.932   0.162   14.175  1.00 46.06 ? 75   GLN A NE2 1 
ATOM   597  N N   . VAL A 1 76  ? 9.345   -1.330  10.036  1.00 28.86 ? 76   VAL A N   1 
ATOM   598  C CA  . VAL A 1 76  ? 10.146  -0.191  9.598   1.00 29.78 ? 76   VAL A CA  1 
ATOM   599  C C   . VAL A 1 76  ? 9.254   1.037   9.755   1.00 35.00 ? 76   VAL A C   1 
ATOM   600  O O   . VAL A 1 76  ? 8.096   1.031   9.331   1.00 35.62 ? 76   VAL A O   1 
ATOM   601  C CB  . VAL A 1 76  ? 10.571  -0.327  8.127   1.00 28.38 ? 76   VAL A CB  1 
ATOM   602  C CG1 . VAL A 1 76  ? 11.200  0.963   7.643   1.00 29.39 ? 76   VAL A CG1 1 
ATOM   603  C CG2 . VAL A 1 76  ? 11.548  -1.464  7.985   1.00 30.03 ? 76   VAL A CG2 1 
ATOM   604  N N   . GLU A 1 77  ? 9.790   2.085   10.373  1.00 35.62 ? 77   GLU A N   1 
ATOM   605  C CA  . GLU A 1 77  ? 9.021   3.299   10.601  1.00 35.79 ? 77   GLU A CA  1 
ATOM   606  C C   . GLU A 1 77  ? 9.623   4.523   9.920   1.00 35.01 ? 77   GLU A C   1 
ATOM   607  O O   . GLU A 1 77  ? 10.836  4.713   9.926   1.00 38.19 ? 77   GLU A O   1 
ATOM   608  C CB  . GLU A 1 77  ? 8.908   3.554   12.107  1.00 40.02 ? 77   GLU A CB  1 
ATOM   609  C CG  . GLU A 1 77  ? 7.766   4.473   12.501  1.00 50.70 ? 77   GLU A CG  1 
ATOM   610  C CD  . GLU A 1 77  ? 7.989   5.144   13.844  1.00 56.14 ? 77   GLU A CD  1 
ATOM   611  O OE1 . GLU A 1 77  ? 8.766   6.123   13.900  1.00 60.48 ? 77   GLU A OE1 1 
ATOM   612  O OE2 . GLU A 1 77  ? 7.385   4.692   14.843  1.00 56.91 ? 77   GLU A OE2 1 
ATOM   613  N N   . SER A 1 78  ? 8.771   5.350   9.326   1.00 32.12 ? 78   SER A N   1 
ATOM   614  C CA  . SER A 1 78  ? 9.237   6.564   8.672   1.00 30.95 ? 78   SER A CA  1 
ATOM   615  C C   . SER A 1 78  ? 8.385   7.749   9.117   1.00 33.22 ? 78   SER A C   1 
ATOM   616  O O   . SER A 1 78  ? 7.177   7.616   9.315   1.00 32.55 ? 78   SER A O   1 
ATOM   617  C CB  . SER A 1 78  ? 9.160   6.421   7.157   1.00 30.70 ? 78   SER A CB  1 
ATOM   618  O OG  . SER A 1 78  ? 9.351   7.676   6.527   1.00 31.02 ? 78   SER A OG  1 
ATOM   619  N N   . LYS A 1 79  ? 9.021   8.905   9.279   1.00 33.94 ? 79   LYS A N   1 
ATOM   620  C CA  . LYS A 1 79  ? 8.321   10.115  9.699   1.00 35.41 ? 79   LYS A CA  1 
ATOM   621  C C   . LYS A 1 79  ? 8.038   11.009  8.494   1.00 34.21 ? 79   LYS A C   1 
ATOM   622  O O   . LYS A 1 79  ? 7.401   12.057  8.613   1.00 34.11 ? 79   LYS A O   1 
ATOM   623  C CB  . LYS A 1 79  ? 9.158   10.871  10.729  1.00 39.40 ? 79   LYS A CB  1 
ATOM   624  C CG  . LYS A 1 79  ? 8.458   11.075  12.062  1.00 48.70 ? 79   LYS A CG  1 
ATOM   625  C CD  . LYS A 1 79  ? 8.323   9.777   12.844  1.00 53.43 ? 79   LYS A CD  1 
ATOM   626  C CE  . LYS A 1 79  ? 7.541   9.999   14.136  1.00 58.03 ? 79   LYS A CE  1 
ATOM   627  N NZ  . LYS A 1 79  ? 7.959   11.253  14.841  1.00 61.36 ? 79   LYS A NZ  1 
ATOM   628  N N   . ASN A 1 80  ? 8.520   10.585  7.333   1.00 30.76 ? 80   ASN A N   1 
ATOM   629  C CA  . ASN A 1 80  ? 8.314   11.332  6.105   1.00 30.47 ? 80   ASN A CA  1 
ATOM   630  C C   . ASN A 1 80  ? 6.812   11.397  5.853   1.00 30.83 ? 80   ASN A C   1 
ATOM   631  O O   . ASN A 1 80  ? 6.149   10.366  5.805   1.00 29.71 ? 80   ASN A O   1 
ATOM   632  C CB  . ASN A 1 80  ? 9.014   10.620  4.957   1.00 33.76 ? 80   ASN A CB  1 
ATOM   633  C CG  . ASN A 1 80  ? 9.047   11.448  3.707   1.00 38.10 ? 80   ASN A CG  1 
ATOM   634  O OD1 . ASN A 1 80  ? 8.747   12.642  3.738   1.00 39.64 ? 80   ASN A OD1 1 
ATOM   635  N ND2 . ASN A 1 80  ? 9.409   10.822  2.592   1.00 41.10 ? 80   ASN A ND2 1 
ATOM   636  N N   . MET A 1 81  ? 6.273   12.600  5.685   1.00 30.72 ? 81   MET A N   1 
ATOM   637  C CA  . MET A 1 81  ? 4.833   12.745  5.491   1.00 30.42 ? 81   MET A CA  1 
ATOM   638  C C   . MET A 1 81  ? 4.434   13.679  4.354   1.00 31.65 ? 81   MET A C   1 
ATOM   639  O O   . MET A 1 81  ? 4.027   14.816  4.582   1.00 33.15 ? 81   MET A O   1 
ATOM   640  C CB  . MET A 1 81  ? 4.196   13.225  6.802   1.00 30.34 ? 81   MET A CB  1 
ATOM   641  C CG  . MET A 1 81  ? 2.678   13.308  6.785   1.00 28.11 ? 81   MET A CG  1 
ATOM   642  S SD  . MET A 1 81  ? 1.848   11.709  6.607   1.00 28.07 ? 81   MET A SD  1 
ATOM   643  C CE  . MET A 1 81  ? 2.686   10.736  7.855   1.00 23.92 ? 81   MET A CE  1 
ATOM   644  N N   . PRO A 1 82  ? 4.526   13.200  3.107   1.00 32.00 ? 82   PRO A N   1 
ATOM   645  C CA  . PRO A 1 82  ? 4.166   14.020  1.946   1.00 31.37 ? 82   PRO A CA  1 
ATOM   646  C C   . PRO A 1 82  ? 2.664   14.255  1.745   1.00 31.33 ? 82   PRO A C   1 
ATOM   647  O O   . PRO A 1 82  ? 2.272   15.124  0.967   1.00 31.95 ? 82   PRO A O   1 
ATOM   648  C CB  . PRO A 1 82  ? 4.783   13.263  0.774   1.00 32.39 ? 82   PRO A CB  1 
ATOM   649  C CG  . PRO A 1 82  ? 4.785   11.835  1.223   1.00 31.41 ? 82   PRO A CG  1 
ATOM   650  C CD  . PRO A 1 82  ? 5.002   11.861  2.715   1.00 31.77 ? 82   PRO A CD  1 
ATOM   651  N N   . PHE A 1 83  ? 1.826   13.485  2.431   1.00 27.50 ? 83   PHE A N   1 
ATOM   652  C CA  . PHE A 1 83  ? 0.380   13.641  2.285   1.00 27.91 ? 83   PHE A CA  1 
ATOM   653  C C   . PHE A 1 83  ? -0.106  14.993  2.808   1.00 29.08 ? 83   PHE A C   1 
ATOM   654  O O   . PHE A 1 83  ? 0.407   15.508  3.803   1.00 28.20 ? 83   PHE A O   1 
ATOM   655  C CB  . PHE A 1 83  ? -0.354  12.518  3.016   1.00 24.17 ? 83   PHE A CB  1 
ATOM   656  C CG  . PHE A 1 83  ? -0.081  11.154  2.459   1.00 22.41 ? 83   PHE A CG  1 
ATOM   657  C CD1 . PHE A 1 83  ? -0.845  10.651  1.414   1.00 22.29 ? 83   PHE A CD1 1 
ATOM   658  C CD2 . PHE A 1 83  ? 0.925   10.357  3.000   1.00 21.44 ? 83   PHE A CD2 1 
ATOM   659  C CE1 . PHE A 1 83  ? -0.616  9.371   0.914   1.00 23.99 ? 83   PHE A CE1 1 
ATOM   660  C CE2 . PHE A 1 83  ? 1.167   9.071   2.508   1.00 21.73 ? 83   PHE A CE2 1 
ATOM   661  C CZ  . PHE A 1 83  ? 0.394   8.578   1.465   1.00 21.85 ? 83   PHE A CZ  1 
ATOM   662  N N   . GLN A 1 84  ? -1.106  15.549  2.126   1.00 32.84 ? 84   GLN A N   1 
ATOM   663  C CA  . GLN A 1 84  ? -1.691  16.844  2.475   1.00 33.42 ? 84   GLN A CA  1 
ATOM   664  C C   . GLN A 1 84  ? -3.087  16.724  3.085   1.00 32.08 ? 84   GLN A C   1 
ATOM   665  O O   . GLN A 1 84  ? -3.956  16.037  2.551   1.00 31.10 ? 84   GLN A O   1 
ATOM   666  C CB  . GLN A 1 84  ? -1.765  17.727  1.229   1.00 38.45 ? 84   GLN A CB  1 
ATOM   667  C CG  . GLN A 1 84  ? -0.418  18.037  0.611   1.00 46.11 ? 84   GLN A CG  1 
ATOM   668  C CD  . GLN A 1 84  ? 0.540   18.646  1.616   1.00 53.21 ? 84   GLN A CD  1 
ATOM   669  O OE1 . GLN A 1 84  ? 0.355   19.785  2.057   1.00 57.69 ? 84   GLN A OE1 1 
ATOM   670  N NE2 . GLN A 1 84  ? 1.568   17.889  1.991   1.00 56.67 ? 84   GLN A NE2 1 
ATOM   671  N N   . ASP A 1 85  ? -3.291  17.414  4.202   1.00 33.39 ? 85   ASP A N   1 
ATOM   672  C CA  . ASP A 1 85  ? -4.572  17.413  4.905   1.00 32.88 ? 85   ASP A CA  1 
ATOM   673  C C   . ASP A 1 85  ? -5.746  17.736  3.979   1.00 32.53 ? 85   ASP A C   1 
ATOM   674  O O   . ASP A 1 85  ? -5.694  18.689  3.204   1.00 32.50 ? 85   ASP A O   1 
ATOM   675  C CB  . ASP A 1 85  ? -4.527  18.431  6.044   1.00 33.91 ? 85   ASP A CB  1 
ATOM   676  C CG  . ASP A 1 85  ? -5.572  18.167  7.112   1.00 34.98 ? 85   ASP A CG  1 
ATOM   677  O OD1 . ASP A 1 85  ? -6.570  17.471  6.836   1.00 35.61 ? 85   ASP A OD1 1 
ATOM   678  O OD2 . ASP A 1 85  ? -5.386  18.666  8.238   1.00 38.82 ? 85   ASP A OD2 1 
ATOM   679  N N   . GLY A 1 86  ? -6.795  16.926  4.065   1.00 33.12 ? 86   GLY A N   1 
ATOM   680  C CA  . GLY A 1 86  ? -7.983  17.134  3.253   1.00 34.69 ? 86   GLY A CA  1 
ATOM   681  C C   . GLY A 1 86  ? -7.783  17.160  1.751   1.00 38.08 ? 86   GLY A C   1 
ATOM   682  O O   . GLY A 1 86  ? -8.577  17.765  1.026   1.00 39.15 ? 86   GLY A O   1 
ATOM   683  N N   . GLN A 1 87  ? -6.737  16.493  1.274   1.00 37.83 ? 87   GLN A N   1 
ATOM   684  C CA  . GLN A 1 87  ? -6.442  16.460  -0.153  1.00 36.84 ? 87   GLN A CA  1 
ATOM   685  C C   . GLN A 1 87  ? -6.521  15.067  -0.744  1.00 33.20 ? 87   GLN A C   1 
ATOM   686  O O   . GLN A 1 87  ? -6.304  14.074  -0.054  1.00 31.50 ? 87   GLN A O   1 
ATOM   687  C CB  . GLN A 1 87  ? -5.034  16.989  -0.407  1.00 41.04 ? 87   GLN A CB  1 
ATOM   688  C CG  . GLN A 1 87  ? -4.770  18.334  0.185   1.00 50.30 ? 87   GLN A CG  1 
ATOM   689  C CD  . GLN A 1 87  ? -5.019  19.425  -0.813  1.00 57.36 ? 87   GLN A CD  1 
ATOM   690  O OE1 . GLN A 1 87  ? -6.167  19.688  -1.184  1.00 60.59 ? 87   GLN A OE1 1 
ATOM   691  N NE2 . GLN A 1 87  ? -3.945  20.068  -1.271  1.00 60.55 ? 87   GLN A NE2 1 
ATOM   692  N N   . GLU A 1 88  ? -6.831  15.003  -2.031  1.00 32.36 ? 88   GLU A N   1 
ATOM   693  C CA  . GLU A 1 88  ? -6.869  13.728  -2.731  1.00 34.54 ? 88   GLU A CA  1 
ATOM   694  C C   . GLU A 1 88  ? -5.392  13.365  -2.895  1.00 31.14 ? 88   GLU A C   1 
ATOM   695  O O   . GLU A 1 88  ? -4.546  14.252  -3.016  1.00 31.00 ? 88   GLU A O   1 
ATOM   696  C CB  . GLU A 1 88  ? -7.509  13.892  -4.114  1.00 37.91 ? 88   GLU A CB  1 
ATOM   697  C CG  . GLU A 1 88  ? -8.672  12.957  -4.387  1.00 49.38 ? 88   GLU A CG  1 
ATOM   698  C CD  . GLU A 1 88  ? -8.530  12.199  -5.698  1.00 53.60 ? 88   GLU A CD  1 
ATOM   699  O OE1 . GLU A 1 88  ? -7.729  12.632  -6.555  1.00 55.51 ? 88   GLU A OE1 1 
ATOM   700  O OE2 . GLU A 1 88  ? -9.225  11.169  -5.868  1.00 56.73 ? 88   GLU A OE2 1 
ATOM   701  N N   . PHE A 1 89  ? -5.062  12.083  -2.871  1.00 26.80 ? 89   PHE A N   1 
ATOM   702  C CA  . PHE A 1 89  ? -3.667  11.711  -3.056  1.00 26.41 ? 89   PHE A CA  1 
ATOM   703  C C   . PHE A 1 89  ? -3.553  10.645  -4.131  1.00 25.44 ? 89   PHE A C   1 
ATOM   704  O O   . PHE A 1 89  ? -4.513  9.923   -4.413  1.00 22.86 ? 89   PHE A O   1 
ATOM   705  C CB  . PHE A 1 89  ? -3.050  11.196  -1.746  1.00 24.20 ? 89   PHE A CB  1 
ATOM   706  C CG  . PHE A 1 89  ? -3.766  10.021  -1.161  1.00 23.93 ? 89   PHE A CG  1 
ATOM   707  C CD1 . PHE A 1 89  ? -3.656  8.762   -1.741  1.00 20.89 ? 89   PHE A CD1 1 
ATOM   708  C CD2 . PHE A 1 89  ? -4.587  10.178  -0.049  1.00 24.50 ? 89   PHE A CD2 1 
ATOM   709  C CE1 . PHE A 1 89  ? -4.359  7.677   -1.229  1.00 24.53 ? 89   PHE A CE1 1 
ATOM   710  C CE2 . PHE A 1 89  ? -5.297  9.098   0.474   1.00 24.45 ? 89   PHE A CE2 1 
ATOM   711  C CZ  . PHE A 1 89  ? -5.185  7.844   -0.116  1.00 24.50 ? 89   PHE A CZ  1 
ATOM   712  N N   . GLU A 1 90  ? -2.379  10.581  -4.750  1.00 24.92 ? 90   GLU A N   1 
ATOM   713  C CA  . GLU A 1 90  ? -2.095  9.578   -5.762  1.00 24.83 ? 90   GLU A CA  1 
ATOM   714  C C   . GLU A 1 90  ? -0.910  8.803   -5.207  1.00 22.48 ? 90   GLU A C   1 
ATOM   715  O O   . GLU A 1 90  ? 0.183   9.353   -5.033  1.00 21.17 ? 90   GLU A O   1 
ATOM   716  C CB  . GLU A 1 90  ? -1.718  10.215  -7.097  1.00 30.52 ? 90   GLU A CB  1 
ATOM   717  C CG  . GLU A 1 90  ? -1.263  9.197   -8.140  1.00 41.33 ? 90   GLU A CG  1 
ATOM   718  C CD  . GLU A 1 90  ? -1.634  9.599   -9.558  1.00 48.02 ? 90   GLU A CD  1 
ATOM   719  O OE1 . GLU A 1 90  ? -1.086  10.606  -10.057 1.00 52.88 ? 90   GLU A OE1 1 
ATOM   720  O OE2 . GLU A 1 90  ? -2.476  8.905   -10.174 1.00 52.05 ? 90   GLU A OE2 1 
ATOM   721  N N   . LEU A 1 91  ? -1.142  7.533   -4.904  1.00 19.34 ? 91   LEU A N   1 
ATOM   722  C CA  . LEU A 1 91  ? -0.108  6.677   -4.353  1.00 20.29 ? 91   LEU A CA  1 
ATOM   723  C C   . LEU A 1 91  ? 0.236   5.601   -5.372  1.00 22.47 ? 91   LEU A C   1 
ATOM   724  O O   . LEU A 1 91  ? -0.644  4.880   -5.835  1.00 23.70 ? 91   LEU A O   1 
ATOM   725  C CB  . LEU A 1 91  ? -0.618  6.035   -3.066  1.00 21.88 ? 91   LEU A CB  1 
ATOM   726  C CG  . LEU A 1 91  ? 0.343   5.094   -2.357  1.00 24.92 ? 91   LEU A CG  1 
ATOM   727  C CD1 . LEU A 1 91  ? 1.374   5.914   -1.597  1.00 28.58 ? 91   LEU A CD1 1 
ATOM   728  C CD2 . LEU A 1 91  ? -0.437  4.193   -1.412  1.00 28.48 ? 91   LEU A CD2 1 
ATOM   729  N N   . SER A 1 92  ? 1.508   5.503   -5.742  1.00 22.25 ? 92   SER A N   1 
ATOM   730  C CA  . SER A 1 92  ? 1.922   4.486   -6.702  1.00 23.96 ? 92   SER A CA  1 
ATOM   731  C C   . SER A 1 92  ? 3.057   3.665   -6.123  1.00 23.36 ? 92   SER A C   1 
ATOM   732  O O   . SER A 1 92  ? 4.049   4.206   -5.627  1.00 24.66 ? 92   SER A O   1 
ATOM   733  C CB  . SER A 1 92  ? 2.359   5.125   -8.015  1.00 26.24 ? 92   SER A CB  1 
ATOM   734  O OG  . SER A 1 92  ? 3.508   5.919   -7.819  1.00 37.46 ? 92   SER A OG  1 
ATOM   735  N N   . ILE A 1 93  ? 2.891   2.350   -6.180  1.00 21.32 ? 93   ILE A N   1 
ATOM   736  C CA  . ILE A 1 93  ? 3.877   1.419   -5.663  1.00 19.51 ? 93   ILE A CA  1 
ATOM   737  C C   . ILE A 1 93  ? 4.470   0.665   -6.842  1.00 19.56 ? 93   ILE A C   1 
ATOM   738  O O   . ILE A 1 93  ? 3.765   -0.057  -7.536  1.00 20.59 ? 93   ILE A O   1 
ATOM   739  C CB  . ILE A 1 93  ? 3.220   0.427   -4.688  1.00 20.12 ? 93   ILE A CB  1 
ATOM   740  C CG1 . ILE A 1 93  ? 2.572   1.200   -3.537  1.00 21.58 ? 93   ILE A CG1 1 
ATOM   741  C CG2 . ILE A 1 93  ? 4.250   -0.549  -4.154  1.00 20.82 ? 93   ILE A CG2 1 
ATOM   742  C CD1 . ILE A 1 93  ? 1.502   0.431   -2.801  1.00 25.44 ? 93   ILE A CD1 1 
ATOM   743  N N   . SER A 1 94  ? 5.763   0.858   -7.075  1.00 20.12 ? 94   SER A N   1 
ATOM   744  C CA  . SER A 1 94  ? 6.448   0.196   -8.177  1.00 19.70 ? 94   SER A CA  1 
ATOM   745  C C   . SER A 1 94  ? 7.297   -0.962  -7.675  1.00 21.15 ? 94   SER A C   1 
ATOM   746  O O   . SER A 1 94  ? 7.943   -0.864  -6.632  1.00 21.13 ? 94   SER A O   1 
ATOM   747  C CB  . SER A 1 94  ? 7.336   1.196   -8.914  1.00 23.26 ? 94   SER A CB  1 
ATOM   748  O OG  . SER A 1 94  ? 6.560   1.994   -9.793  1.00 33.72 ? 94   SER A OG  1 
ATOM   749  N N   . VAL A 1 95  ? 7.291   -2.060  -8.424  1.00 21.83 ? 95   VAL A N   1 
ATOM   750  C CA  . VAL A 1 95  ? 8.062   -3.240  -8.058  1.00 21.94 ? 95   VAL A CA  1 
ATOM   751  C C   . VAL A 1 95  ? 9.398   -3.220  -8.792  1.00 23.38 ? 95   VAL A C   1 
ATOM   752  O O   . VAL A 1 95  ? 9.454   -3.450  -9.997  1.00 21.50 ? 95   VAL A O   1 
ATOM   753  C CB  . VAL A 1 95  ? 7.306   -4.551  -8.429  1.00 23.04 ? 95   VAL A CB  1 
ATOM   754  C CG1 . VAL A 1 95  ? 8.109   -5.773  -7.982  1.00 21.74 ? 95   VAL A CG1 1 
ATOM   755  C CG2 . VAL A 1 95  ? 5.930   -4.564  -7.783  1.00 22.21 ? 95   VAL A CG2 1 
ATOM   756  N N   . LEU A 1 96  ? 10.462  -2.910  -8.061  1.00 24.16 ? 96   LEU A N   1 
ATOM   757  C CA  . LEU A 1 96  ? 11.806  -2.889  -8.624  1.00 23.56 ? 96   LEU A CA  1 
ATOM   758  C C   . LEU A 1 96  ? 12.398  -4.257  -8.304  1.00 24.85 ? 96   LEU A C   1 
ATOM   759  O O   . LEU A 1 96  ? 11.854  -4.996  -7.484  1.00 23.58 ? 96   LEU A O   1 
ATOM   760  C CB  . LEU A 1 96  ? 12.649  -1.783  -7.981  1.00 21.95 ? 96   LEU A CB  1 
ATOM   761  C CG  . LEU A 1 96  ? 12.135  -0.347  -8.139  1.00 25.85 ? 96   LEU A CG  1 
ATOM   762  C CD1 . LEU A 1 96  ? 13.216  0.634   -7.708  1.00 24.35 ? 96   LEU A CD1 1 
ATOM   763  C CD2 . LEU A 1 96  ? 11.726  -0.097  -9.582  1.00 27.09 ? 96   LEU A CD2 1 
ATOM   764  N N   . PRO A 1 97  ? 13.527  -4.613  -8.942  1.00 27.06 ? 97   PRO A N   1 
ATOM   765  C CA  . PRO A 1 97  ? 14.133  -5.920  -8.674  1.00 25.49 ? 97   PRO A CA  1 
ATOM   766  C C   . PRO A 1 97  ? 14.528  -6.140  -7.222  1.00 23.18 ? 97   PRO A C   1 
ATOM   767  O O   . PRO A 1 97  ? 14.403  -7.247  -6.698  1.00 25.63 ? 97   PRO A O   1 
ATOM   768  C CB  . PRO A 1 97  ? 15.355  -5.957  -9.604  1.00 27.11 ? 97   PRO A CB  1 
ATOM   769  C CG  . PRO A 1 97  ? 15.114  -4.896  -10.623 1.00 26.36 ? 97   PRO A CG  1 
ATOM   770  C CD  . PRO A 1 97  ? 14.299  -3.840  -9.930  1.00 27.79 ? 97   PRO A CD  1 
ATOM   771  N N   . ASP A 1 98  ? 14.987  -5.086  -6.562  1.00 21.19 ? 98   ASP A N   1 
ATOM   772  C CA  . ASP A 1 98  ? 15.432  -5.208  -5.183  1.00 23.88 ? 98   ASP A CA  1 
ATOM   773  C C   . ASP A 1 98  ? 14.444  -4.715  -4.134  1.00 24.10 ? 98   ASP A C   1 
ATOM   774  O O   . ASP A 1 98  ? 14.602  -5.002  -2.949  1.00 24.14 ? 98   ASP A O   1 
ATOM   775  C CB  . ASP A 1 98  ? 16.753  -4.456  -5.007  1.00 27.80 ? 98   ASP A CB  1 
ATOM   776  C CG  . ASP A 1 98  ? 16.662  -3.009  -5.459  1.00 33.97 ? 98   ASP A CG  1 
ATOM   777  O OD1 . ASP A 1 98  ? 15.877  -2.726  -6.391  1.00 36.08 ? 98   ASP A OD1 1 
ATOM   778  O OD2 . ASP A 1 98  ? 17.370  -2.150  -4.885  1.00 37.86 ? 98   ASP A OD2 1 
ATOM   779  N N   . LYS A 1 99  ? 13.419  -3.986  -4.552  1.00 22.64 ? 99   LYS A N   1 
ATOM   780  C CA  . LYS A 1 99  ? 12.490  -3.466  -3.563  1.00 21.89 ? 99   LYS A CA  1 
ATOM   781  C C   . LYS A 1 99  ? 11.288  -2.768  -4.173  1.00 21.14 ? 99   LYS A C   1 
ATOM   782  O O   . LYS A 1 99  ? 11.165  -2.657  -5.394  1.00 19.32 ? 99   LYS A O   1 
ATOM   783  C CB  . LYS A 1 99  ? 13.232  -2.467  -2.677  1.00 21.13 ? 99   LYS A CB  1 
ATOM   784  C CG  . LYS A 1 99  ? 13.530  -1.160  -3.398  1.00 23.08 ? 99   LYS A CG  1 
ATOM   785  C CD  . LYS A 1 99  ? 14.967  -0.723  -3.213  1.00 26.99 ? 99   LYS A CD  1 
ATOM   786  C CE  . LYS A 1 99  ? 15.242  0.561   -3.969  1.00 30.29 ? 99   LYS A CE  1 
ATOM   787  N NZ  . LYS A 1 99  ? 16.695  0.754   -4.246  1.00 30.83 ? 99   LYS A NZ  1 
ATOM   788  N N   . TYR A 1 100 ? 10.402  -2.302  -3.296  1.00 18.43 ? 100  TYR A N   1 
ATOM   789  C CA  . TYR A 1 100 ? 9.224   -1.556  -3.700  1.00 16.54 ? 100  TYR A CA  1 
ATOM   790  C C   . TYR A 1 100 ? 9.602   -0.094  -3.531  1.00 16.56 ? 100  TYR A C   1 
ATOM   791  O O   . TYR A 1 100 ? 10.283  0.265   -2.572  1.00 17.68 ? 100  TYR A O   1 
ATOM   792  C CB  . TYR A 1 100 ? 8.037   -1.824  -2.762  1.00 16.36 ? 100  TYR A CB  1 
ATOM   793  C CG  . TYR A 1 100 ? 7.481   -3.214  -2.818  1.00 14.36 ? 100  TYR A CG  1 
ATOM   794  C CD1 . TYR A 1 100 ? 6.679   -3.620  -3.880  1.00 15.33 ? 100  TYR A CD1 1 
ATOM   795  C CD2 . TYR A 1 100 ? 7.745   -4.127  -1.801  1.00 15.17 ? 100  TYR A CD2 1 
ATOM   796  C CE1 . TYR A 1 100 ? 6.153   -4.907  -3.934  1.00 18.14 ? 100  TYR A CE1 1 
ATOM   797  C CE2 . TYR A 1 100 ? 7.223   -5.417  -1.840  1.00 15.83 ? 100  TYR A CE2 1 
ATOM   798  C CZ  . TYR A 1 100 ? 6.430   -5.800  -2.909  1.00 16.66 ? 100  TYR A CZ  1 
ATOM   799  O OH  . TYR A 1 100 ? 5.929   -7.084  -2.965  1.00 19.12 ? 100  TYR A OH  1 
ATOM   800  N N   . GLN A 1 101 ? 9.178   0.742   -4.469  1.00 17.52 ? 101  GLN A N   1 
ATOM   801  C CA  . GLN A 1 101 ? 9.413   2.169   -4.357  1.00 19.52 ? 101  GLN A CA  1 
ATOM   802  C C   . GLN A 1 101 ? 8.021   2.793   -4.296  1.00 18.57 ? 101  GLN A C   1 
ATOM   803  O O   . GLN A 1 101 ? 7.183   2.533   -5.153  1.00 18.67 ? 101  GLN A O   1 
ATOM   804  C CB  . GLN A 1 101 ? 10.161  2.723   -5.562  1.00 20.01 ? 101  GLN A CB  1 
ATOM   805  C CG  . GLN A 1 101 ? 10.318  4.232   -5.459  1.00 27.69 ? 101  GLN A CG  1 
ATOM   806  C CD  . GLN A 1 101 ? 11.401  4.779   -6.357  1.00 30.32 ? 101  GLN A CD  1 
ATOM   807  O OE1 . GLN A 1 101 ? 11.471  4.434   -7.533  1.00 29.58 ? 101  GLN A OE1 1 
ATOM   808  N NE2 . GLN A 1 101 ? 12.251  5.643   -5.810  1.00 28.91 ? 101  GLN A NE2 1 
ATOM   809  N N   . VAL A 1 102 ? 7.774   3.604   -3.273  1.00 19.60 ? 102  VAL A N   1 
ATOM   810  C CA  . VAL A 1 102 ? 6.469   4.234   -3.103  1.00 17.47 ? 102  VAL A CA  1 
ATOM   811  C C   . VAL A 1 102 ? 6.498   5.712   -3.409  1.00 18.03 ? 102  VAL A C   1 
ATOM   812  O O   . VAL A 1 102 ? 7.224   6.462   -2.762  1.00 23.34 ? 102  VAL A O   1 
ATOM   813  C CB  . VAL A 1 102 ? 5.959   4.084   -1.663  1.00 19.36 ? 102  VAL A CB  1 
ATOM   814  C CG1 . VAL A 1 102 ? 4.521   4.574   -1.572  1.00 19.12 ? 102  VAL A CG1 1 
ATOM   815  C CG2 . VAL A 1 102 ? 6.071   2.639   -1.224  1.00 21.29 ? 102  VAL A CG2 1 
ATOM   816  N N   . MET A 1 103 ? 5.701   6.127   -4.386  1.00 18.86 ? 103  MET A N   1 
ATOM   817  C CA  . MET A 1 103 ? 5.617   7.532   -4.756  1.00 22.02 ? 103  MET A CA  1 
ATOM   818  C C   . MET A 1 103 ? 4.297   8.117   -4.265  1.00 23.84 ? 103  MET A C   1 
ATOM   819  O O   . MET A 1 103 ? 3.241   7.494   -4.392  1.00 21.88 ? 103  MET A O   1 
ATOM   820  C CB  . MET A 1 103 ? 5.686   7.695   -6.275  1.00 25.91 ? 103  MET A CB  1 
ATOM   821  C CG  . MET A 1 103 ? 6.725   6.821   -6.946  1.00 35.07 ? 103  MET A CG  1 
ATOM   822  S SD  . MET A 1 103 ? 8.231   7.736   -7.272  1.00 44.65 ? 103  MET A SD  1 
ATOM   823  C CE  . MET A 1 103 ? 7.637   8.864   -8.547  1.00 38.58 ? 103  MET A CE  1 
ATOM   824  N N   . VAL A 1 104 ? 4.360   9.308   -3.689  1.00 23.46 ? 104  VAL A N   1 
ATOM   825  C CA  . VAL A 1 104 ? 3.155   9.974   -3.231  1.00 22.34 ? 104  VAL A CA  1 
ATOM   826  C C   . VAL A 1 104 ? 3.049   11.257  -4.043  1.00 23.21 ? 104  VAL A C   1 
ATOM   827  O O   . VAL A 1 104 ? 3.915   12.126  -3.964  1.00 22.89 ? 104  VAL A O   1 
ATOM   828  C CB  . VAL A 1 104 ? 3.228   10.308  -1.737  1.00 23.57 ? 104  VAL A CB  1 
ATOM   829  C CG1 . VAL A 1 104 ? 1.924   10.955  -1.293  1.00 23.16 ? 104  VAL A CG1 1 
ATOM   830  C CG2 . VAL A 1 104 ? 3.483   9.045   -0.946  1.00 21.49 ? 104  VAL A CG2 1 
ATOM   831  N N   . ASN A 1 105 ? 1.997   11.359  -4.844  1.00 24.21 ? 105  ASN A N   1 
ATOM   832  C CA  . ASN A 1 105 ? 1.798   12.534  -5.674  1.00 27.52 ? 105  ASN A CA  1 
ATOM   833  C C   . ASN A 1 105 ? 3.029   12.786  -6.533  1.00 30.20 ? 105  ASN A C   1 
ATOM   834  O O   . ASN A 1 105 ? 3.491   13.917  -6.663  1.00 28.64 ? 105  ASN A O   1 
ATOM   835  C CB  . ASN A 1 105 ? 1.507   13.757  -4.802  1.00 29.58 ? 105  ASN A CB  1 
ATOM   836  C CG  . ASN A 1 105 ? 0.278   13.566  -3.926  1.00 30.70 ? 105  ASN A CG  1 
ATOM   837  O OD1 . ASN A 1 105 ? 0.245   14.017  -2.779  1.00 33.34 ? 105  ASN A OD1 1 
ATOM   838  N ND2 . ASN A 1 105 ? -0.733  12.893  -4.462  1.00 26.04 ? 105  ASN A ND2 1 
ATOM   839  N N   . GLY A 1 106 ? 3.565   11.713  -7.103  1.00 31.22 ? 106  GLY A N   1 
ATOM   840  C CA  . GLY A 1 106 ? 4.719   11.827  -7.973  1.00 35.10 ? 106  GLY A CA  1 
ATOM   841  C C   . GLY A 1 106 ? 6.082   12.036  -7.339  1.00 35.56 ? 106  GLY A C   1 
ATOM   842  O O   . GLY A 1 106 ? 7.055   12.297  -8.043  1.00 39.10 ? 106  GLY A O   1 
ATOM   843  N N   . GLN A 1 107 ? 6.179   11.922  -6.024  1.00 33.59 ? 107  GLN A N   1 
ATOM   844  C CA  . GLN A 1 107 ? 7.464   12.112  -5.373  1.00 33.08 ? 107  GLN A CA  1 
ATOM   845  C C   . GLN A 1 107 ? 7.897   10.860  -4.616  1.00 32.49 ? 107  GLN A C   1 
ATOM   846  O O   . GLN A 1 107 ? 7.126   10.312  -3.824  1.00 31.37 ? 107  GLN A O   1 
ATOM   847  C CB  . GLN A 1 107 ? 7.390   13.302  -4.414  1.00 37.58 ? 107  GLN A CB  1 
ATOM   848  C CG  . GLN A 1 107 ? 8.468   13.304  -3.339  1.00 44.33 ? 107  GLN A CG  1 
ATOM   849  C CD  . GLN A 1 107 ? 8.183   14.287  -2.223  1.00 49.16 ? 107  GLN A CD  1 
ATOM   850  O OE1 . GLN A 1 107 ? 8.872   14.299  -1.202  1.00 54.90 ? 107  GLN A OE1 1 
ATOM   851  N NE2 . GLN A 1 107 ? 7.163   15.117  -2.410  1.00 52.15 ? 107  GLN A NE2 1 
ATOM   852  N N   . SER A 1 108 ? 9.124   10.403  -4.862  1.00 29.40 ? 108  SER A N   1 
ATOM   853  C CA  . SER A 1 108 ? 9.628   9.221   -4.169  1.00 27.36 ? 108  SER A CA  1 
ATOM   854  C C   . SER A 1 108 ? 9.574   9.527   -2.670  1.00 25.65 ? 108  SER A C   1 
ATOM   855  O O   . SER A 1 108 ? 10.097  10.553  -2.224  1.00 27.17 ? 108  SER A O   1 
ATOM   856  C CB  . SER A 1 108 ? 11.064  8.909   -4.604  1.00 24.49 ? 108  SER A CB  1 
ATOM   857  O OG  . SER A 1 108 ? 11.461  7.636   -4.123  1.00 28.59 ? 108  SER A OG  1 
ATOM   858  N N   . SER A 1 109 ? 8.942   8.647   -1.895  1.00 22.81 ? 109  SER A N   1 
ATOM   859  C CA  . SER A 1 109 ? 8.807   8.876   -0.463  1.00 21.51 ? 109  SER A CA  1 
ATOM   860  C C   . SER A 1 109 ? 9.242   7.727   0.429   1.00 21.15 ? 109  SER A C   1 
ATOM   861  O O   . SER A 1 109 ? 9.658   7.954   1.569   1.00 22.08 ? 109  SER A O   1 
ATOM   862  C CB  . SER A 1 109 ? 7.358   9.239   -0.136  1.00 23.12 ? 109  SER A CB  1 
ATOM   863  O OG  . SER A 1 109 ? 6.849   10.172  -1.071  1.00 24.61 ? 109  SER A OG  1 
ATOM   864  N N   . TYR A 1 110 ? 9.123   6.495   -0.060  1.00 19.42 ? 110  TYR A N   1 
ATOM   865  C CA  . TYR A 1 110 ? 9.528   5.331   0.729   1.00 19.34 ? 110  TYR A CA  1 
ATOM   866  C C   . TYR A 1 110 ? 9.939   4.177   -0.157  1.00 19.07 ? 110  TYR A C   1 
ATOM   867  O O   . TYR A 1 110 ? 9.498   4.074   -1.298  1.00 21.89 ? 110  TYR A O   1 
ATOM   868  C CB  . TYR A 1 110 ? 8.387   4.826   1.632   1.00 19.26 ? 110  TYR A CB  1 
ATOM   869  C CG  . TYR A 1 110 ? 7.503   5.898   2.227   1.00 22.01 ? 110  TYR A CG  1 
ATOM   870  C CD1 . TYR A 1 110 ? 6.405   6.390   1.527   1.00 23.25 ? 110  TYR A CD1 1 
ATOM   871  C CD2 . TYR A 1 110 ? 7.771   6.428   3.487   1.00 22.96 ? 110  TYR A CD2 1 
ATOM   872  C CE1 . TYR A 1 110 ? 5.596   7.388   2.063   1.00 26.85 ? 110  TYR A CE1 1 
ATOM   873  C CE2 . TYR A 1 110 ? 6.968   7.430   4.035   1.00 24.39 ? 110  TYR A CE2 1 
ATOM   874  C CZ  . TYR A 1 110 ? 5.884   7.904   3.316   1.00 25.88 ? 110  TYR A CZ  1 
ATOM   875  O OH  . TYR A 1 110 ? 5.096   8.903   3.838   1.00 27.10 ? 110  TYR A OH  1 
ATOM   876  N N   . THR A 1 111 ? 10.792  3.311   0.375   1.00 21.79 ? 111  THR A N   1 
ATOM   877  C CA  . THR A 1 111 ? 11.214  2.112   -0.344  1.00 23.32 ? 111  THR A CA  1 
ATOM   878  C C   . THR A 1 111 ? 11.222  0.999   0.693   1.00 23.31 ? 111  THR A C   1 
ATOM   879  O O   . THR A 1 111 ? 11.353  1.261   1.886   1.00 23.31 ? 111  THR A O   1 
ATOM   880  C CB  . THR A 1 111 ? 12.618  2.241   -1.000  1.00 23.48 ? 111  THR A CB  1 
ATOM   881  O OG1 . THR A 1 111 ? 13.599  2.554   -0.004  1.00 27.98 ? 111  THR A OG1 1 
ATOM   882  C CG2 . THR A 1 111 ? 12.604  3.314   -2.082  1.00 22.50 ? 111  THR A CG2 1 
ATOM   883  N N   . PHE A 1 112 ? 11.052  -0.236  0.236   1.00 24.33 ? 112  PHE A N   1 
ATOM   884  C CA  . PHE A 1 112 ? 11.016  -1.391  1.127   1.00 21.99 ? 112  PHE A CA  1 
ATOM   885  C C   . PHE A 1 112 ? 11.626  -2.574  0.392   1.00 22.30 ? 112  PHE A C   1 
ATOM   886  O O   . PHE A 1 112 ? 11.100  -3.018  -0.633  1.00 20.68 ? 112  PHE A O   1 
ATOM   887  C CB  . PHE A 1 112 ? 9.565   -1.703  1.496   1.00 19.69 ? 112  PHE A CB  1 
ATOM   888  C CG  . PHE A 1 112 ? 9.407   -2.804  2.507   1.00 20.42 ? 112  PHE A CG  1 
ATOM   889  C CD1 . PHE A 1 112 ? 9.484   -2.532  3.869   1.00 21.24 ? 112  PHE A CD1 1 
ATOM   890  C CD2 . PHE A 1 112 ? 9.109   -4.102  2.099   1.00 21.85 ? 112  PHE A CD2 1 
ATOM   891  C CE1 . PHE A 1 112 ? 9.259   -3.533  4.813   1.00 21.76 ? 112  PHE A CE1 1 
ATOM   892  C CE2 . PHE A 1 112 ? 8.881   -5.112  3.031   1.00 22.06 ? 112  PHE A CE2 1 
ATOM   893  C CZ  . PHE A 1 112 ? 8.954   -4.827  4.393   1.00 23.00 ? 112  PHE A CZ  1 
ATOM   894  N N   . ASP A 1 113 ? 12.740  -3.071  0.918   1.00 22.92 ? 113  ASP A N   1 
ATOM   895  C CA  . ASP A 1 113 ? 13.427  -4.208  0.321   1.00 23.85 ? 113  ASP A CA  1 
ATOM   896  C C   . ASP A 1 113 ? 12.565  -5.460  0.422   1.00 22.40 ? 113  ASP A C   1 
ATOM   897  O O   . ASP A 1 113 ? 12.024  -5.774  1.480   1.00 21.94 ? 113  ASP A O   1 
ATOM   898  C CB  . ASP A 1 113 ? 14.763  -4.445  1.030   1.00 26.27 ? 113  ASP A CB  1 
ATOM   899  C CG  . ASP A 1 113 ? 15.783  -3.364  0.728   1.00 30.50 ? 113  ASP A CG  1 
ATOM   900  O OD1 . ASP A 1 113 ? 15.524  -2.523  -0.157  1.00 31.81 ? 113  ASP A OD1 1 
ATOM   901  O OD2 . ASP A 1 113 ? 16.847  -3.351  1.380   1.00 37.74 ? 113  ASP A OD2 1 
ATOM   902  N N   . HIS A 1 114 ? 12.443  -6.175  -0.688  1.00 23.02 ? 114  HIS A N   1 
ATOM   903  C CA  . HIS A 1 114 ? 11.654  -7.394  -0.721  1.00 21.34 ? 114  HIS A CA  1 
ATOM   904  C C   . HIS A 1 114 ? 12.118  -8.375  0.344   1.00 23.08 ? 114  HIS A C   1 
ATOM   905  O O   . HIS A 1 114 ? 13.313  -8.598  0.511   1.00 25.59 ? 114  HIS A O   1 
ATOM   906  C CB  . HIS A 1 114 ? 11.777  -8.065  -2.088  1.00 19.79 ? 114  HIS A CB  1 
ATOM   907  C CG  . HIS A 1 114 ? 11.283  -7.229  -3.224  1.00 21.84 ? 114  HIS A CG  1 
ATOM   908  N ND1 . HIS A 1 114 ? 9.987   -6.770  -3.305  1.00 20.43 ? 114  HIS A ND1 1 
ATOM   909  C CD2 . HIS A 1 114 ? 11.907  -6.793  -4.346  1.00 21.42 ? 114  HIS A CD2 1 
ATOM   910  C CE1 . HIS A 1 114 ? 9.830   -6.091  -4.427  1.00 22.71 ? 114  HIS A CE1 1 
ATOM   911  N NE2 . HIS A 1 114 ? 10.979  -6.090  -5.078  1.00 23.61 ? 114  HIS A NE2 1 
ATOM   912  N N   . ARG A 1 115 ? 11.169  -8.960  1.061   1.00 21.61 ? 115  ARG A N   1 
ATOM   913  C CA  . ARG A 1 115 ? 11.477  -9.949  2.085   1.00 21.70 ? 115  ARG A CA  1 
ATOM   914  C C   . ARG A 1 115 ? 10.996  -11.283 1.547   1.00 23.34 ? 115  ARG A C   1 
ATOM   915  O O   . ARG A 1 115 ? 11.476  -12.339 1.939   1.00 26.28 ? 115  ARG A O   1 
ATOM   916  C CB  . ARG A 1 115 ? 10.745  -9.626  3.381   1.00 21.70 ? 115  ARG A CB  1 
ATOM   917  C CG  . ARG A 1 115 ? 11.297  -8.414  4.075   1.00 20.54 ? 115  ARG A CG  1 
ATOM   918  C CD  . ARG A 1 115 ? 10.483  -8.069  5.290   1.00 19.30 ? 115  ARG A CD  1 
ATOM   919  N NE  . ARG A 1 115 ? 11.035  -6.893  5.948   1.00 21.97 ? 115  ARG A NE  1 
ATOM   920  C CZ  . ARG A 1 115 ? 10.578  -6.384  7.086   1.00 21.60 ? 115  ARG A CZ  1 
ATOM   921  N NH1 . ARG A 1 115 ? 9.550   -6.947  7.707   1.00 19.77 ? 115  ARG A NH1 1 
ATOM   922  N NH2 . ARG A 1 115 ? 11.159  -5.313  7.602   1.00 21.03 ? 115  ARG A NH2 1 
ATOM   923  N N   . ILE A 1 116 ? 10.029  -11.205 0.644   1.00 23.58 ? 116  ILE A N   1 
ATOM   924  C CA  . ILE A 1 116 ? 9.441   -12.363 -0.016  1.00 23.47 ? 116  ILE A CA  1 
ATOM   925  C C   . ILE A 1 116 ? 9.327   -11.919 -1.474  1.00 24.19 ? 116  ILE A C   1 
ATOM   926  O O   . ILE A 1 116 ? 9.037   -10.754 -1.742  1.00 23.06 ? 116  ILE A O   1 
ATOM   927  C CB  . ILE A 1 116 ? 8.034   -12.675 0.549   1.00 22.51 ? 116  ILE A CB  1 
ATOM   928  C CG1 . ILE A 1 116 ? 8.149   -13.151 1.996   1.00 22.73 ? 116  ILE A CG1 1 
ATOM   929  C CG2 . ILE A 1 116 ? 7.351   -13.739 -0.287  1.00 22.19 ? 116  ILE A CG2 1 
ATOM   930  C CD1 . ILE A 1 116 ? 6.815   -13.327 2.679   1.00 22.31 ? 116  ILE A CD1 1 
ATOM   931  N N   . LYS A 1 117 ? 9.562   -12.825 -2.415  1.00 23.09 ? 117  LYS A N   1 
ATOM   932  C CA  . LYS A 1 117 ? 9.487   -12.450 -3.820  1.00 24.07 ? 117  LYS A CA  1 
ATOM   933  C C   . LYS A 1 117 ? 8.108   -11.896 -4.162  1.00 22.79 ? 117  LYS A C   1 
ATOM   934  O O   . LYS A 1 117 ? 7.094   -12.418 -3.701  1.00 23.42 ? 117  LYS A O   1 
ATOM   935  C CB  . LYS A 1 117 ? 9.817   -13.653 -4.714  1.00 27.98 ? 117  LYS A CB  1 
ATOM   936  C CG  . LYS A 1 117 ? 8.706   -14.684 -4.848  1.00 36.05 ? 117  LYS A CG  1 
ATOM   937  C CD  . LYS A 1 117 ? 9.179   -16.068 -4.420  1.00 43.45 ? 117  LYS A CD  1 
ATOM   938  C CE  . LYS A 1 117 ? 9.064   -17.080 -5.552  1.00 48.65 ? 117  LYS A CE  1 
ATOM   939  N NZ  . LYS A 1 117 ? 10.242  -18.003 -5.584  1.00 56.36 ? 117  LYS A NZ  1 
ATOM   940  N N   . PRO A 1 118 ? 8.054   -10.820 -4.968  1.00 23.08 ? 118  PRO A N   1 
ATOM   941  C CA  . PRO A 1 118 ? 6.771   -10.216 -5.354  1.00 22.59 ? 118  PRO A CA  1 
ATOM   942  C C   . PRO A 1 118 ? 5.819   -11.195 -6.030  1.00 23.72 ? 118  PRO A C   1 
ATOM   943  O O   . PRO A 1 118 ? 4.606   -11.006 -5.994  1.00 23.38 ? 118  PRO A O   1 
ATOM   944  C CB  . PRO A 1 118 ? 7.164   -9.072  -6.293  1.00 23.04 ? 118  PRO A CB  1 
ATOM   945  C CG  . PRO A 1 118 ? 8.595   -8.797  -5.996  1.00 26.14 ? 118  PRO A CG  1 
ATOM   946  C CD  . PRO A 1 118 ? 9.199   -10.093 -5.542  1.00 22.55 ? 118  PRO A CD  1 
ATOM   947  N N   . GLU A 1 119 ? 6.367   -12.241 -6.646  1.00 21.89 ? 119  GLU A N   1 
ATOM   948  C CA  . GLU A 1 119 ? 5.548   -13.235 -7.335  1.00 21.52 ? 119  GLU A CA  1 
ATOM   949  C C   . GLU A 1 119 ? 4.635   -14.031 -6.399  1.00 19.57 ? 119  GLU A C   1 
ATOM   950  O O   . GLU A 1 119 ? 3.733   -14.726 -6.855  1.00 20.83 ? 119  GLU A O   1 
ATOM   951  C CB  . GLU A 1 119 ? 6.447   -14.196 -8.124  1.00 21.74 ? 119  GLU A CB  1 
ATOM   952  C CG  . GLU A 1 119 ? 7.078   -13.566 -9.357  1.00 25.84 ? 119  GLU A CG  1 
ATOM   953  C CD  . GLU A 1 119 ? 8.311   -12.733 -9.032  1.00 33.19 ? 119  GLU A CD  1 
ATOM   954  O OE1 . GLU A 1 119 ? 8.822   -12.827 -7.895  1.00 32.50 ? 119  GLU A OE1 1 
ATOM   955  O OE2 . GLU A 1 119 ? 8.772   -11.982 -9.919  1.00 39.03 ? 119  GLU A OE2 1 
ATOM   956  N N   . ALA A 1 120 ? 4.868   -13.928 -5.094  1.00 17.98 ? 120  ALA A N   1 
ATOM   957  C CA  . ALA A 1 120 ? 4.046   -14.641 -4.123  1.00 17.28 ? 120  ALA A CA  1 
ATOM   958  C C   . ALA A 1 120 ? 2.711   -13.930 -3.867  1.00 17.76 ? 120  ALA A C   1 
ATOM   959  O O   . ALA A 1 120 ? 1.775   -14.525 -3.335  1.00 20.63 ? 120  ALA A O   1 
ATOM   960  C CB  . ALA A 1 120 ? 4.807   -14.798 -2.819  1.00 17.17 ? 120  ALA A CB  1 
ATOM   961  N N   . VAL A 1 121 ? 2.624   -12.660 -4.247  1.00 17.20 ? 121  VAL A N   1 
ATOM   962  C CA  . VAL A 1 121 ? 1.403   -11.880 -4.048  1.00 18.43 ? 121  VAL A CA  1 
ATOM   963  C C   . VAL A 1 121 ? 0.254   -12.378 -4.924  1.00 20.69 ? 121  VAL A C   1 
ATOM   964  O O   . VAL A 1 121 ? 0.434   -12.658 -6.107  1.00 22.04 ? 121  VAL A O   1 
ATOM   965  C CB  . VAL A 1 121 ? 1.642   -10.390 -4.367  1.00 19.02 ? 121  VAL A CB  1 
ATOM   966  C CG1 . VAL A 1 121 ? 0.316   -9.637  -4.392  1.00 17.18 ? 121  VAL A CG1 1 
ATOM   967  C CG2 . VAL A 1 121 ? 2.591   -9.788  -3.343  1.00 18.90 ? 121  VAL A CG2 1 
ATOM   968  N N   . LYS A 1 122 ? -0.935  -12.474 -4.348  1.00 17.73 ? 122  LYS A N   1 
ATOM   969  C CA  . LYS A 1 122 ? -2.087  -12.932 -5.106  1.00 17.37 ? 122  LYS A CA  1 
ATOM   970  C C   . LYS A 1 122 ? -3.261  -11.986 -4.945  1.00 19.02 ? 122  LYS A C   1 
ATOM   971  O O   . LYS A 1 122 ? -4.218  -12.040 -5.710  1.00 17.33 ? 122  LYS A O   1 
ATOM   972  C CB  . LYS A 1 122 ? -2.505  -14.315 -4.635  1.00 21.30 ? 122  LYS A CB  1 
ATOM   973  C CG  . LYS A 1 122 ? -1.694  -15.436 -5.232  1.00 23.50 ? 122  LYS A CG  1 
ATOM   974  C CD  . LYS A 1 122 ? -2.426  -16.753 -5.074  1.00 32.16 ? 122  LYS A CD  1 
ATOM   975  C CE  . LYS A 1 122 ? -1.454  -17.919 -4.963  1.00 39.78 ? 122  LYS A CE  1 
ATOM   976  N NZ  . LYS A 1 122 ? -1.852  -18.879 -3.887  1.00 46.58 ? 122  LYS A NZ  1 
ATOM   977  N N   . MET A 1 123 ? -3.176  -11.105 -3.956  1.00 19.88 ? 123  MET A N   1 
ATOM   978  C CA  . MET A 1 123 ? -4.263  -10.173 -3.684  1.00 18.87 ? 123  MET A CA  1 
ATOM   979  C C   . MET A 1 123 ? -3.750  -8.890  -3.031  1.00 16.95 ? 123  MET A C   1 
ATOM   980  O O   . MET A 1 123 ? -2.732  -8.895  -2.343  1.00 16.93 ? 123  MET A O   1 
ATOM   981  C CB  . MET A 1 123 ? -5.284  -10.862 -2.761  1.00 18.04 ? 123  MET A CB  1 
ATOM   982  C CG  . MET A 1 123 ? -6.441  -9.993  -2.290  1.00 20.91 ? 123  MET A CG  1 
ATOM   983  S SD  . MET A 1 123 ? -6.106  -9.213  -0.698  1.00 23.92 ? 123  MET A SD  1 
ATOM   984  C CE  . MET A 1 123 ? -6.696  -10.427 0.428   1.00 14.63 ? 123  MET A CE  1 
ATOM   985  N N   . VAL A 1 124 ? -4.453  -7.789  -3.271  1.00 15.59 ? 124  VAL A N   1 
ATOM   986  C CA  . VAL A 1 124 ? -4.095  -6.511  -2.673  1.00 15.15 ? 124  VAL A CA  1 
ATOM   987  C C   . VAL A 1 124 ? -5.353  -5.993  -1.993  1.00 17.79 ? 124  VAL A C   1 
ATOM   988  O O   . VAL A 1 124 ? -6.441  -6.032  -2.578  1.00 16.40 ? 124  VAL A O   1 
ATOM   989  C CB  . VAL A 1 124 ? -3.662  -5.472  -3.733  1.00 17.34 ? 124  VAL A CB  1 
ATOM   990  C CG1 . VAL A 1 124 ? -3.468  -4.107  -3.073  1.00 17.67 ? 124  VAL A CG1 1 
ATOM   991  C CG2 . VAL A 1 124 ? -2.364  -5.919  -4.412  1.00 18.17 ? 124  VAL A CG2 1 
ATOM   992  N N   . GLN A 1 125 ? -5.214  -5.532  -0.754  1.00 17.27 ? 125  GLN A N   1 
ATOM   993  C CA  . GLN A 1 125 ? -6.358  -4.980  -0.031  1.00 16.16 ? 125  GLN A CA  1 
ATOM   994  C C   . GLN A 1 125 ? -6.031  -3.571  0.431   1.00 15.37 ? 125  GLN A C   1 
ATOM   995  O O   . GLN A 1 125 ? -4.975  -3.328  1.013   1.00 15.51 ? 125  GLN A O   1 
ATOM   996  C CB  . GLN A 1 125 ? -6.713  -5.830  1.181   1.00 16.67 ? 125  GLN A CB  1 
ATOM   997  C CG  . GLN A 1 125 ? -7.883  -5.264  1.974   1.00 20.63 ? 125  GLN A CG  1 
ATOM   998  C CD  . GLN A 1 125 ? -8.459  -6.267  2.944   1.00 24.16 ? 125  GLN A CD  1 
ATOM   999  O OE1 . GLN A 1 125 ? -7.826  -6.620  3.940   1.00 25.98 ? 125  GLN A OE1 1 
ATOM   1000 N NE2 . GLN A 1 125 ? -9.667  -6.738  2.659   1.00 27.72 ? 125  GLN A NE2 1 
ATOM   1001 N N   . VAL A 1 126 ? -6.938  -2.644  0.152   1.00 15.93 ? 126  VAL A N   1 
ATOM   1002 C CA  . VAL A 1 126 ? -6.754  -1.250  0.528   1.00 13.80 ? 126  VAL A CA  1 
ATOM   1003 C C   . VAL A 1 126 ? -7.881  -0.919  1.482   1.00 16.74 ? 126  VAL A C   1 
ATOM   1004 O O   . VAL A 1 126 ? -9.052  -1.097  1.144   1.00 14.71 ? 126  VAL A O   1 
ATOM   1005 C CB  . VAL A 1 126 ? -6.861  -0.319  -0.690  1.00 13.73 ? 126  VAL A CB  1 
ATOM   1006 C CG1 . VAL A 1 126 ? -6.593  1.114   -0.274  1.00 12.29 ? 126  VAL A CG1 1 
ATOM   1007 C CG2 . VAL A 1 126 ? -5.860  -0.749  -1.763  1.00 19.76 ? 126  VAL A CG2 1 
ATOM   1008 N N   . TRP A 1 127 ? -7.544  -0.441  2.671   1.00 16.43 ? 127  TRP A N   1 
ATOM   1009 C CA  . TRP A 1 127 ? -8.585  -0.129  3.626   1.00 14.82 ? 127  TRP A CA  1 
ATOM   1010 C C   . TRP A 1 127 ? -8.233  0.945   4.647   1.00 16.22 ? 127  TRP A C   1 
ATOM   1011 O O   . TRP A 1 127 ? -7.213  1.631   4.529   1.00 13.67 ? 127  TRP A O   1 
ATOM   1012 C CB  . TRP A 1 127 ? -9.045  -1.413  4.327   1.00 13.67 ? 127  TRP A CB  1 
ATOM   1013 C CG  . TRP A 1 127 ? -7.978  -2.156  5.069   1.00 15.05 ? 127  TRP A CG  1 
ATOM   1014 C CD1 . TRP A 1 127 ? -6.799  -2.638  4.563   1.00 16.16 ? 127  TRP A CD1 1 
ATOM   1015 C CD2 . TRP A 1 127 ? -8.018  -2.559  6.446   1.00 18.04 ? 127  TRP A CD2 1 
ATOM   1016 N NE1 . TRP A 1 127 ? -6.108  -3.321  5.539   1.00 16.33 ? 127  TRP A NE1 1 
ATOM   1017 C CE2 . TRP A 1 127 ? -6.831  -3.287  6.705   1.00 17.56 ? 127  TRP A CE2 1 
ATOM   1018 C CE3 . TRP A 1 127 ? -8.945  -2.378  7.488   1.00 17.43 ? 127  TRP A CE3 1 
ATOM   1019 C CZ2 . TRP A 1 127 ? -6.543  -3.836  7.965   1.00 16.81 ? 127  TRP A CZ2 1 
ATOM   1020 C CZ3 . TRP A 1 127 ? -8.660  -2.922  8.740   1.00 14.79 ? 127  TRP A CZ3 1 
ATOM   1021 C CH2 . TRP A 1 127 ? -7.467  -3.644  8.966   1.00 19.71 ? 127  TRP A CH2 1 
ATOM   1022 N N   . ARG A 1 128 ? -9.119  1.064   5.637   1.00 15.83 ? 128  ARG A N   1 
ATOM   1023 C CA  . ARG A 1 128 ? -9.072  2.029   6.731   1.00 14.14 ? 128  ARG A CA  1 
ATOM   1024 C C   . ARG A 1 128 ? -9.838  3.296   6.356   1.00 15.54 ? 128  ARG A C   1 
ATOM   1025 O O   . ARG A 1 128 ? -10.760 3.244   5.545   1.00 15.92 ? 128  ARG A O   1 
ATOM   1026 C CB  . ARG A 1 128 ? -7.644  2.350   7.175   1.00 13.07 ? 128  ARG A CB  1 
ATOM   1027 C CG  . ARG A 1 128 ? -6.875  1.117   7.637   1.00 17.52 ? 128  ARG A CG  1 
ATOM   1028 C CD  . ARG A 1 128 ? -6.921  0.903   9.128   1.00 17.33 ? 128  ARG A CD  1 
ATOM   1029 N NE  . ARG A 1 128 ? -5.942  -0.102  9.561   1.00 17.71 ? 128  ARG A NE  1 
ATOM   1030 C CZ  . ARG A 1 128 ? -6.102  -0.913  10.609  1.00 19.42 ? 128  ARG A CZ  1 
ATOM   1031 N NH1 . ARG A 1 128 ? -7.207  -0.850  11.344  1.00 15.77 ? 128  ARG A NH1 1 
ATOM   1032 N NH2 . ARG A 1 128 ? -5.158  -1.787  10.933  1.00 16.07 ? 128  ARG A NH2 1 
ATOM   1033 N N   . ASP A 1 129 ? -9.440  4.434   6.913   1.00 15.55 ? 129  ASP A N   1 
ATOM   1034 C CA  . ASP A 1 129 ? -10.177 5.687   6.726   1.00 17.92 ? 129  ASP A CA  1 
ATOM   1035 C C   . ASP A 1 129 ? -10.026 6.519   5.460   1.00 18.53 ? 129  ASP A C   1 
ATOM   1036 O O   . ASP A 1 129 ? -9.633  7.684   5.520   1.00 19.56 ? 129  ASP A O   1 
ATOM   1037 C CB  . ASP A 1 129 ? -9.927  6.561   7.960   1.00 15.47 ? 129  ASP A CB  1 
ATOM   1038 C CG  . ASP A 1 129 ? -9.889  5.740   9.242   1.00 15.88 ? 129  ASP A CG  1 
ATOM   1039 O OD1 . ASP A 1 129 ? -10.914 5.110   9.574   1.00 17.67 ? 129  ASP A OD1 1 
ATOM   1040 O OD2 . ASP A 1 129 ? -8.837  5.698   9.904   1.00 17.63 ? 129  ASP A OD2 1 
ATOM   1041 N N   . ILE A 1 130 ? -10.388 5.944   4.318   1.00 17.75 ? 130  ILE A N   1 
ATOM   1042 C CA  . ILE A 1 130 ? -10.276 6.669   3.061   1.00 16.96 ? 130  ILE A CA  1 
ATOM   1043 C C   . ILE A 1 130 ? -11.422 6.334   2.125   1.00 16.58 ? 130  ILE A C   1 
ATOM   1044 O O   . ILE A 1 130 ? -12.106 5.326   2.296   1.00 16.75 ? 130  ILE A O   1 
ATOM   1045 C CB  . ILE A 1 130 ? -8.962  6.299   2.306   1.00 19.58 ? 130  ILE A CB  1 
ATOM   1046 C CG1 . ILE A 1 130 ? -8.886  4.783   2.122   1.00 20.49 ? 130  ILE A CG1 1 
ATOM   1047 C CG2 . ILE A 1 130 ? -7.736  6.773   3.084   1.00 20.44 ? 130  ILE A CG2 1 
ATOM   1048 C CD1 . ILE A 1 130 ? -8.606  4.362   0.718   1.00 28.59 ? 130  ILE A CD1 1 
ATOM   1049 N N   . SER A 1 131 ? -11.641 7.207   1.150   1.00 16.71 ? 131  SER A N   1 
ATOM   1050 C CA  . SER A 1 131 ? -12.624 6.955   0.111   1.00 19.59 ? 131  SER A CA  1 
ATOM   1051 C C   . SER A 1 131 ? -11.688 6.619   -1.062  1.00 21.45 ? 131  SER A C   1 
ATOM   1052 O O   . SER A 1 131 ? -10.640 7.253   -1.238  1.00 20.96 ? 131  SER A O   1 
ATOM   1053 C CB  . SER A 1 131 ? -13.461 8.200   -0.198  1.00 18.59 ? 131  SER A CB  1 
ATOM   1054 O OG  . SER A 1 131 ? -12.642 9.341   -0.347  1.00 26.65 ? 131  SER A OG  1 
ATOM   1055 N N   . LEU A 1 132 ? -12.044 5.611   -1.842  1.00 20.56 ? 132  LEU A N   1 
ATOM   1056 C CA  . LEU A 1 132 ? -11.208 5.185   -2.948  1.00 22.62 ? 132  LEU A CA  1 
ATOM   1057 C C   . LEU A 1 132 ? -11.834 5.530   -4.285  1.00 23.33 ? 132  LEU A C   1 
ATOM   1058 O O   . LEU A 1 132 ? -12.962 5.140   -4.567  1.00 23.85 ? 132  LEU A O   1 
ATOM   1059 C CB  . LEU A 1 132 ? -10.994 3.679   -2.845  1.00 23.62 ? 132  LEU A CB  1 
ATOM   1060 C CG  . LEU A 1 132 ? -9.834  3.046   -3.603  1.00 27.15 ? 132  LEU A CG  1 
ATOM   1061 C CD1 . LEU A 1 132 ? -8.516  3.644   -3.146  1.00 28.51 ? 132  LEU A CD1 1 
ATOM   1062 C CD2 . LEU A 1 132 ? -9.861  1.550   -3.355  1.00 28.17 ? 132  LEU A CD2 1 
ATOM   1063 N N   . THR A 1 133 ? -11.101 6.255   -5.118  1.00 26.93 ? 133  THR A N   1 
ATOM   1064 C CA  . THR A 1 133 ? -11.629 6.625   -6.423  1.00 28.93 ? 133  THR A CA  1 
ATOM   1065 C C   . THR A 1 133 ? -11.010 5.825   -7.567  1.00 29.49 ? 133  THR A C   1 
ATOM   1066 O O   . THR A 1 133 ? -11.651 5.611   -8.595  1.00 28.88 ? 133  THR A O   1 
ATOM   1067 C CB  . THR A 1 133 ? -11.430 8.130   -6.698  1.00 29.70 ? 133  THR A CB  1 
ATOM   1068 O OG1 . THR A 1 133 ? -10.034 8.445   -6.688  1.00 32.12 ? 133  THR A OG1 1 
ATOM   1069 C CG2 . THR A 1 133 ? -12.124 8.946   -5.634  1.00 29.95 ? 133  THR A CG2 1 
ATOM   1070 N N   . LYS A 1 134 ? -9.776  5.364   -7.389  1.00 27.29 ? 134  LYS A N   1 
ATOM   1071 C CA  . LYS A 1 134 ? -9.113  4.611   -8.447  1.00 26.57 ? 134  LYS A CA  1 
ATOM   1072 C C   . LYS A 1 134 ? -8.106  3.585   -7.943  1.00 23.27 ? 134  LYS A C   1 
ATOM   1073 O O   . LYS A 1 134 ? -7.301  3.870   -7.056  1.00 22.27 ? 134  LYS A O   1 
ATOM   1074 C CB  . LYS A 1 134 ? -8.403  5.577   -9.402  1.00 28.72 ? 134  LYS A CB  1 
ATOM   1075 C CG  . LYS A 1 134 ? -7.933  4.938   -10.705 1.00 40.57 ? 134  LYS A CG  1 
ATOM   1076 C CD  . LYS A 1 134 ? -9.096  4.754   -11.684 1.00 49.36 ? 134  LYS A CD  1 
ATOM   1077 C CE  . LYS A 1 134 ? -8.619  4.585   -13.127 1.00 52.78 ? 134  LYS A CE  1 
ATOM   1078 N NZ  . LYS A 1 134 ? -7.130  4.493   -13.236 1.00 57.49 ? 134  LYS A NZ  1 
ATOM   1079 N N   . PHE A 1 135 ? -8.171  2.387   -8.515  1.00 21.62 ? 135  PHE A N   1 
ATOM   1080 C CA  . PHE A 1 135 ? -7.241  1.319   -8.171  1.00 22.46 ? 135  PHE A CA  1 
ATOM   1081 C C   . PHE A 1 135 ? -6.829  0.622   -9.457  1.00 23.75 ? 135  PHE A C   1 
ATOM   1082 O O   . PHE A 1 135 ? -7.666  0.074   -10.173 1.00 23.16 ? 135  PHE A O   1 
ATOM   1083 C CB  . PHE A 1 135 ? -7.870  0.296   -7.225  1.00 20.88 ? 135  PHE A CB  1 
ATOM   1084 C CG  . PHE A 1 135 ? -6.931  -0.809  -6.846  1.00 20.96 ? 135  PHE A CG  1 
ATOM   1085 C CD1 . PHE A 1 135 ? -6.823  -1.950  -7.640  1.00 19.50 ? 135  PHE A CD1 1 
ATOM   1086 C CD2 . PHE A 1 135 ? -6.115  -0.690  -5.723  1.00 19.14 ? 135  PHE A CD2 1 
ATOM   1087 C CE1 . PHE A 1 135 ? -5.915  -2.958  -7.322  1.00 20.06 ? 135  PHE A CE1 1 
ATOM   1088 C CE2 . PHE A 1 135 ? -5.203  -1.690  -5.395  1.00 19.93 ? 135  PHE A CE2 1 
ATOM   1089 C CZ  . PHE A 1 135 ? -5.101  -2.828  -6.197  1.00 19.37 ? 135  PHE A CZ  1 
ATOM   1090 N N   . ASN A 1 136 ? -5.534  0.634   -9.747  1.00 24.11 ? 136  ASN A N   1 
ATOM   1091 C CA  . ASN A 1 136 ? -5.051  0.018   -10.969 1.00 27.50 ? 136  ASN A CA  1 
ATOM   1092 C C   . ASN A 1 136 ? -3.704  -0.678  -10.825 1.00 26.36 ? 136  ASN A C   1 
ATOM   1093 O O   . ASN A 1 136 ? -2.781  -0.145  -10.208 1.00 25.50 ? 136  ASN A O   1 
ATOM   1094 C CB  . ASN A 1 136 ? -4.956  1.078   -12.064 1.00 32.07 ? 136  ASN A CB  1 
ATOM   1095 C CG  . ASN A 1 136 ? -4.349  0.540   -13.330 1.00 41.05 ? 136  ASN A CG  1 
ATOM   1096 O OD1 . ASN A 1 136 ? -3.217  0.875   -13.679 1.00 45.10 ? 136  ASN A OD1 1 
ATOM   1097 N ND2 . ASN A 1 136 ? -5.099  -0.310  -14.029 1.00 42.80 ? 136  ASN A ND2 1 
ATOM   1098 N N   . VAL A 1 137 ? -3.613  -1.875  -11.398 1.00 26.98 ? 137  VAL A N   1 
ATOM   1099 C CA  . VAL A 1 137 ? -2.383  -2.663  -11.388 1.00 29.07 ? 137  VAL A CA  1 
ATOM   1100 C C   . VAL A 1 137 ? -1.937  -2.763  -12.840 1.00 33.10 ? 137  VAL A C   1 
ATOM   1101 O O   . VAL A 1 137 ? -2.717  -3.161  -13.708 1.00 33.37 ? 137  VAL A O   1 
ATOM   1102 C CB  . VAL A 1 137 ? -2.617  -4.091  -10.855 1.00 27.70 ? 137  VAL A CB  1 
ATOM   1103 C CG1 . VAL A 1 137 ? -1.333  -4.892  -10.936 1.00 27.00 ? 137  VAL A CG1 1 
ATOM   1104 C CG2 . VAL A 1 137 ? -3.108  -4.036  -9.425  1.00 30.07 ? 137  VAL A CG2 1 
ATOM   1105 N N   . SER A 1 138 ? -0.693  -2.389  -13.107 1.00 37.06 ? 138  SER A N   1 
ATOM   1106 C CA  . SER A 1 138 ? -0.159  -2.435  -14.464 1.00 45.68 ? 138  SER A CA  1 
ATOM   1107 C C   . SER A 1 138 ? 0.325   -3.835  -14.856 1.00 54.27 ? 138  SER A C   1 
ATOM   1108 O O   . SER A 1 138 ? 1.254   -4.375  -14.248 1.00 57.50 ? 138  SER A O   1 
ATOM   1109 C CB  . SER A 1 138 ? 0.999   -1.455  -14.597 1.00 41.61 ? 138  SER A CB  1 
ATOM   1110 O OG  . SER A 1 138 ? 2.163   -2.006  -14.013 1.00 40.97 ? 138  SER A OG  1 
ATOM   1111 N N   . TYR A 1 139 ? -0.308  -4.411  -15.879 1.00 60.41 ? 139  TYR A N   1 
ATOM   1112 C CA  . TYR A 1 139 ? 0.043   -5.740  -16.389 1.00 63.65 ? 139  TYR A CA  1 
ATOM   1113 C C   . TYR A 1 139 ? 0.538   -5.596  -17.833 1.00 66.31 ? 139  TYR A C   1 
ATOM   1114 O O   . TYR A 1 139 ? 0.044   -6.279  -18.735 1.00 67.37 ? 139  TYR A O   1 
ATOM   1115 C CB  . TYR A 1 139 ? -1.184  -6.669  -16.373 1.00 62.01 ? 139  TYR A CB  1 
ATOM   1116 C CG  . TYR A 1 139 ? -1.713  -7.025  -14.996 1.00 61.92 ? 139  TYR A CG  1 
ATOM   1117 C CD1 . TYR A 1 139 ? -1.064  -7.971  -14.198 1.00 60.84 ? 139  TYR A CD1 1 
ATOM   1118 C CD2 . TYR A 1 139 ? -2.880  -6.429  -14.496 1.00 62.60 ? 139  TYR A CD2 1 
ATOM   1119 C CE1 . TYR A 1 139 ? -1.561  -8.318  -12.938 1.00 61.36 ? 139  TYR A CE1 1 
ATOM   1120 C CE2 . TYR A 1 139 ? -3.385  -6.769  -13.235 1.00 60.49 ? 139  TYR A CE2 1 
ATOM   1121 C CZ  . TYR A 1 139 ? -2.720  -7.713  -12.465 1.00 60.93 ? 139  TYR A CZ  1 
ATOM   1122 O OH  . TYR A 1 139 ? -3.208  -8.050  -11.223 1.00 61.40 ? 139  TYR A OH  1 
ATOM   1123 N N   . LEU A 1 140 ? 1.513   -4.711  -18.042 1.00 67.93 ? 140  LEU A N   1 
ATOM   1124 C CA  . LEU A 1 140 ? 2.058   -4.461  -19.379 1.00 69.48 ? 140  LEU A CA  1 
ATOM   1125 C C   . LEU A 1 140 ? 3.372   -5.192  -19.690 1.00 71.27 ? 140  LEU A C   1 
ATOM   1126 O O   . LEU A 1 140 ? 3.771   -5.296  -20.854 1.00 68.98 ? 140  LEU A O   1 
ATOM   1127 C CB  . LEU A 1 140 ? 2.249   -2.953  -19.581 1.00 67.88 ? 140  LEU A CB  1 
ATOM   1128 C CG  . LEU A 1 140 ? 1.337   -2.275  -20.611 1.00 68.57 ? 140  LEU A CG  1 
ATOM   1129 C CD1 . LEU A 1 140 ? -0.118  -2.693  -20.394 1.00 65.40 ? 140  LEU A CD1 1 
ATOM   1130 C CD2 . LEU A 1 140 ? 1.490   -0.761  -20.498 1.00 68.11 ? 140  LEU A CD2 1 
ATOM   1131 N N   . LYS A 1 141 ? 4.036   -5.694  -18.651 1.00 74.39 ? 141  LYS A N   1 
ATOM   1132 C CA  . LYS A 1 141 ? 5.300   -6.411  -18.818 1.00 75.62 ? 141  LYS A CA  1 
ATOM   1133 C C   . LYS A 1 141 ? 5.118   -7.914  -18.592 1.00 76.70 ? 141  LYS A C   1 
ATOM   1134 O O   . LYS A 1 141 ? 4.170   -8.340  -17.931 1.00 76.53 ? 141  LYS A O   1 
ATOM   1135 C CB  . LYS A 1 141 ? 6.349   -5.859  -17.845 1.00 74.95 ? 141  LYS A CB  1 
ATOM   1136 C CG  . LYS A 1 141 ? 6.638   -4.370  -18.020 1.00 74.93 ? 141  LYS A CG  1 
ATOM   1137 C CD  . LYS A 1 141 ? 7.777   -3.912  -17.119 1.00 75.47 ? 141  LYS A CD  1 
ATOM   1138 C CE  . LYS A 1 141 ? 9.135   -4.190  -17.751 1.00 76.19 ? 141  LYS A CE  1 
ATOM   1139 N NZ  . LYS A 1 141 ? 10.018  -4.992  -16.855 1.00 74.63 ? 141  LYS A NZ  1 
ATOM   1140 N N   . ARG A 1 142 ? 6.028   -8.712  -19.146 1.00 78.88 ? 142  ARG A N   1 
ATOM   1141 C CA  . ARG A 1 142 ? 5.964   -10.166 -19.009 1.00 81.34 ? 142  ARG A CA  1 
ATOM   1142 C C   . ARG A 1 142 ? 5.986   -10.606 -17.542 1.00 82.48 ? 142  ARG A C   1 
ATOM   1143 O O   . ARG A 1 142 ? 5.012   -11.257 -17.109 1.00 29.00 ? 142  ARG A O   1 
ATOM   1144 C CB  . ARG A 1 142 ? 7.123   -10.817 -19.775 1.00 79.18 ? 142  ARG A CB  1 
ATOM   1145 O OXT . ARG A 1 142 ? 6.977   -10.292 -16.849 1.00 29.00 ? 142  ARG A OXT 1 
HETATM 1146 C C1  . MAN B 2 .   ? 3.815   -3.680  12.591  0.80 27.57 ? 858  MAN A C1  1 
HETATM 1147 C C2  . MAN B 2 .   ? 4.050   -4.836  13.572  0.80 29.66 ? 858  MAN A C2  1 
HETATM 1148 C C3  . MAN B 2 .   ? 2.712   -5.427  14.036  0.80 29.22 ? 858  MAN A C3  1 
HETATM 1149 C C4  . MAN B 2 .   ? 1.583   -4.403  13.901  0.80 29.38 ? 858  MAN A C4  1 
HETATM 1150 C C5  . MAN B 2 .   ? 1.441   -3.903  12.447  0.80 29.47 ? 858  MAN A C5  1 
HETATM 1151 C C6  . MAN B 2 .   ? 0.976   -2.456  12.372  0.80 29.60 ? 858  MAN A C6  1 
HETATM 1152 O O1  . MAN B 2 .   ? 4.921   -3.504  11.785  0.80 30.85 ? 858  MAN A O1  1 
HETATM 1153 O O2  . MAN B 2 .   ? 4.783   -4.375  14.695  0.80 29.85 ? 858  MAN A O2  1 
HETATM 1154 O O3  . MAN B 2 .   ? 2.817   -5.837  15.391  0.80 30.08 ? 858  MAN A O3  1 
HETATM 1155 O O4  . MAN B 2 .   ? 0.362   -4.991  14.317  0.80 30.87 ? 858  MAN A O4  1 
HETATM 1156 O O5  . MAN B 2 .   ? 2.703   -3.983  11.747  0.80 29.50 ? 858  MAN A O5  1 
HETATM 1157 O O6  . MAN B 2 .   ? 1.586   -1.762  11.290  0.80 27.60 ? 858  MAN A O6  1 
HETATM 1158 O O   . HOH C 3 .   ? -14.433 4.741   -1.414  1.00 26.48 ? 2001 HOH A O   1 
HETATM 1159 O O   . HOH C 3 .   ? -17.081 2.151   0.340   1.00 76.81 ? 2002 HOH A O   1 
HETATM 1160 O O   . HOH C 3 .   ? -17.426 -2.008  3.073   1.00 64.66 ? 2003 HOH A O   1 
HETATM 1161 O O   . HOH C 3 .   ? -15.570 -4.377  1.705   1.00 59.92 ? 2004 HOH A O   1 
HETATM 1162 O O   . HOH C 3 .   ? -13.457 -5.245  -2.735  1.00 58.38 ? 2005 HOH A O   1 
HETATM 1163 O O   . HOH C 3 .   ? -11.817 -6.716  -7.335  1.00 54.25 ? 2006 HOH A O   1 
HETATM 1164 O O   . HOH C 3 .   ? -12.140 -10.125 -4.618  1.00 67.47 ? 2007 HOH A O   1 
HETATM 1165 O O   . HOH C 3 .   ? -5.412  -6.755  -10.515 1.00 29.80 ? 2008 HOH A O   1 
HETATM 1166 O O   . HOH C 3 .   ? -0.310  -14.270 -8.779  1.00 57.59 ? 2009 HOH A O   1 
HETATM 1167 O O   . HOH C 3 .   ? 3.655   -12.833 -10.565 1.00 35.45 ? 2010 HOH A O   1 
HETATM 1168 O O   . HOH C 3 .   ? 2.513   -11.776 -7.831  1.00 23.94 ? 2011 HOH A O   1 
HETATM 1169 O O   . HOH C 3 .   ? 1.589   -7.032  -12.771 1.00 35.08 ? 2012 HOH A O   1 
HETATM 1170 O O   . HOH C 3 .   ? -8.501  10.207  16.744  1.00 20.37 ? 2013 HOH A O   1 
HETATM 1171 O O   . HOH C 3 .   ? -4.084  13.701  16.736  1.00 72.35 ? 2014 HOH A O   1 
HETATM 1172 O O   . HOH C 3 .   ? -5.271  -6.885  4.755   1.00 21.59 ? 2015 HOH A O   1 
HETATM 1173 O O   . HOH C 3 .   ? 0.471   -18.155 1.927   1.00 45.34 ? 2016 HOH A O   1 
HETATM 1174 O O   . HOH C 3 .   ? -5.895  -17.658 -2.777  1.00 37.95 ? 2017 HOH A O   1 
HETATM 1175 O O   . HOH C 3 .   ? -11.299 -9.719  2.341   1.00 68.96 ? 2018 HOH A O   1 
HETATM 1176 O O   . HOH C 3 .   ? -11.116 -16.972 5.022   1.00 71.93 ? 2019 HOH A O   1 
HETATM 1177 O O   . HOH C 3 .   ? -3.538  -17.219 9.538   1.00 62.02 ? 2020 HOH A O   1 
HETATM 1178 O O   . HOH C 3 .   ? -0.860  -17.147 4.188   1.00 29.09 ? 2021 HOH A O   1 
HETATM 1179 O O   . HOH C 3 .   ? -0.049  -18.128 8.007   1.00 50.23 ? 2022 HOH A O   1 
HETATM 1180 O O   . HOH C 3 .   ? -0.694  -14.369 8.156   1.00 18.52 ? 2023 HOH A O   1 
HETATM 1181 O O   . HOH C 3 .   ? 0.017   4.676   12.000  1.00 47.13 ? 2024 HOH A O   1 
HETATM 1182 O O   . HOH C 3 .   ? 7.141   -16.683 11.017  1.00 46.99 ? 2025 HOH A O   1 
HETATM 1183 O O   . HOH C 3 .   ? 11.425  -11.116 7.153   1.00 45.29 ? 2026 HOH A O   1 
HETATM 1184 O O   . HOH C 3 .   ? 4.271   -20.739 2.439   1.00 50.15 ? 2027 HOH A O   1 
HETATM 1185 O O   . HOH C 3 .   ? 2.713   -11.627 15.119  1.00 43.17 ? 2028 HOH A O   1 
HETATM 1186 O O   . HOH C 3 .   ? 9.924   0.808   14.376  1.00 55.63 ? 2029 HOH A O   1 
HETATM 1187 O O   . HOH C 3 .   ? 12.170  1.454   13.045  1.00 51.21 ? 2030 HOH A O   1 
HETATM 1188 O O   . HOH C 3 .   ? 5.806   13.303  10.495  1.00 71.40 ? 2031 HOH A O   1 
HETATM 1189 O O   . HOH C 3 .   ? 2.103   15.777  -1.680  1.00 45.22 ? 2032 HOH A O   1 
HETATM 1190 O O   . HOH C 3 .   ? -1.827  14.598  -0.302  1.00 33.67 ? 2033 HOH A O   1 
HETATM 1191 O O   . HOH C 3 .   ? -9.255  19.262  7.132   1.00 65.87 ? 2034 HOH A O   1 
HETATM 1192 O O   . HOH C 3 .   ? -6.726  18.485  10.606  1.00 42.97 ? 2035 HOH A O   1 
HETATM 1193 O O   . HOH C 3 .   ? -0.808  18.688  4.824   1.00 68.10 ? 2036 HOH A O   1 
HETATM 1194 O O   . HOH C 3 .   ? -7.538  14.984  5.809   1.00 46.99 ? 2037 HOH A O   1 
HETATM 1195 O O   . HOH C 3 .   ? -4.113  13.533  1.281   1.00 33.59 ? 2038 HOH A O   1 
HETATM 1196 O O   . HOH C 3 .   ? 6.394   4.113   -7.720  1.00 62.65 ? 2039 HOH A O   1 
HETATM 1197 O O   . HOH C 3 .   ? 19.768  -2.207  -3.737  1.00 34.68 ? 2040 HOH A O   1 
HETATM 1198 O O   . HOH C 3 .   ? 16.517  -1.256  -8.219  1.00 45.39 ? 2041 HOH A O   1 
HETATM 1199 O O   . HOH C 3 .   ? 13.135  5.112   -9.613  1.00 30.06 ? 2042 HOH A O   1 
HETATM 1200 O O   . HOH C 3 .   ? -2.642  14.154  -6.757  1.00 69.76 ? 2043 HOH A O   1 
HETATM 1201 O O   . HOH C 3 .   ? 2.461   9.179   -7.061  1.00 36.42 ? 2044 HOH A O   1 
HETATM 1202 O O   . HOH C 3 .   ? 11.079  12.206  -6.095  1.00 36.04 ? 2045 HOH A O   1 
HETATM 1203 O O   . HOH C 3 .   ? 11.062  4.189   3.381   1.00 44.46 ? 2046 HOH A O   1 
HETATM 1204 O O   . HOH C 3 .   ? 14.589  0.231   0.618   1.00 49.89 ? 2047 HOH A O   1 
HETATM 1205 O O   . HOH C 3 .   ? 12.666  0.448   4.297   1.00 58.21 ? 2048 HOH A O   1 
HETATM 1206 O O   . HOH C 3 .   ? 13.460  -2.397  3.536   1.00 34.02 ? 2049 HOH A O   1 
HETATM 1207 O O   . HOH C 3 .   ? 12.597  -5.125  3.829   1.00 26.62 ? 2050 HOH A O   1 
HETATM 1208 O O   . HOH C 3 .   ? 8.470   -8.370  0.709   1.00 19.87 ? 2051 HOH A O   1 
HETATM 1209 O O   . HOH C 3 .   ? 11.515  -13.414 4.568   1.00 53.75 ? 2052 HOH A O   1 
HETATM 1210 O O   . HOH C 3 .   ? 13.697  -4.760  7.095   1.00 68.10 ? 2053 HOH A O   1 
HETATM 1211 O O   . HOH C 3 .   ? 8.063   -8.363  -1.831  1.00 18.05 ? 2054 HOH A O   1 
HETATM 1212 O O   . HOH C 3 .   ? 10.759  -15.460 -1.560  1.00 28.30 ? 2055 HOH A O   1 
HETATM 1213 O O   . HOH C 3 .   ? 11.156  -11.943 -7.707  1.00 65.09 ? 2056 HOH A O   1 
HETATM 1214 O O   . HOH C 3 .   ? 2.390   -14.142 -9.172  1.00 61.18 ? 2057 HOH A O   1 
HETATM 1215 O O   . HOH C 3 .   ? 1.302   -17.069 -2.776  1.00 33.25 ? 2058 HOH A O   1 
HETATM 1216 O O   . HOH C 3 .   ? -5.160  -14.326 -7.099  1.00 46.01 ? 2059 HOH A O   1 
HETATM 1217 O O   . HOH C 3 .   ? -8.220  -6.944  6.604   1.00 61.47 ? 2060 HOH A O   1 
HETATM 1218 O O   . HOH C 3 .   ? -13.152 2.148   5.876   1.00 44.97 ? 2061 HOH A O   1 
HETATM 1219 O O   . HOH C 3 .   ? -13.822 5.663   9.214   1.00 20.69 ? 2062 HOH A O   1 
HETATM 1220 O O   . HOH C 3 .   ? -11.867 3.187   8.393   0.50 17.13 ? 2063 HOH A O   1 
HETATM 1221 O O   . HOH C 3 .   ? -9.007  2.771   10.927  0.50 4.01  ? 2064 HOH A O   1 
HETATM 1222 O O   . HOH C 3 .   ? -14.794 4.514   2.315   1.00 53.02 ? 2065 HOH A O   1 
HETATM 1223 O O   . HOH C 3 .   ? -13.064 3.951   -10.568 1.00 69.46 ? 2066 HOH A O   1 
HETATM 1224 O O   . HOH C 3 .   ? -7.775  0.093   -13.437 1.00 41.53 ? 2067 HOH A O   1 
HETATM 1225 O O   . HOH C 3 .   ? -0.876  1.227   -12.178 1.00 32.38 ? 2068 HOH A O   1 
HETATM 1226 O O   . HOH C 3 .   ? -6.313  -3.107  -12.265 1.00 36.78 ? 2069 HOH A O   1 
HETATM 1227 O O   . HOH C 3 .   ? 3.601   -2.995  -16.855 1.00 50.82 ? 2070 HOH A O   1 
HETATM 1228 O O   . HOH C 3 .   ? 12.959  -6.777  -15.608 1.00 82.08 ? 2071 HOH A O   1 
HETATM 1229 O O   . HOH C 3 .   ? 4.945   -13.500 -18.771 1.00 35.04 ? 2072 HOH A O   1 
HETATM 1230 O O   . HOH C 3 .   ? -1.840  -3.642  12.252  1.00 65.76 ? 2073 HOH A O   1 
# 
loop_
_pdbx_poly_seq_scheme.asym_id 
_pdbx_poly_seq_scheme.entity_id 
_pdbx_poly_seq_scheme.seq_id 
_pdbx_poly_seq_scheme.mon_id 
_pdbx_poly_seq_scheme.ndb_seq_num 
_pdbx_poly_seq_scheme.pdb_seq_num 
_pdbx_poly_seq_scheme.auth_seq_num 
_pdbx_poly_seq_scheme.pdb_mon_id 
_pdbx_poly_seq_scheme.auth_mon_id 
_pdbx_poly_seq_scheme.pdb_strand_id 
_pdbx_poly_seq_scheme.pdb_ins_code 
_pdbx_poly_seq_scheme.hetero 
A 1 1   MET 1   1   ?   ?   ?   A . n 
A 1 2   SER 2   2   2   SER SER A . n 
A 1 3   LEU 3   3   3   LEU LEU A . n 
A 1 4   LEU 4   4   4   LEU LEU A . n 
A 1 5   PRO 5   5   5   PRO PRO A . n 
A 1 6   VAL 6   6   6   VAL VAL A . n 
A 1 7   PRO 7   7   7   PRO PRO A . n 
A 1 8   TYR 8   8   8   TYR TYR A . n 
A 1 9   THR 9   9   9   THR THR A . n 
A 1 10  GLU 10  10  10  GLU GLU A . n 
A 1 11  ALA 11  11  11  ALA ALA A . n 
A 1 12  ALA 12  12  12  ALA ALA A . n 
A 1 13  SER 13  13  13  SER SER A . n 
A 1 14  LEU 14  14  14  LEU LEU A . n 
A 1 15  SER 15  15  15  SER SER A . n 
A 1 16  THR 16  16  16  THR THR A . n 
A 1 17  GLY 17  17  17  GLY GLY A . n 
A 1 18  SER 18  18  18  SER SER A . n 
A 1 19  THR 19  19  19  THR THR A . n 
A 1 20  VAL 20  20  20  VAL VAL A . n 
A 1 21  THR 21  21  21  THR THR A . n 
A 1 22  ILE 22  22  22  ILE ILE A . n 
A 1 23  LYS 23  23  23  LYS LYS A . n 
A 1 24  GLY 24  24  24  GLY GLY A . n 
A 1 25  ARG 25  25  25  ARG ARG A . n 
A 1 26  PRO 26  26  26  PRO PRO A . n 
A 1 27  LEU 27  27  27  LEU LEU A . n 
A 1 28  VAL 28  28  28  VAL VAL A . n 
A 1 29  CYS 29  29  29  CYS CYS A . n 
A 1 30  PHE 30  30  30  PHE PHE A . n 
A 1 31  LEU 31  31  31  LEU LEU A . n 
A 1 32  ASN 32  32  32  ASN ASN A . n 
A 1 33  GLU 33  33  33  GLU GLU A . n 
A 1 34  PRO 34  34  34  PRO PRO A . n 
A 1 35  TYR 35  35  35  TYR TYR A . n 
A 1 36  LEU 36  36  36  LEU LEU A . n 
A 1 37  GLN 37  37  37  GLN GLN A . n 
A 1 38  VAL 38  38  38  VAL VAL A . n 
A 1 39  ASP 39  39  39  ASP ASP A . n 
A 1 40  PHE 40  40  40  PHE PHE A . n 
A 1 41  HIS 41  41  41  HIS HIS A . n 
A 1 42  THR 42  42  42  THR THR A . n 
A 1 43  GLU 43  43  43  GLU GLU A . n 
A 1 44  MET 44  44  44  MET MET A . n 
A 1 45  LYS 45  45  45  LYS LYS A . n 
A 1 46  GLU 46  46  46  GLU GLU A . n 
A 1 47  GLU 47  47  47  GLU GLU A . n 
A 1 48  SER 48  48  48  SER SER A . n 
A 1 49  ASP 49  49  49  ASP ASP A . n 
A 1 50  ILE 50  50  50  ILE ILE A . n 
A 1 51  VAL 51  51  51  VAL VAL A . n 
A 1 52  PHE 52  52  52  PHE PHE A . n 
A 1 53  HIS 53  53  53  HIS HIS A . n 
A 1 54  PHE 54  54  54  PHE PHE A . n 
A 1 55  GLN 55  55  55  GLN GLN A . n 
A 1 56  VAL 56  56  56  VAL VAL A . n 
A 1 57  CYS 57  57  57  CYS CYS A . n 
A 1 58  PHE 58  58  58  PHE PHE A . n 
A 1 59  GLY 59  59  59  GLY GLY A . n 
A 1 60  ARG 60  60  60  ARG ARG A . n 
A 1 61  ARG 61  61  61  ARG ARG A . n 
A 1 62  VAL 62  62  62  VAL VAL A . n 
A 1 63  VAL 63  63  63  VAL VAL A . n 
A 1 64  MET 64  64  64  MET MET A . n 
A 1 65  ASN 65  65  65  ASN ASN A . n 
A 1 66  SER 66  66  66  SER SER A . n 
A 1 67  ARG 67  67  67  ARG ARG A . n 
A 1 68  GLU 68  68  68  GLU GLU A . n 
A 1 69  TYR 69  69  69  TYR TYR A . n 
A 1 70  GLY 70  70  70  GLY GLY A . n 
A 1 71  ALA 71  71  71  ALA ALA A . n 
A 1 72  TRP 72  72  72  TRP TRP A . n 
A 1 73  LYS 73  73  73  LYS LYS A . n 
A 1 74  GLN 74  74  74  GLN GLN A . n 
A 1 75  GLN 75  75  75  GLN GLN A . n 
A 1 76  VAL 76  76  76  VAL VAL A . n 
A 1 77  GLU 77  77  77  GLU GLU A . n 
A 1 78  SER 78  78  78  SER SER A . n 
A 1 79  LYS 79  79  79  LYS LYS A . n 
A 1 80  ASN 80  80  80  ASN ASN A . n 
A 1 81  MET 81  81  81  MET MET A . n 
A 1 82  PRO 82  82  82  PRO PRO A . n 
A 1 83  PHE 83  83  83  PHE PHE A . n 
A 1 84  GLN 84  84  84  GLN GLN A . n 
A 1 85  ASP 85  85  85  ASP ASP A . n 
A 1 86  GLY 86  86  86  GLY GLY A . n 
A 1 87  GLN 87  87  87  GLN GLN A . n 
A 1 88  GLU 88  88  88  GLU GLU A . n 
A 1 89  PHE 89  89  89  PHE PHE A . n 
A 1 90  GLU 90  90  90  GLU GLU A . n 
A 1 91  LEU 91  91  91  LEU LEU A . n 
A 1 92  SER 92  92  92  SER SER A . n 
A 1 93  ILE 93  93  93  ILE ILE A . n 
A 1 94  SER 94  94  94  SER SER A . n 
A 1 95  VAL 95  95  95  VAL VAL A . n 
A 1 96  LEU 96  96  96  LEU LEU A . n 
A 1 97  PRO 97  97  97  PRO PRO A . n 
A 1 98  ASP 98  98  98  ASP ASP A . n 
A 1 99  LYS 99  99  99  LYS LYS A . n 
A 1 100 TYR 100 100 100 TYR TYR A . n 
A 1 101 GLN 101 101 101 GLN GLN A . n 
A 1 102 VAL 102 102 102 VAL VAL A . n 
A 1 103 MET 103 103 103 MET MET A . n 
A 1 104 VAL 104 104 104 VAL VAL A . n 
A 1 105 ASN 105 105 105 ASN ASN A . n 
A 1 106 GLY 106 106 106 GLY GLY A . n 
A 1 107 GLN 107 107 107 GLN GLN A . n 
A 1 108 SER 108 108 108 SER SER A . n 
A 1 109 SER 109 109 109 SER SER A . n 
A 1 110 TYR 110 110 110 TYR TYR A . n 
A 1 111 THR 111 111 111 THR THR A . n 
A 1 112 PHE 112 112 112 PHE PHE A . n 
A 1 113 ASP 113 113 113 ASP ASP A . n 
A 1 114 HIS 114 114 114 HIS HIS A . n 
A 1 115 ARG 115 115 115 ARG ARG A . n 
A 1 116 ILE 116 116 116 ILE ILE A . n 
A 1 117 LYS 117 117 117 LYS LYS A . n 
A 1 118 PRO 118 118 118 PRO PRO A . n 
A 1 119 GLU 119 119 119 GLU GLU A . n 
A 1 120 ALA 120 120 120 ALA ALA A . n 
A 1 121 VAL 121 121 121 VAL VAL A . n 
A 1 122 LYS 122 122 122 LYS LYS A . n 
A 1 123 MET 123 123 123 MET MET A . n 
A 1 124 VAL 124 124 124 VAL VAL A . n 
A 1 125 GLN 125 125 125 GLN GLN A . n 
A 1 126 VAL 126 126 126 VAL VAL A . n 
A 1 127 TRP 127 127 127 TRP TRP A . n 
A 1 128 ARG 128 128 128 ARG ARG A . n 
A 1 129 ASP 129 129 129 ASP ASP A . n 
A 1 130 ILE 130 130 130 ILE ILE A . n 
A 1 131 SER 131 131 131 SER SER A . n 
A 1 132 LEU 132 132 132 LEU LEU A . n 
A 1 133 THR 133 133 133 THR THR A . n 
A 1 134 LYS 134 134 134 LYS LYS A . n 
A 1 135 PHE 135 135 135 PHE PHE A . n 
A 1 136 ASN 136 136 136 ASN ASN A . n 
A 1 137 VAL 137 137 137 VAL VAL A . n 
A 1 138 SER 138 138 138 SER SER A . n 
A 1 139 TYR 139 139 139 TYR TYR A . n 
A 1 140 LEU 140 140 140 LEU LEU A . n 
A 1 141 LYS 141 141 141 LYS LYS A . n 
A 1 142 ARG 142 142 142 ARG ARG A . n 
# 
loop_
_pdbx_nonpoly_scheme.asym_id 
_pdbx_nonpoly_scheme.entity_id 
_pdbx_nonpoly_scheme.mon_id 
_pdbx_nonpoly_scheme.ndb_seq_num 
_pdbx_nonpoly_scheme.pdb_seq_num 
_pdbx_nonpoly_scheme.auth_seq_num 
_pdbx_nonpoly_scheme.pdb_mon_id 
_pdbx_nonpoly_scheme.auth_mon_id 
_pdbx_nonpoly_scheme.pdb_strand_id 
_pdbx_nonpoly_scheme.pdb_ins_code 
B 2 MAN 1  858  858  MAN MAN A . 
C 3 HOH 1  2001 2001 HOH HOH A . 
C 3 HOH 2  2002 2002 HOH HOH A . 
C 3 HOH 3  2003 2003 HOH HOH A . 
C 3 HOH 4  2004 2004 HOH HOH A . 
C 3 HOH 5  2005 2005 HOH HOH A . 
C 3 HOH 6  2006 2006 HOH HOH A . 
C 3 HOH 7  2007 2007 HOH HOH A . 
C 3 HOH 8  2008 2008 HOH HOH A . 
C 3 HOH 9  2009 2009 HOH HOH A . 
C 3 HOH 10 2010 2010 HOH HOH A . 
C 3 HOH 11 2011 2011 HOH HOH A . 
C 3 HOH 12 2012 2012 HOH HOH A . 
C 3 HOH 13 2013 2013 HOH HOH A . 
C 3 HOH 14 2014 2014 HOH HOH A . 
C 3 HOH 15 2015 2015 HOH HOH A . 
C 3 HOH 16 2016 2016 HOH HOH A . 
C 3 HOH 17 2017 2017 HOH HOH A . 
C 3 HOH 18 2018 2018 HOH HOH A . 
C 3 HOH 19 2019 2019 HOH HOH A . 
C 3 HOH 20 2020 2020 HOH HOH A . 
C 3 HOH 21 2021 2021 HOH HOH A . 
C 3 HOH 22 2022 2022 HOH HOH A . 
C 3 HOH 23 2023 2023 HOH HOH A . 
C 3 HOH 24 2024 2024 HOH HOH A . 
C 3 HOH 25 2025 2025 HOH HOH A . 
C 3 HOH 26 2026 2026 HOH HOH A . 
C 3 HOH 27 2027 2027 HOH HOH A . 
C 3 HOH 28 2028 2028 HOH HOH A . 
C 3 HOH 29 2029 2029 HOH HOH A . 
C 3 HOH 30 2030 2030 HOH HOH A . 
C 3 HOH 31 2031 2031 HOH HOH A . 
C 3 HOH 32 2032 2032 HOH HOH A . 
C 3 HOH 33 2033 2033 HOH HOH A . 
C 3 HOH 34 2034 2034 HOH HOH A . 
C 3 HOH 35 2035 2035 HOH HOH A . 
C 3 HOH 36 2036 2036 HOH HOH A . 
C 3 HOH 37 2037 2037 HOH HOH A . 
C 3 HOH 38 2038 2038 HOH HOH A . 
C 3 HOH 39 2039 2039 HOH HOH A . 
C 3 HOH 40 2040 2040 HOH HOH A . 
C 3 HOH 41 2041 2041 HOH HOH A . 
C 3 HOH 42 2042 2042 HOH HOH A . 
C 3 HOH 43 2043 2043 HOH HOH A . 
C 3 HOH 44 2044 2044 HOH HOH A . 
C 3 HOH 45 2045 2045 HOH HOH A . 
C 3 HOH 46 2046 2046 HOH HOH A . 
C 3 HOH 47 2047 2047 HOH HOH A . 
C 3 HOH 48 2048 2048 HOH HOH A . 
C 3 HOH 49 2049 2049 HOH HOH A . 
C 3 HOH 50 2050 2050 HOH HOH A . 
C 3 HOH 51 2051 2051 HOH HOH A . 
C 3 HOH 52 2052 2052 HOH HOH A . 
C 3 HOH 53 2053 2053 HOH HOH A . 
C 3 HOH 54 2054 2054 HOH HOH A . 
C 3 HOH 55 2055 2055 HOH HOH A . 
C 3 HOH 56 2056 2056 HOH HOH A . 
C 3 HOH 57 2057 2057 HOH HOH A . 
C 3 HOH 58 2058 2058 HOH HOH A . 
C 3 HOH 59 2059 2059 HOH HOH A . 
C 3 HOH 60 2060 2060 HOH HOH A . 
C 3 HOH 61 2061 2061 HOH HOH A . 
C 3 HOH 62 2062 2062 HOH HOH A . 
C 3 HOH 63 2063 2063 HOH HOH A . 
C 3 HOH 64 2064 2064 HOH HOH A . 
C 3 HOH 65 2065 2065 HOH HOH A . 
C 3 HOH 66 2066 2066 HOH HOH A . 
C 3 HOH 67 2067 2067 HOH HOH A . 
C 3 HOH 68 2068 2068 HOH HOH A . 
C 3 HOH 69 2069 2069 HOH HOH A . 
C 3 HOH 70 2070 2070 HOH HOH A . 
C 3 HOH 71 2071 2071 HOH HOH A . 
C 3 HOH 72 2072 2072 HOH HOH A . 
C 3 HOH 73 2073 2073 HOH HOH A . 
# 
_pdbx_struct_assembly.id                   1 
_pdbx_struct_assembly.details              author_and_software_defined_assembly 
_pdbx_struct_assembly.method_details       PISA 
_pdbx_struct_assembly.oligomeric_details   monomeric 
_pdbx_struct_assembly.oligomeric_count     1 
# 
_pdbx_struct_assembly_gen.assembly_id       1 
_pdbx_struct_assembly_gen.oper_expression   1 
_pdbx_struct_assembly_gen.asym_id_list      A,B,C 
# 
_pdbx_struct_oper_list.id                   1 
_pdbx_struct_oper_list.type                 'identity operation' 
_pdbx_struct_oper_list.name                 1_555 
_pdbx_struct_oper_list.symmetry_operation   x,y,z 
_pdbx_struct_oper_list.matrix[1][1]         1.0000000000 
_pdbx_struct_oper_list.matrix[1][2]         0.0000000000 
_pdbx_struct_oper_list.matrix[1][3]         0.0000000000 
_pdbx_struct_oper_list.vector[1]            0.0000000000 
_pdbx_struct_oper_list.matrix[2][1]         0.0000000000 
_pdbx_struct_oper_list.matrix[2][2]         1.0000000000 
_pdbx_struct_oper_list.matrix[2][3]         0.0000000000 
_pdbx_struct_oper_list.vector[2]            0.0000000000 
_pdbx_struct_oper_list.matrix[3][1]         0.0000000000 
_pdbx_struct_oper_list.matrix[3][2]         0.0000000000 
_pdbx_struct_oper_list.matrix[3][3]         1.0000000000 
_pdbx_struct_oper_list.vector[3]            0.0000000000 
# 
_pdbx_struct_special_symmetry.id              1 
_pdbx_struct_special_symmetry.PDB_model_num   1 
_pdbx_struct_special_symmetry.auth_asym_id    A 
_pdbx_struct_special_symmetry.auth_comp_id    HOH 
_pdbx_struct_special_symmetry.auth_seq_id     2064 
_pdbx_struct_special_symmetry.PDB_ins_code    ? 
_pdbx_struct_special_symmetry.label_asym_id   C 
_pdbx_struct_special_symmetry.label_comp_id   HOH 
_pdbx_struct_special_symmetry.label_seq_id    . 
# 
loop_
_pdbx_audit_revision_history.ordinal 
_pdbx_audit_revision_history.data_content_type 
_pdbx_audit_revision_history.major_revision 
_pdbx_audit_revision_history.minor_revision 
_pdbx_audit_revision_history.revision_date 
1 'Structure model' 1 0 2000-01-18 
2 'Structure model' 1 1 2012-08-29 
3 'Structure model' 1 2 2019-09-18 
4 'Structure model' 1 3 2020-07-29 
5 'Structure model' 1 4 2023-12-13 
# 
loop_
_pdbx_audit_revision_details.ordinal 
_pdbx_audit_revision_details.revision_ordinal 
_pdbx_audit_revision_details.data_content_type 
_pdbx_audit_revision_details.provider 
_pdbx_audit_revision_details.type 
_pdbx_audit_revision_details.description 
_pdbx_audit_revision_details.details 
1 1 'Structure model' repository 'Initial release' ?                          ? 
2 4 'Structure model' repository Remediation       'Carbohydrate remediation' ? 
# 
loop_
_pdbx_audit_revision_group.ordinal 
_pdbx_audit_revision_group.revision_ordinal 
_pdbx_audit_revision_group.data_content_type 
_pdbx_audit_revision_group.group 
1  2 'Structure model' 'Atomic model'              
2  2 'Structure model' 'Database references'       
3  2 'Structure model' 'Derived calculations'      
4  2 'Structure model' 'Non-polymer description'   
5  2 'Structure model' Other                       
6  2 'Structure model' 'Refinement description'    
7  2 'Structure model' 'Structure summary'         
8  2 'Structure model' 'Version format compliance' 
9  3 'Structure model' 'Data collection'           
10 3 'Structure model' 'Database references'       
11 4 'Structure model' 'Data collection'           
12 4 'Structure model' 'Derived calculations'      
13 4 'Structure model' 'Structure summary'         
14 5 'Structure model' 'Data collection'           
15 5 'Structure model' 'Database references'       
16 5 'Structure model' 'Refinement description'    
17 5 'Structure model' 'Structure summary'         
# 
loop_
_pdbx_audit_revision_category.ordinal 
_pdbx_audit_revision_category.revision_ordinal 
_pdbx_audit_revision_category.data_content_type 
_pdbx_audit_revision_category.category 
1  3 'Structure model' citation                      
2  3 'Structure model' reflns                        
3  4 'Structure model' chem_comp                     
4  4 'Structure model' entity                        
5  4 'Structure model' pdbx_chem_comp_identifier     
6  4 'Structure model' pdbx_entity_nonpoly           
7  4 'Structure model' struct_site                   
8  4 'Structure model' struct_site_gen               
9  5 'Structure model' chem_comp                     
10 5 'Structure model' chem_comp_atom                
11 5 'Structure model' chem_comp_bond                
12 5 'Structure model' database_2                    
13 5 'Structure model' pdbx_initial_refinement_model 
# 
loop_
_pdbx_audit_revision_item.ordinal 
_pdbx_audit_revision_item.revision_ordinal 
_pdbx_audit_revision_item.data_content_type 
_pdbx_audit_revision_item.item 
1  3 'Structure model' '_citation.page_last'                 
2  3 'Structure model' '_citation.pdbx_database_id_DOI'      
3  3 'Structure model' '_citation.pdbx_database_id_PubMed'   
4  3 'Structure model' '_citation.title'                     
5  3 'Structure model' '_reflns.pdbx_Rsym_value'             
6  4 'Structure model' '_chem_comp.name'                     
7  4 'Structure model' '_chem_comp.type'                     
8  4 'Structure model' '_entity.pdbx_description'            
9  4 'Structure model' '_pdbx_entity_nonpoly.name'           
10 5 'Structure model' '_chem_comp.pdbx_synonyms'            
11 5 'Structure model' '_database_2.pdbx_DOI'                
12 5 'Structure model' '_database_2.pdbx_database_accession' 
# 
loop_
_software.name 
_software.classification 
_software.version 
_software.citation_id 
_software.pdbx_ordinal 
CNS       refinement       0.5 ? 1 
DENZO     'data reduction' .   ? 2 
SCALEPACK 'data scaling'   .   ? 3 
AMoRE     phasing          .   ? 4 
# 
loop_
_pdbx_validate_torsion.id 
_pdbx_validate_torsion.PDB_model_num 
_pdbx_validate_torsion.auth_comp_id 
_pdbx_validate_torsion.auth_asym_id 
_pdbx_validate_torsion.auth_seq_id 
_pdbx_validate_torsion.PDB_ins_code 
_pdbx_validate_torsion.label_alt_id 
_pdbx_validate_torsion.phi 
_pdbx_validate_torsion.psi 
1 1 ARG A 60  ? ? -113.40 -75.61  
2 1 ASN A 65  ? ? -168.75 -169.49 
3 1 LYS A 73  ? ? -101.89 -152.00 
4 1 ARG A 128 ? ? 91.37   -151.27 
5 1 TYR A 139 ? ? -116.49 52.62   
# 
loop_
_pdbx_unobs_or_zero_occ_atoms.id 
_pdbx_unobs_or_zero_occ_atoms.PDB_model_num 
_pdbx_unobs_or_zero_occ_atoms.polymer_flag 
_pdbx_unobs_or_zero_occ_atoms.occupancy_flag 
_pdbx_unobs_or_zero_occ_atoms.auth_asym_id 
_pdbx_unobs_or_zero_occ_atoms.auth_comp_id 
_pdbx_unobs_or_zero_occ_atoms.auth_seq_id 
_pdbx_unobs_or_zero_occ_atoms.PDB_ins_code 
_pdbx_unobs_or_zero_occ_atoms.auth_atom_id 
_pdbx_unobs_or_zero_occ_atoms.label_alt_id 
_pdbx_unobs_or_zero_occ_atoms.label_asym_id 
_pdbx_unobs_or_zero_occ_atoms.label_comp_id 
_pdbx_unobs_or_zero_occ_atoms.label_seq_id 
_pdbx_unobs_or_zero_occ_atoms.label_atom_id 
1 1 Y 1 A ARG 142 ? CG  ? A ARG 142 CG  
2 1 Y 1 A ARG 142 ? CD  ? A ARG 142 CD  
3 1 Y 1 A ARG 142 ? NE  ? A ARG 142 NE  
4 1 Y 1 A ARG 142 ? CZ  ? A ARG 142 CZ  
5 1 Y 1 A ARG 142 ? NH1 ? A ARG 142 NH1 
6 1 Y 1 A ARG 142 ? NH2 ? A ARG 142 NH2 
# 
_pdbx_unobs_or_zero_occ_residues.id               1 
_pdbx_unobs_or_zero_occ_residues.PDB_model_num    1 
_pdbx_unobs_or_zero_occ_residues.polymer_flag     Y 
_pdbx_unobs_or_zero_occ_residues.occupancy_flag   1 
_pdbx_unobs_or_zero_occ_residues.auth_asym_id     A 
_pdbx_unobs_or_zero_occ_residues.auth_comp_id     MET 
_pdbx_unobs_or_zero_occ_residues.auth_seq_id      1 
_pdbx_unobs_or_zero_occ_residues.PDB_ins_code     ? 
_pdbx_unobs_or_zero_occ_residues.label_asym_id    A 
_pdbx_unobs_or_zero_occ_residues.label_comp_id    MET 
_pdbx_unobs_or_zero_occ_residues.label_seq_id     1 
# 
loop_
_chem_comp_atom.comp_id 
_chem_comp_atom.atom_id 
_chem_comp_atom.type_symbol 
_chem_comp_atom.pdbx_aromatic_flag 
_chem_comp_atom.pdbx_stereo_config 
_chem_comp_atom.pdbx_ordinal 
ALA N    N N N 1   
ALA CA   C N S 2   
ALA C    C N N 3   
ALA O    O N N 4   
ALA CB   C N N 5   
ALA OXT  O N N 6   
ALA H    H N N 7   
ALA H2   H N N 8   
ALA HA   H N N 9   
ALA HB1  H N N 10  
ALA HB2  H N N 11  
ALA HB3  H N N 12  
ALA HXT  H N N 13  
ARG N    N N N 14  
ARG CA   C N S 15  
ARG C    C N N 16  
ARG O    O N N 17  
ARG CB   C N N 18  
ARG CG   C N N 19  
ARG CD   C N N 20  
ARG NE   N N N 21  
ARG CZ   C N N 22  
ARG NH1  N N N 23  
ARG NH2  N N N 24  
ARG OXT  O N N 25  
ARG H    H N N 26  
ARG H2   H N N 27  
ARG HA   H N N 28  
ARG HB2  H N N 29  
ARG HB3  H N N 30  
ARG HG2  H N N 31  
ARG HG3  H N N 32  
ARG HD2  H N N 33  
ARG HD3  H N N 34  
ARG HE   H N N 35  
ARG HH11 H N N 36  
ARG HH12 H N N 37  
ARG HH21 H N N 38  
ARG HH22 H N N 39  
ARG HXT  H N N 40  
ASN N    N N N 41  
ASN CA   C N S 42  
ASN C    C N N 43  
ASN O    O N N 44  
ASN CB   C N N 45  
ASN CG   C N N 46  
ASN OD1  O N N 47  
ASN ND2  N N N 48  
ASN OXT  O N N 49  
ASN H    H N N 50  
ASN H2   H N N 51  
ASN HA   H N N 52  
ASN HB2  H N N 53  
ASN HB3  H N N 54  
ASN HD21 H N N 55  
ASN HD22 H N N 56  
ASN HXT  H N N 57  
ASP N    N N N 58  
ASP CA   C N S 59  
ASP C    C N N 60  
ASP O    O N N 61  
ASP CB   C N N 62  
ASP CG   C N N 63  
ASP OD1  O N N 64  
ASP OD2  O N N 65  
ASP OXT  O N N 66  
ASP H    H N N 67  
ASP H2   H N N 68  
ASP HA   H N N 69  
ASP HB2  H N N 70  
ASP HB3  H N N 71  
ASP HD2  H N N 72  
ASP HXT  H N N 73  
CYS N    N N N 74  
CYS CA   C N R 75  
CYS C    C N N 76  
CYS O    O N N 77  
CYS CB   C N N 78  
CYS SG   S N N 79  
CYS OXT  O N N 80  
CYS H    H N N 81  
CYS H2   H N N 82  
CYS HA   H N N 83  
CYS HB2  H N N 84  
CYS HB3  H N N 85  
CYS HG   H N N 86  
CYS HXT  H N N 87  
GLN N    N N N 88  
GLN CA   C N S 89  
GLN C    C N N 90  
GLN O    O N N 91  
GLN CB   C N N 92  
GLN CG   C N N 93  
GLN CD   C N N 94  
GLN OE1  O N N 95  
GLN NE2  N N N 96  
GLN OXT  O N N 97  
GLN H    H N N 98  
GLN H2   H N N 99  
GLN HA   H N N 100 
GLN HB2  H N N 101 
GLN HB3  H N N 102 
GLN HG2  H N N 103 
GLN HG3  H N N 104 
GLN HE21 H N N 105 
GLN HE22 H N N 106 
GLN HXT  H N N 107 
GLU N    N N N 108 
GLU CA   C N S 109 
GLU C    C N N 110 
GLU O    O N N 111 
GLU CB   C N N 112 
GLU CG   C N N 113 
GLU CD   C N N 114 
GLU OE1  O N N 115 
GLU OE2  O N N 116 
GLU OXT  O N N 117 
GLU H    H N N 118 
GLU H2   H N N 119 
GLU HA   H N N 120 
GLU HB2  H N N 121 
GLU HB3  H N N 122 
GLU HG2  H N N 123 
GLU HG3  H N N 124 
GLU HE2  H N N 125 
GLU HXT  H N N 126 
GLY N    N N N 127 
GLY CA   C N N 128 
GLY C    C N N 129 
GLY O    O N N 130 
GLY OXT  O N N 131 
GLY H    H N N 132 
GLY H2   H N N 133 
GLY HA2  H N N 134 
GLY HA3  H N N 135 
GLY HXT  H N N 136 
HIS N    N N N 137 
HIS CA   C N S 138 
HIS C    C N N 139 
HIS O    O N N 140 
HIS CB   C N N 141 
HIS CG   C Y N 142 
HIS ND1  N Y N 143 
HIS CD2  C Y N 144 
HIS CE1  C Y N 145 
HIS NE2  N Y N 146 
HIS OXT  O N N 147 
HIS H    H N N 148 
HIS H2   H N N 149 
HIS HA   H N N 150 
HIS HB2  H N N 151 
HIS HB3  H N N 152 
HIS HD1  H N N 153 
HIS HD2  H N N 154 
HIS HE1  H N N 155 
HIS HE2  H N N 156 
HIS HXT  H N N 157 
HOH O    O N N 158 
HOH H1   H N N 159 
HOH H2   H N N 160 
ILE N    N N N 161 
ILE CA   C N S 162 
ILE C    C N N 163 
ILE O    O N N 164 
ILE CB   C N S 165 
ILE CG1  C N N 166 
ILE CG2  C N N 167 
ILE CD1  C N N 168 
ILE OXT  O N N 169 
ILE H    H N N 170 
ILE H2   H N N 171 
ILE HA   H N N 172 
ILE HB   H N N 173 
ILE HG12 H N N 174 
ILE HG13 H N N 175 
ILE HG21 H N N 176 
ILE HG22 H N N 177 
ILE HG23 H N N 178 
ILE HD11 H N N 179 
ILE HD12 H N N 180 
ILE HD13 H N N 181 
ILE HXT  H N N 182 
LEU N    N N N 183 
LEU CA   C N S 184 
LEU C    C N N 185 
LEU O    O N N 186 
LEU CB   C N N 187 
LEU CG   C N N 188 
LEU CD1  C N N 189 
LEU CD2  C N N 190 
LEU OXT  O N N 191 
LEU H    H N N 192 
LEU H2   H N N 193 
LEU HA   H N N 194 
LEU HB2  H N N 195 
LEU HB3  H N N 196 
LEU HG   H N N 197 
LEU HD11 H N N 198 
LEU HD12 H N N 199 
LEU HD13 H N N 200 
LEU HD21 H N N 201 
LEU HD22 H N N 202 
LEU HD23 H N N 203 
LEU HXT  H N N 204 
LYS N    N N N 205 
LYS CA   C N S 206 
LYS C    C N N 207 
LYS O    O N N 208 
LYS CB   C N N 209 
LYS CG   C N N 210 
LYS CD   C N N 211 
LYS CE   C N N 212 
LYS NZ   N N N 213 
LYS OXT  O N N 214 
LYS H    H N N 215 
LYS H2   H N N 216 
LYS HA   H N N 217 
LYS HB2  H N N 218 
LYS HB3  H N N 219 
LYS HG2  H N N 220 
LYS HG3  H N N 221 
LYS HD2  H N N 222 
LYS HD3  H N N 223 
LYS HE2  H N N 224 
LYS HE3  H N N 225 
LYS HZ1  H N N 226 
LYS HZ2  H N N 227 
LYS HZ3  H N N 228 
LYS HXT  H N N 229 
MAN C1   C N S 230 
MAN C2   C N S 231 
MAN C3   C N S 232 
MAN C4   C N S 233 
MAN C5   C N R 234 
MAN C6   C N N 235 
MAN O1   O N N 236 
MAN O2   O N N 237 
MAN O3   O N N 238 
MAN O4   O N N 239 
MAN O5   O N N 240 
MAN O6   O N N 241 
MAN H1   H N N 242 
MAN H2   H N N 243 
MAN H3   H N N 244 
MAN H4   H N N 245 
MAN H5   H N N 246 
MAN H61  H N N 247 
MAN H62  H N N 248 
MAN HO1  H N N 249 
MAN HO2  H N N 250 
MAN HO3  H N N 251 
MAN HO4  H N N 252 
MAN HO6  H N N 253 
MET N    N N N 254 
MET CA   C N S 255 
MET C    C N N 256 
MET O    O N N 257 
MET CB   C N N 258 
MET CG   C N N 259 
MET SD   S N N 260 
MET CE   C N N 261 
MET OXT  O N N 262 
MET H    H N N 263 
MET H2   H N N 264 
MET HA   H N N 265 
MET HB2  H N N 266 
MET HB3  H N N 267 
MET HG2  H N N 268 
MET HG3  H N N 269 
MET HE1  H N N 270 
MET HE2  H N N 271 
MET HE3  H N N 272 
MET HXT  H N N 273 
PHE N    N N N 274 
PHE CA   C N S 275 
PHE C    C N N 276 
PHE O    O N N 277 
PHE CB   C N N 278 
PHE CG   C Y N 279 
PHE CD1  C Y N 280 
PHE CD2  C Y N 281 
PHE CE1  C Y N 282 
PHE CE2  C Y N 283 
PHE CZ   C Y N 284 
PHE OXT  O N N 285 
PHE H    H N N 286 
PHE H2   H N N 287 
PHE HA   H N N 288 
PHE HB2  H N N 289 
PHE HB3  H N N 290 
PHE HD1  H N N 291 
PHE HD2  H N N 292 
PHE HE1  H N N 293 
PHE HE2  H N N 294 
PHE HZ   H N N 295 
PHE HXT  H N N 296 
PRO N    N N N 297 
PRO CA   C N S 298 
PRO C    C N N 299 
PRO O    O N N 300 
PRO CB   C N N 301 
PRO CG   C N N 302 
PRO CD   C N N 303 
PRO OXT  O N N 304 
PRO H    H N N 305 
PRO HA   H N N 306 
PRO HB2  H N N 307 
PRO HB3  H N N 308 
PRO HG2  H N N 309 
PRO HG3  H N N 310 
PRO HD2  H N N 311 
PRO HD3  H N N 312 
PRO HXT  H N N 313 
SER N    N N N 314 
SER CA   C N S 315 
SER C    C N N 316 
SER O    O N N 317 
SER CB   C N N 318 
SER OG   O N N 319 
SER OXT  O N N 320 
SER H    H N N 321 
SER H2   H N N 322 
SER HA   H N N 323 
SER HB2  H N N 324 
SER HB3  H N N 325 
SER HG   H N N 326 
SER HXT  H N N 327 
THR N    N N N 328 
THR CA   C N S 329 
THR C    C N N 330 
THR O    O N N 331 
THR CB   C N R 332 
THR OG1  O N N 333 
THR CG2  C N N 334 
THR OXT  O N N 335 
THR H    H N N 336 
THR H2   H N N 337 
THR HA   H N N 338 
THR HB   H N N 339 
THR HG1  H N N 340 
THR HG21 H N N 341 
THR HG22 H N N 342 
THR HG23 H N N 343 
THR HXT  H N N 344 
TRP N    N N N 345 
TRP CA   C N S 346 
TRP C    C N N 347 
TRP O    O N N 348 
TRP CB   C N N 349 
TRP CG   C Y N 350 
TRP CD1  C Y N 351 
TRP CD2  C Y N 352 
TRP NE1  N Y N 353 
TRP CE2  C Y N 354 
TRP CE3  C Y N 355 
TRP CZ2  C Y N 356 
TRP CZ3  C Y N 357 
TRP CH2  C Y N 358 
TRP OXT  O N N 359 
TRP H    H N N 360 
TRP H2   H N N 361 
TRP HA   H N N 362 
TRP HB2  H N N 363 
TRP HB3  H N N 364 
TRP HD1  H N N 365 
TRP HE1  H N N 366 
TRP HE3  H N N 367 
TRP HZ2  H N N 368 
TRP HZ3  H N N 369 
TRP HH2  H N N 370 
TRP HXT  H N N 371 
TYR N    N N N 372 
TYR CA   C N S 373 
TYR C    C N N 374 
TYR O    O N N 375 
TYR CB   C N N 376 
TYR CG   C Y N 377 
TYR CD1  C Y N 378 
TYR CD2  C Y N 379 
TYR CE1  C Y N 380 
TYR CE2  C Y N 381 
TYR CZ   C Y N 382 
TYR OH   O N N 383 
TYR OXT  O N N 384 
TYR H    H N N 385 
TYR H2   H N N 386 
TYR HA   H N N 387 
TYR HB2  H N N 388 
TYR HB3  H N N 389 
TYR HD1  H N N 390 
TYR HD2  H N N 391 
TYR HE1  H N N 392 
TYR HE2  H N N 393 
TYR HH   H N N 394 
TYR HXT  H N N 395 
VAL N    N N N 396 
VAL CA   C N S 397 
VAL C    C N N 398 
VAL O    O N N 399 
VAL CB   C N N 400 
VAL CG1  C N N 401 
VAL CG2  C N N 402 
VAL OXT  O N N 403 
VAL H    H N N 404 
VAL H2   H N N 405 
VAL HA   H N N 406 
VAL HB   H N N 407 
VAL HG11 H N N 408 
VAL HG12 H N N 409 
VAL HG13 H N N 410 
VAL HG21 H N N 411 
VAL HG22 H N N 412 
VAL HG23 H N N 413 
VAL HXT  H N N 414 
# 
loop_
_chem_comp_bond.comp_id 
_chem_comp_bond.atom_id_1 
_chem_comp_bond.atom_id_2 
_chem_comp_bond.value_order 
_chem_comp_bond.pdbx_aromatic_flag 
_chem_comp_bond.pdbx_stereo_config 
_chem_comp_bond.pdbx_ordinal 
ALA N   CA   sing N N 1   
ALA N   H    sing N N 2   
ALA N   H2   sing N N 3   
ALA CA  C    sing N N 4   
ALA CA  CB   sing N N 5   
ALA CA  HA   sing N N 6   
ALA C   O    doub N N 7   
ALA C   OXT  sing N N 8   
ALA CB  HB1  sing N N 9   
ALA CB  HB2  sing N N 10  
ALA CB  HB3  sing N N 11  
ALA OXT HXT  sing N N 12  
ARG N   CA   sing N N 13  
ARG N   H    sing N N 14  
ARG N   H2   sing N N 15  
ARG CA  C    sing N N 16  
ARG CA  CB   sing N N 17  
ARG CA  HA   sing N N 18  
ARG C   O    doub N N 19  
ARG C   OXT  sing N N 20  
ARG CB  CG   sing N N 21  
ARG CB  HB2  sing N N 22  
ARG CB  HB3  sing N N 23  
ARG CG  CD   sing N N 24  
ARG CG  HG2  sing N N 25  
ARG CG  HG3  sing N N 26  
ARG CD  NE   sing N N 27  
ARG CD  HD2  sing N N 28  
ARG CD  HD3  sing N N 29  
ARG NE  CZ   sing N N 30  
ARG NE  HE   sing N N 31  
ARG CZ  NH1  sing N N 32  
ARG CZ  NH2  doub N N 33  
ARG NH1 HH11 sing N N 34  
ARG NH1 HH12 sing N N 35  
ARG NH2 HH21 sing N N 36  
ARG NH2 HH22 sing N N 37  
ARG OXT HXT  sing N N 38  
ASN N   CA   sing N N 39  
ASN N   H    sing N N 40  
ASN N   H2   sing N N 41  
ASN CA  C    sing N N 42  
ASN CA  CB   sing N N 43  
ASN CA  HA   sing N N 44  
ASN C   O    doub N N 45  
ASN C   OXT  sing N N 46  
ASN CB  CG   sing N N 47  
ASN CB  HB2  sing N N 48  
ASN CB  HB3  sing N N 49  
ASN CG  OD1  doub N N 50  
ASN CG  ND2  sing N N 51  
ASN ND2 HD21 sing N N 52  
ASN ND2 HD22 sing N N 53  
ASN OXT HXT  sing N N 54  
ASP N   CA   sing N N 55  
ASP N   H    sing N N 56  
ASP N   H2   sing N N 57  
ASP CA  C    sing N N 58  
ASP CA  CB   sing N N 59  
ASP CA  HA   sing N N 60  
ASP C   O    doub N N 61  
ASP C   OXT  sing N N 62  
ASP CB  CG   sing N N 63  
ASP CB  HB2  sing N N 64  
ASP CB  HB3  sing N N 65  
ASP CG  OD1  doub N N 66  
ASP CG  OD2  sing N N 67  
ASP OD2 HD2  sing N N 68  
ASP OXT HXT  sing N N 69  
CYS N   CA   sing N N 70  
CYS N   H    sing N N 71  
CYS N   H2   sing N N 72  
CYS CA  C    sing N N 73  
CYS CA  CB   sing N N 74  
CYS CA  HA   sing N N 75  
CYS C   O    doub N N 76  
CYS C   OXT  sing N N 77  
CYS CB  SG   sing N N 78  
CYS CB  HB2  sing N N 79  
CYS CB  HB3  sing N N 80  
CYS SG  HG   sing N N 81  
CYS OXT HXT  sing N N 82  
GLN N   CA   sing N N 83  
GLN N   H    sing N N 84  
GLN N   H2   sing N N 85  
GLN CA  C    sing N N 86  
GLN CA  CB   sing N N 87  
GLN CA  HA   sing N N 88  
GLN C   O    doub N N 89  
GLN C   OXT  sing N N 90  
GLN CB  CG   sing N N 91  
GLN CB  HB2  sing N N 92  
GLN CB  HB3  sing N N 93  
GLN CG  CD   sing N N 94  
GLN CG  HG2  sing N N 95  
GLN CG  HG3  sing N N 96  
GLN CD  OE1  doub N N 97  
GLN CD  NE2  sing N N 98  
GLN NE2 HE21 sing N N 99  
GLN NE2 HE22 sing N N 100 
GLN OXT HXT  sing N N 101 
GLU N   CA   sing N N 102 
GLU N   H    sing N N 103 
GLU N   H2   sing N N 104 
GLU CA  C    sing N N 105 
GLU CA  CB   sing N N 106 
GLU CA  HA   sing N N 107 
GLU C   O    doub N N 108 
GLU C   OXT  sing N N 109 
GLU CB  CG   sing N N 110 
GLU CB  HB2  sing N N 111 
GLU CB  HB3  sing N N 112 
GLU CG  CD   sing N N 113 
GLU CG  HG2  sing N N 114 
GLU CG  HG3  sing N N 115 
GLU CD  OE1  doub N N 116 
GLU CD  OE2  sing N N 117 
GLU OE2 HE2  sing N N 118 
GLU OXT HXT  sing N N 119 
GLY N   CA   sing N N 120 
GLY N   H    sing N N 121 
GLY N   H2   sing N N 122 
GLY CA  C    sing N N 123 
GLY CA  HA2  sing N N 124 
GLY CA  HA3  sing N N 125 
GLY C   O    doub N N 126 
GLY C   OXT  sing N N 127 
GLY OXT HXT  sing N N 128 
HIS N   CA   sing N N 129 
HIS N   H    sing N N 130 
HIS N   H2   sing N N 131 
HIS CA  C    sing N N 132 
HIS CA  CB   sing N N 133 
HIS CA  HA   sing N N 134 
HIS C   O    doub N N 135 
HIS C   OXT  sing N N 136 
HIS CB  CG   sing N N 137 
HIS CB  HB2  sing N N 138 
HIS CB  HB3  sing N N 139 
HIS CG  ND1  sing Y N 140 
HIS CG  CD2  doub Y N 141 
HIS ND1 CE1  doub Y N 142 
HIS ND1 HD1  sing N N 143 
HIS CD2 NE2  sing Y N 144 
HIS CD2 HD2  sing N N 145 
HIS CE1 NE2  sing Y N 146 
HIS CE1 HE1  sing N N 147 
HIS NE2 HE2  sing N N 148 
HIS OXT HXT  sing N N 149 
HOH O   H1   sing N N 150 
HOH O   H2   sing N N 151 
ILE N   CA   sing N N 152 
ILE N   H    sing N N 153 
ILE N   H2   sing N N 154 
ILE CA  C    sing N N 155 
ILE CA  CB   sing N N 156 
ILE CA  HA   sing N N 157 
ILE C   O    doub N N 158 
ILE C   OXT  sing N N 159 
ILE CB  CG1  sing N N 160 
ILE CB  CG2  sing N N 161 
ILE CB  HB   sing N N 162 
ILE CG1 CD1  sing N N 163 
ILE CG1 HG12 sing N N 164 
ILE CG1 HG13 sing N N 165 
ILE CG2 HG21 sing N N 166 
ILE CG2 HG22 sing N N 167 
ILE CG2 HG23 sing N N 168 
ILE CD1 HD11 sing N N 169 
ILE CD1 HD12 sing N N 170 
ILE CD1 HD13 sing N N 171 
ILE OXT HXT  sing N N 172 
LEU N   CA   sing N N 173 
LEU N   H    sing N N 174 
LEU N   H2   sing N N 175 
LEU CA  C    sing N N 176 
LEU CA  CB   sing N N 177 
LEU CA  HA   sing N N 178 
LEU C   O    doub N N 179 
LEU C   OXT  sing N N 180 
LEU CB  CG   sing N N 181 
LEU CB  HB2  sing N N 182 
LEU CB  HB3  sing N N 183 
LEU CG  CD1  sing N N 184 
LEU CG  CD2  sing N N 185 
LEU CG  HG   sing N N 186 
LEU CD1 HD11 sing N N 187 
LEU CD1 HD12 sing N N 188 
LEU CD1 HD13 sing N N 189 
LEU CD2 HD21 sing N N 190 
LEU CD2 HD22 sing N N 191 
LEU CD2 HD23 sing N N 192 
LEU OXT HXT  sing N N 193 
LYS N   CA   sing N N 194 
LYS N   H    sing N N 195 
LYS N   H2   sing N N 196 
LYS CA  C    sing N N 197 
LYS CA  CB   sing N N 198 
LYS CA  HA   sing N N 199 
LYS C   O    doub N N 200 
LYS C   OXT  sing N N 201 
LYS CB  CG   sing N N 202 
LYS CB  HB2  sing N N 203 
LYS CB  HB3  sing N N 204 
LYS CG  CD   sing N N 205 
LYS CG  HG2  sing N N 206 
LYS CG  HG3  sing N N 207 
LYS CD  CE   sing N N 208 
LYS CD  HD2  sing N N 209 
LYS CD  HD3  sing N N 210 
LYS CE  NZ   sing N N 211 
LYS CE  HE2  sing N N 212 
LYS CE  HE3  sing N N 213 
LYS NZ  HZ1  sing N N 214 
LYS NZ  HZ2  sing N N 215 
LYS NZ  HZ3  sing N N 216 
LYS OXT HXT  sing N N 217 
MAN C1  C2   sing N N 218 
MAN C1  O1   sing N N 219 
MAN C1  O5   sing N N 220 
MAN C1  H1   sing N N 221 
MAN C2  C3   sing N N 222 
MAN C2  O2   sing N N 223 
MAN C2  H2   sing N N 224 
MAN C3  C4   sing N N 225 
MAN C3  O3   sing N N 226 
MAN C3  H3   sing N N 227 
MAN C4  C5   sing N N 228 
MAN C4  O4   sing N N 229 
MAN C4  H4   sing N N 230 
MAN C5  C6   sing N N 231 
MAN C5  O5   sing N N 232 
MAN C5  H5   sing N N 233 
MAN C6  O6   sing N N 234 
MAN C6  H61  sing N N 235 
MAN C6  H62  sing N N 236 
MAN O1  HO1  sing N N 237 
MAN O2  HO2  sing N N 238 
MAN O3  HO3  sing N N 239 
MAN O4  HO4  sing N N 240 
MAN O6  HO6  sing N N 241 
MET N   CA   sing N N 242 
MET N   H    sing N N 243 
MET N   H2   sing N N 244 
MET CA  C    sing N N 245 
MET CA  CB   sing N N 246 
MET CA  HA   sing N N 247 
MET C   O    doub N N 248 
MET C   OXT  sing N N 249 
MET CB  CG   sing N N 250 
MET CB  HB2  sing N N 251 
MET CB  HB3  sing N N 252 
MET CG  SD   sing N N 253 
MET CG  HG2  sing N N 254 
MET CG  HG3  sing N N 255 
MET SD  CE   sing N N 256 
MET CE  HE1  sing N N 257 
MET CE  HE2  sing N N 258 
MET CE  HE3  sing N N 259 
MET OXT HXT  sing N N 260 
PHE N   CA   sing N N 261 
PHE N   H    sing N N 262 
PHE N   H2   sing N N 263 
PHE CA  C    sing N N 264 
PHE CA  CB   sing N N 265 
PHE CA  HA   sing N N 266 
PHE C   O    doub N N 267 
PHE C   OXT  sing N N 268 
PHE CB  CG   sing N N 269 
PHE CB  HB2  sing N N 270 
PHE CB  HB3  sing N N 271 
PHE CG  CD1  doub Y N 272 
PHE CG  CD2  sing Y N 273 
PHE CD1 CE1  sing Y N 274 
PHE CD1 HD1  sing N N 275 
PHE CD2 CE2  doub Y N 276 
PHE CD2 HD2  sing N N 277 
PHE CE1 CZ   doub Y N 278 
PHE CE1 HE1  sing N N 279 
PHE CE2 CZ   sing Y N 280 
PHE CE2 HE2  sing N N 281 
PHE CZ  HZ   sing N N 282 
PHE OXT HXT  sing N N 283 
PRO N   CA   sing N N 284 
PRO N   CD   sing N N 285 
PRO N   H    sing N N 286 
PRO CA  C    sing N N 287 
PRO CA  CB   sing N N 288 
PRO CA  HA   sing N N 289 
PRO C   O    doub N N 290 
PRO C   OXT  sing N N 291 
PRO CB  CG   sing N N 292 
PRO CB  HB2  sing N N 293 
PRO CB  HB3  sing N N 294 
PRO CG  CD   sing N N 295 
PRO CG  HG2  sing N N 296 
PRO CG  HG3  sing N N 297 
PRO CD  HD2  sing N N 298 
PRO CD  HD3  sing N N 299 
PRO OXT HXT  sing N N 300 
SER N   CA   sing N N 301 
SER N   H    sing N N 302 
SER N   H2   sing N N 303 
SER CA  C    sing N N 304 
SER CA  CB   sing N N 305 
SER CA  HA   sing N N 306 
SER C   O    doub N N 307 
SER C   OXT  sing N N 308 
SER CB  OG   sing N N 309 
SER CB  HB2  sing N N 310 
SER CB  HB3  sing N N 311 
SER OG  HG   sing N N 312 
SER OXT HXT  sing N N 313 
THR N   CA   sing N N 314 
THR N   H    sing N N 315 
THR N   H2   sing N N 316 
THR CA  C    sing N N 317 
THR CA  CB   sing N N 318 
THR CA  HA   sing N N 319 
THR C   O    doub N N 320 
THR C   OXT  sing N N 321 
THR CB  OG1  sing N N 322 
THR CB  CG2  sing N N 323 
THR CB  HB   sing N N 324 
THR OG1 HG1  sing N N 325 
THR CG2 HG21 sing N N 326 
THR CG2 HG22 sing N N 327 
THR CG2 HG23 sing N N 328 
THR OXT HXT  sing N N 329 
TRP N   CA   sing N N 330 
TRP N   H    sing N N 331 
TRP N   H2   sing N N 332 
TRP CA  C    sing N N 333 
TRP CA  CB   sing N N 334 
TRP CA  HA   sing N N 335 
TRP C   O    doub N N 336 
TRP C   OXT  sing N N 337 
TRP CB  CG   sing N N 338 
TRP CB  HB2  sing N N 339 
TRP CB  HB3  sing N N 340 
TRP CG  CD1  doub Y N 341 
TRP CG  CD2  sing Y N 342 
TRP CD1 NE1  sing Y N 343 
TRP CD1 HD1  sing N N 344 
TRP CD2 CE2  doub Y N 345 
TRP CD2 CE3  sing Y N 346 
TRP NE1 CE2  sing Y N 347 
TRP NE1 HE1  sing N N 348 
TRP CE2 CZ2  sing Y N 349 
TRP CE3 CZ3  doub Y N 350 
TRP CE3 HE3  sing N N 351 
TRP CZ2 CH2  doub Y N 352 
TRP CZ2 HZ2  sing N N 353 
TRP CZ3 CH2  sing Y N 354 
TRP CZ3 HZ3  sing N N 355 
TRP CH2 HH2  sing N N 356 
TRP OXT HXT  sing N N 357 
TYR N   CA   sing N N 358 
TYR N   H    sing N N 359 
TYR N   H2   sing N N 360 
TYR CA  C    sing N N 361 
TYR CA  CB   sing N N 362 
TYR CA  HA   sing N N 363 
TYR C   O    doub N N 364 
TYR C   OXT  sing N N 365 
TYR CB  CG   sing N N 366 
TYR CB  HB2  sing N N 367 
TYR CB  HB3  sing N N 368 
TYR CG  CD1  doub Y N 369 
TYR CG  CD2  sing Y N 370 
TYR CD1 CE1  sing Y N 371 
TYR CD1 HD1  sing N N 372 
TYR CD2 CE2  doub Y N 373 
TYR CD2 HD2  sing N N 374 
TYR CE1 CZ   doub Y N 375 
TYR CE1 HE1  sing N N 376 
TYR CE2 CZ   sing Y N 377 
TYR CE2 HE2  sing N N 378 
TYR CZ  OH   sing N N 379 
TYR OH  HH   sing N N 380 
TYR OXT HXT  sing N N 381 
VAL N   CA   sing N N 382 
VAL N   H    sing N N 383 
VAL N   H2   sing N N 384 
VAL CA  C    sing N N 385 
VAL CA  CB   sing N N 386 
VAL CA  HA   sing N N 387 
VAL C   O    doub N N 388 
VAL C   OXT  sing N N 389 
VAL CB  CG1  sing N N 390 
VAL CB  CG2  sing N N 391 
VAL CB  HB   sing N N 392 
VAL CG1 HG11 sing N N 393 
VAL CG1 HG12 sing N N 394 
VAL CG1 HG13 sing N N 395 
VAL CG2 HG21 sing N N 396 
VAL CG2 HG22 sing N N 397 
VAL CG2 HG23 sing N N 398 
VAL OXT HXT  sing N N 399 
# 
loop_
_pdbx_chem_comp_identifier.comp_id 
_pdbx_chem_comp_identifier.type 
_pdbx_chem_comp_identifier.program 
_pdbx_chem_comp_identifier.program_version 
_pdbx_chem_comp_identifier.identifier 
MAN 'CONDENSED IUPAC CARBOHYDRATE SYMBOL' GMML     1.0 DManpa            
MAN 'COMMON NAME'                         GMML     1.0 a-D-mannopyranose 
MAN 'IUPAC CARBOHYDRATE SYMBOL'           PDB-CARE 1.0 a-D-Manp          
MAN 'SNFG CARBOHYDRATE SYMBOL'            GMML     1.0 Man               
# 
loop_
_pdbx_entity_nonpoly.entity_id 
_pdbx_entity_nonpoly.name 
_pdbx_entity_nonpoly.comp_id 
2 alpha-D-mannopyranose MAN 
3 water                 HOH 
# 
_pdbx_initial_refinement_model.id               1 
_pdbx_initial_refinement_model.entity_id_list   ? 
_pdbx_initial_refinement_model.type             'experimental model' 
_pdbx_initial_refinement_model.source_name      PDB 
_pdbx_initial_refinement_model.accession_code   1LCL 
_pdbx_initial_refinement_model.details          'PDB ENTRY 1LCL' 
# 
